data_4UMB
#
_entry.id   4UMB
#
_cell.length_a   79.439
_cell.length_b   133.733
_cell.length_c   147.237
_cell.angle_alpha   90.00
_cell.angle_beta   90.00
_cell.angle_gamma   90.00
#
_symmetry.space_group_name_H-M   'P 21 21 21'
#
loop_
_entity.id
_entity.type
_entity.pdbx_description
1 polymer 'PHOSPHO-2-DEHYDRO-3-DEOXYHEPTONATE ALDOLASE'
2 non-polymer 'MANGANESE (II) ION'
3 non-polymer 'PHOSPHATE ION'
4 non-polymer '(2R)-2-(phosphonooxy)propanoic acid'
5 water water
#
_entity_poly.entity_id   1
_entity_poly.type   'polypeptide(L)'
_entity_poly.pdbx_seq_one_letter_code
;MTHHYPTDDIKIKEVKELLPPIAHLYELPISKEASGLVHRTRQEISDLVHGRDKRLLVIIGPCSIHDPKAALEYAERLLK
LRKQYENELLIVMRVYFEKPRTTVGWKGLINDPHLDGTFDINFGLRQARSLLLSLNNMGMPASTEFLDMITPQYYADLIS
WGAIGARTTESQVHRELASGLSCPVGFKNGTDGNLKIAIDAIGAASHSHHFLSVTKAGHSAIVHTGGNPDCHVILRGGKE
PNYDAEHVSEAAEQLRAAGVTDKLMIDCSHANSRKDYTRQMEVAQDIAAQLEQDGGNIMGVMVESHLVEGRQDKPEVYGK
SITDACIGWGATEELLALLAGANKKRMARAS
;
_entity_poly.pdbx_strand_id   A,B,C,D
#
# COMPACT_ATOMS: atom_id res chain seq x y z
N LYS A 16 -3.82 -13.71 4.74
CA LYS A 16 -3.38 -13.40 6.15
C LYS A 16 -2.44 -12.13 6.19
N GLU A 17 -2.29 -11.51 7.39
CA GLU A 17 -1.83 -10.10 7.48
C GLU A 17 -0.29 -9.93 7.45
N LEU A 18 0.30 -9.73 6.26
CA LEU A 18 1.75 -9.61 6.13
C LEU A 18 2.33 -8.25 6.50
N LEU A 19 3.24 -8.20 7.48
CA LEU A 19 3.93 -6.95 7.80
C LEU A 19 4.95 -6.63 6.71
N PRO A 20 5.08 -5.33 6.38
CA PRO A 20 6.02 -4.91 5.38
C PRO A 20 7.44 -4.88 5.95
N PRO A 21 8.45 -4.95 5.07
CA PRO A 21 9.82 -4.88 5.52
C PRO A 21 10.11 -3.75 6.48
N ILE A 22 9.52 -2.58 6.29
CA ILE A 22 9.83 -1.46 7.22
C ILE A 22 9.50 -1.76 8.71
N ALA A 23 8.53 -2.64 8.97
CA ALA A 23 8.20 -2.99 10.34
C ALA A 23 9.37 -3.76 10.98
N HIS A 24 9.97 -4.65 10.21
CA HIS A 24 11.09 -5.43 10.66
C HIS A 24 12.36 -4.58 10.74
N LEU A 25 12.57 -3.71 9.77
CA LEU A 25 13.74 -2.81 9.78
C LEU A 25 13.70 -1.84 10.94
N TYR A 26 12.49 -1.42 11.31
CA TYR A 26 12.29 -0.60 12.50
C TYR A 26 12.74 -1.31 13.81
N GLU A 27 12.37 -2.58 13.98
CA GLU A 27 12.74 -3.35 15.16
C GLU A 27 14.21 -3.79 15.15
N LEU A 28 14.74 -4.06 13.95
CA LEU A 28 16.07 -4.64 13.80
C LEU A 28 16.87 -3.89 12.73
N PRO A 29 17.18 -2.62 12.98
CA PRO A 29 17.92 -1.86 12.00
C PRO A 29 19.35 -2.39 11.91
N ILE A 30 19.94 -2.33 10.74
CA ILE A 30 21.32 -2.83 10.60
C ILE A 30 22.27 -1.98 11.45
N SER A 31 23.23 -2.58 12.12
CA SER A 31 24.22 -1.84 12.91
C SER A 31 25.40 -1.35 12.04
N LYS A 32 26.15 -0.36 12.55
CA LYS A 32 27.39 0.12 11.87
C LYS A 32 28.29 -1.07 11.62
N GLU A 33 28.42 -1.95 12.61
CA GLU A 33 29.34 -3.09 12.47
C GLU A 33 28.87 -4.10 11.44
N ALA A 34 27.60 -4.47 11.47
CA ALA A 34 27.09 -5.44 10.52
C ALA A 34 27.15 -4.85 9.08
N SER A 35 26.83 -3.57 8.95
CA SER A 35 26.87 -2.90 7.69
C SER A 35 28.30 -2.90 7.09
N GLY A 36 29.29 -2.61 7.92
CA GLY A 36 30.71 -2.69 7.55
C GLY A 36 31.18 -4.09 7.18
N LEU A 37 30.82 -5.09 7.97
CA LEU A 37 31.15 -6.46 7.65
C LEU A 37 30.57 -6.90 6.29
N VAL A 38 29.32 -6.53 6.04
CA VAL A 38 28.65 -6.92 4.79
C VAL A 38 29.33 -6.26 3.59
N HIS A 39 29.56 -4.96 3.69
CA HIS A 39 30.21 -4.21 2.65
C HIS A 39 31.58 -4.79 2.35
N ARG A 40 32.37 -5.03 3.39
N ARG A 40 32.38 -5.02 3.39
CA ARG A 40 33.72 -5.53 3.21
CA ARG A 40 33.74 -5.51 3.16
C ARG A 40 33.73 -6.93 2.58
C ARG A 40 33.75 -6.94 2.58
N THR A 41 32.91 -7.82 3.11
CA THR A 41 32.87 -9.22 2.64
C THR A 41 32.42 -9.30 1.16
N ARG A 42 31.45 -8.49 0.79
CA ARG A 42 31.00 -8.45 -0.63
C ARG A 42 32.17 -8.04 -1.54
N GLN A 43 32.91 -7.01 -1.14
CA GLN A 43 34.06 -6.56 -1.90
C GLN A 43 35.10 -7.67 -1.99
N GLU A 44 35.37 -8.34 -0.86
CA GLU A 44 36.39 -9.38 -0.82
C GLU A 44 36.03 -10.51 -1.75
N ILE A 45 34.75 -10.89 -1.71
CA ILE A 45 34.27 -11.95 -2.60
C ILE A 45 34.32 -11.53 -4.07
N SER A 46 33.99 -10.29 -4.36
CA SER A 46 34.10 -9.76 -5.73
C SER A 46 35.54 -9.93 -6.21
N ASP A 47 36.50 -9.65 -5.34
CA ASP A 47 37.92 -9.79 -5.69
C ASP A 47 38.26 -11.23 -6.04
N LEU A 48 37.65 -12.19 -5.37
CA LEU A 48 37.87 -13.60 -5.69
C LEU A 48 37.20 -13.99 -7.01
N VAL A 49 35.99 -13.50 -7.23
CA VAL A 49 35.26 -13.75 -8.49
C VAL A 49 36.04 -13.27 -9.70
N HIS A 50 36.72 -12.15 -9.56
CA HIS A 50 37.42 -11.52 -10.69
C HIS A 50 38.93 -11.80 -10.64
N GLY A 51 39.35 -12.81 -9.89
CA GLY A 51 40.74 -13.24 -9.89
C GLY A 51 41.74 -12.27 -9.30
N ARG A 52 41.30 -11.32 -8.48
CA ARG A 52 42.20 -10.35 -7.91
C ARG A 52 42.85 -10.82 -6.62
N ASP A 53 42.31 -11.88 -6.02
CA ASP A 53 42.86 -12.46 -4.78
C ASP A 53 42.73 -13.97 -4.93
N LYS A 54 43.68 -14.71 -4.41
CA LYS A 54 43.71 -16.16 -4.56
C LYS A 54 43.25 -16.94 -3.31
N ARG A 55 42.70 -16.25 -2.32
CA ARG A 55 42.04 -16.94 -1.23
C ARG A 55 40.85 -17.72 -1.76
N LEU A 56 40.46 -18.72 -1.00
CA LEU A 56 39.38 -19.62 -1.38
C LEU A 56 38.13 -19.24 -0.57
N LEU A 57 37.05 -18.85 -1.25
CA LEU A 57 35.77 -18.63 -0.59
C LEU A 57 35.24 -19.96 -0.11
N VAL A 58 34.82 -20.05 1.15
CA VAL A 58 34.22 -21.28 1.64
C VAL A 58 32.83 -20.99 2.22
N ILE A 59 31.81 -21.46 1.51
CA ILE A 59 30.42 -21.32 1.93
C ILE A 59 30.09 -22.58 2.69
N ILE A 60 29.99 -22.47 4.02
CA ILE A 60 29.89 -23.68 4.84
C ILE A 60 28.94 -23.52 6.01
N GLY A 61 28.15 -24.57 6.24
CA GLY A 61 27.17 -24.54 7.34
C GLY A 61 26.01 -25.45 7.02
N PRO A 62 24.94 -25.35 7.82
CA PRO A 62 23.82 -26.25 7.67
C PRO A 62 23.16 -26.22 6.31
N CYS A 63 22.57 -27.34 5.93
CA CYS A 63 21.71 -27.34 4.77
C CYS A 63 20.62 -26.27 4.93
N SER A 64 20.00 -26.26 6.11
CA SER A 64 18.95 -25.29 6.44
C SER A 64 19.04 -24.87 7.89
N ILE A 65 18.65 -23.63 8.16
CA ILE A 65 18.52 -23.18 9.55
C ILE A 65 17.14 -23.53 10.05
N HIS A 66 17.08 -24.26 11.17
CA HIS A 66 15.79 -24.53 11.81
C HIS A 66 15.79 -24.20 13.32
N ASP A 67 16.97 -23.93 13.86
CA ASP A 67 17.12 -23.49 15.24
C ASP A 67 18.19 -22.41 15.35
N PRO A 68 17.81 -21.22 15.79
CA PRO A 68 18.77 -20.12 15.97
C PRO A 68 19.80 -20.35 17.05
N LYS A 69 19.42 -21.05 18.13
CA LYS A 69 20.40 -21.34 19.20
C LYS A 69 21.55 -22.17 18.62
N ALA A 70 21.23 -23.29 18.02
CA ALA A 70 22.27 -24.14 17.41
C ALA A 70 23.06 -23.40 16.34
N ALA A 71 22.39 -22.50 15.60
CA ALA A 71 23.04 -21.73 14.55
C ALA A 71 24.08 -20.81 15.14
N LEU A 72 23.72 -20.14 16.23
CA LEU A 72 24.66 -19.24 16.88
C LEU A 72 25.84 -19.98 17.46
N GLU A 73 25.61 -21.17 18.00
CA GLU A 73 26.70 -21.95 18.55
C GLU A 73 27.65 -22.39 17.42
N TYR A 74 27.06 -22.86 16.32
CA TYR A 74 27.85 -23.27 15.15
C TYR A 74 28.69 -22.10 14.68
N ALA A 75 28.07 -20.94 14.62
CA ALA A 75 28.75 -19.73 14.15
C ALA A 75 29.97 -19.39 15.05
N GLU A 76 29.82 -19.54 16.35
CA GLU A 76 30.92 -19.20 17.26
C GLU A 76 32.13 -20.07 16.97
N ARG A 77 31.88 -21.36 16.77
CA ARG A 77 32.95 -22.27 16.47
C ARG A 77 33.53 -21.93 15.12
N LEU A 78 32.69 -21.63 14.15
CA LEU A 78 33.17 -21.34 12.81
C LEU A 78 34.01 -20.07 12.82
N LEU A 79 33.61 -19.09 13.61
CA LEU A 79 34.31 -17.82 13.66
C LEU A 79 35.78 -17.99 13.99
N LYS A 80 36.07 -18.85 14.98
CA LYS A 80 37.44 -19.16 15.39
C LYS A 80 38.27 -19.66 14.20
N LEU A 81 37.67 -20.49 13.35
CA LEU A 81 38.38 -21.02 12.20
C LEU A 81 38.45 -19.99 11.06
N ARG A 82 37.42 -19.17 10.92
CA ARG A 82 37.43 -18.05 9.97
C ARG A 82 38.62 -17.14 10.21
N LYS A 83 38.87 -16.79 11.49
CA LYS A 83 40.03 -15.97 11.86
C LYS A 83 41.33 -16.72 11.60
N GLN A 84 41.39 -17.95 12.08
CA GLN A 84 42.60 -18.75 12.00
C GLN A 84 43.08 -18.89 10.56
N TYR A 85 42.16 -19.14 9.63
CA TYR A 85 42.55 -19.42 8.27
C TYR A 85 42.37 -18.22 7.31
N GLU A 86 42.21 -17.00 7.86
CA GLU A 86 41.85 -15.82 7.09
C GLU A 86 42.84 -15.46 5.98
N ASN A 87 44.08 -15.96 6.03
CA ASN A 87 45.04 -15.71 4.97
C ASN A 87 44.93 -16.66 3.80
N GLU A 88 44.28 -17.81 4.02
CA GLU A 88 44.08 -18.84 3.00
C GLU A 88 42.63 -18.95 2.56
N LEU A 89 41.70 -18.79 3.50
CA LEU A 89 40.29 -19.02 3.25
C LEU A 89 39.48 -17.83 3.68
N LEU A 90 38.41 -17.59 2.95
CA LEU A 90 37.43 -16.58 3.31
C LEU A 90 36.17 -17.35 3.65
N ILE A 91 35.93 -17.53 4.92
CA ILE A 91 34.87 -18.39 5.41
C ILE A 91 33.61 -17.57 5.66
N VAL A 92 32.50 -18.08 5.12
CA VAL A 92 31.18 -17.47 5.22
C VAL A 92 30.17 -18.57 5.55
N MET A 93 29.30 -18.32 6.51
CA MET A 93 28.35 -19.35 6.93
C MET A 93 27.15 -19.51 6.01
N ARG A 94 26.75 -20.76 5.76
CA ARG A 94 25.42 -21.07 5.17
C ARG A 94 24.32 -20.78 6.16
N VAL A 95 23.49 -19.80 5.82
CA VAL A 95 22.34 -19.39 6.64
C VAL A 95 21.12 -19.38 5.75
N TYR A 96 20.74 -20.59 5.35
CA TYR A 96 19.67 -20.79 4.38
C TYR A 96 18.27 -20.81 5.02
N PHE A 97 17.41 -19.90 4.57
CA PHE A 97 16.07 -19.76 5.14
C PHE A 97 14.99 -20.29 4.22
N GLU A 98 15.35 -20.59 2.97
CA GLU A 98 14.39 -20.96 1.92
C GLU A 98 14.87 -22.22 1.19
N LYS A 99 14.06 -23.27 1.22
CA LYS A 99 14.45 -24.56 0.66
C LYS A 99 13.51 -24.97 -0.48
N PRO A 100 14.08 -25.28 -1.64
CA PRO A 100 13.28 -25.76 -2.76
C PRO A 100 13.13 -27.25 -2.64
N ARG A 101 11.90 -27.74 -2.57
CA ARG A 101 11.68 -29.16 -2.44
C ARG A 101 11.46 -29.80 -3.81
N THR A 102 11.72 -31.10 -3.84
CA THR A 102 11.52 -31.94 -5.02
C THR A 102 10.05 -31.98 -5.41
N THR A 103 9.18 -32.23 -4.42
CA THR A 103 7.76 -32.05 -4.59
C THR A 103 7.19 -31.13 -3.52
N VAL A 104 6.87 -31.70 -2.36
CA VAL A 104 6.33 -30.94 -1.23
C VAL A 104 7.25 -31.18 -0.03
N GLY A 105 7.12 -30.34 0.99
CA GLY A 105 7.88 -30.51 2.24
C GLY A 105 8.15 -29.16 2.86
N TRP A 106 8.86 -29.18 3.98
CA TRP A 106 9.16 -27.98 4.74
C TRP A 106 10.04 -27.06 3.93
N LYS A 107 9.62 -25.82 3.74
CA LYS A 107 10.35 -24.89 2.85
C LYS A 107 11.31 -23.98 3.59
N GLY A 108 11.47 -24.18 4.90
CA GLY A 108 12.46 -23.43 5.68
C GLY A 108 11.87 -22.56 6.77
N LEU A 109 12.76 -21.87 7.48
CA LEU A 109 12.40 -21.13 8.68
C LEU A 109 11.43 -20.00 8.42
N ILE A 110 11.59 -19.34 7.28
CA ILE A 110 10.74 -18.21 6.96
C ILE A 110 9.31 -18.69 6.71
N ASN A 111 9.16 -19.71 5.88
CA ASN A 111 7.84 -20.20 5.51
C ASN A 111 7.09 -20.86 6.64
N ASP A 112 7.80 -21.64 7.46
CA ASP A 112 7.23 -22.38 8.59
C ASP A 112 8.18 -22.44 9.80
N PRO A 113 8.34 -21.33 10.52
CA PRO A 113 9.33 -21.25 11.58
C PRO A 113 9.08 -22.20 12.72
N HIS A 114 7.82 -22.47 13.07
CA HIS A 114 7.53 -23.37 14.22
C HIS A 114 7.60 -24.85 13.84
N LEU A 115 7.94 -25.15 12.60
CA LEU A 115 8.23 -26.51 12.15
C LEU A 115 7.04 -27.44 12.34
N ASP A 116 5.85 -26.84 12.36
CA ASP A 116 4.61 -27.57 12.62
C ASP A 116 3.45 -27.39 11.62
N GLY A 117 3.70 -26.77 10.47
CA GLY A 117 2.63 -26.52 9.53
C GLY A 117 1.70 -25.38 9.90
N THR A 118 2.21 -24.40 10.63
CA THR A 118 1.41 -23.24 10.99
C THR A 118 1.75 -22.06 10.11
N PHE A 119 2.86 -22.13 9.39
CA PHE A 119 3.20 -21.10 8.39
C PHE A 119 3.17 -19.68 8.95
N ASP A 120 3.81 -19.46 10.09
CA ASP A 120 3.79 -18.16 10.77
C ASP A 120 4.85 -17.27 10.15
N ILE A 121 4.58 -16.83 8.91
CA ILE A 121 5.62 -16.20 8.10
C ILE A 121 6.12 -14.87 8.68
N ASN A 122 5.24 -14.11 9.35
CA ASN A 122 5.68 -12.89 9.99
C ASN A 122 6.73 -13.19 11.06
N PHE A 123 6.48 -14.21 11.89
CA PHE A 123 7.45 -14.64 12.90
C PHE A 123 8.74 -15.10 12.21
N GLY A 124 8.60 -15.86 11.13
CA GLY A 124 9.76 -16.42 10.45
C GLY A 124 10.66 -15.35 9.88
N LEU A 125 10.05 -14.33 9.31
CA LEU A 125 10.83 -13.22 8.76
C LEU A 125 11.54 -12.47 9.89
N ARG A 126 10.85 -12.24 10.99
CA ARG A 126 11.46 -11.55 12.11
C ARG A 126 12.69 -12.32 12.63
N GLN A 127 12.50 -13.62 12.77
CA GLN A 127 13.50 -14.49 13.36
C GLN A 127 14.71 -14.64 12.41
N ALA A 128 14.44 -14.73 11.10
CA ALA A 128 15.50 -14.78 10.12
C ALA A 128 16.33 -13.51 10.21
N ARG A 129 15.66 -12.37 10.26
CA ARG A 129 16.38 -11.13 10.33
C ARG A 129 17.19 -11.00 11.63
N SER A 130 16.59 -11.39 12.74
CA SER A 130 17.26 -11.28 14.04
C SER A 130 18.55 -12.15 14.08
N LEU A 131 18.43 -13.38 13.61
CA LEU A 131 19.58 -14.25 13.57
C LEU A 131 20.70 -13.64 12.70
N LEU A 132 20.35 -13.15 11.51
CA LEU A 132 21.33 -12.57 10.60
C LEU A 132 22.03 -11.36 11.20
N LEU A 133 21.26 -10.55 11.92
CA LEU A 133 21.82 -9.40 12.60
C LEU A 133 22.82 -9.84 13.69
N SER A 134 22.46 -10.85 14.47
CA SER A 134 23.35 -11.36 15.51
C SER A 134 24.60 -11.98 14.92
N LEU A 135 24.46 -12.73 13.84
CA LEU A 135 25.60 -13.38 13.19
C LEU A 135 26.59 -12.31 12.72
N ASN A 136 26.09 -11.32 11.98
CA ASN A 136 26.96 -10.26 11.46
C ASN A 136 27.58 -9.47 12.60
N ASN A 137 26.79 -9.16 13.63
CA ASN A 137 27.33 -8.50 14.83
C ASN A 137 28.45 -9.24 15.58
N MET A 138 28.44 -10.57 15.54
CA MET A 138 29.53 -11.34 16.13
C MET A 138 30.73 -11.52 15.22
N GLY A 139 30.65 -11.01 14.00
CA GLY A 139 31.77 -11.10 13.03
C GLY A 139 31.65 -12.17 11.95
N MET A 140 30.52 -12.87 11.89
CA MET A 140 30.34 -13.97 10.93
C MET A 140 29.41 -13.57 9.79
N PRO A 141 29.95 -13.40 8.57
CA PRO A 141 29.07 -13.10 7.45
C PRO A 141 28.21 -14.28 7.06
N ALA A 142 27.13 -13.98 6.36
CA ALA A 142 26.10 -14.95 6.04
C ALA A 142 25.83 -15.08 4.54
N SER A 143 25.42 -16.27 4.14
CA SER A 143 25.00 -16.60 2.80
C SER A 143 23.65 -17.29 2.85
N THR A 144 22.91 -17.23 1.75
CA THR A 144 21.63 -17.92 1.64
C THR A 144 21.29 -18.18 0.18
N GLU A 145 20.39 -19.12 -0.08
CA GLU A 145 19.77 -19.23 -1.40
C GLU A 145 18.65 -18.24 -1.45
N PHE A 146 18.63 -17.44 -2.50
CA PHE A 146 17.50 -16.58 -2.79
C PHE A 146 16.54 -17.33 -3.69
N LEU A 147 15.45 -17.81 -3.09
CA LEU A 147 14.44 -18.60 -3.79
C LEU A 147 13.15 -17.83 -4.05
N ASP A 148 12.64 -17.19 -3.01
N ASP A 148 12.64 -17.19 -3.01
CA ASP A 148 11.38 -16.47 -3.07
CA ASP A 148 11.37 -16.48 -3.07
C ASP A 148 11.58 -15.04 -3.60
C ASP A 148 11.56 -15.03 -3.58
N MET A 149 10.57 -14.50 -4.29
CA MET A 149 10.69 -13.20 -4.92
C MET A 149 10.53 -12.00 -3.99
N ILE A 150 9.70 -12.12 -2.96
CA ILE A 150 9.35 -10.99 -2.09
C ILE A 150 10.12 -10.94 -0.74
N THR A 151 10.50 -12.10 -0.22
CA THR A 151 11.26 -12.15 1.06
C THR A 151 12.60 -11.39 1.11
N PRO A 152 13.35 -11.28 -0.02
CA PRO A 152 14.67 -10.63 0.11
C PRO A 152 14.68 -9.20 0.71
N GLN A 153 13.65 -8.40 0.46
CA GLN A 153 13.57 -7.05 1.03
C GLN A 153 13.63 -7.03 2.56
N TYR A 154 13.35 -8.17 3.18
CA TYR A 154 13.36 -8.26 4.63
C TYR A 154 14.75 -8.47 5.24
N TYR A 155 15.64 -9.15 4.51
CA TYR A 155 16.98 -9.50 5.02
C TYR A 155 18.22 -9.28 4.13
N ALA A 156 18.07 -8.94 2.85
CA ALA A 156 19.20 -8.98 1.91
C ALA A 156 20.33 -8.02 2.30
N ASP A 157 19.99 -6.97 3.02
CA ASP A 157 21.00 -6.05 3.53
C ASP A 157 22.04 -6.74 4.47
N LEU A 158 21.72 -7.94 4.96
CA LEU A 158 22.61 -8.67 5.87
C LEU A 158 23.32 -9.86 5.20
N ILE A 159 23.14 -9.99 3.88
CA ILE A 159 23.68 -11.12 3.14
C ILE A 159 24.92 -10.73 2.33
N SER A 160 26.00 -11.48 2.50
CA SER A 160 27.27 -11.21 1.82
C SER A 160 27.45 -12.01 0.52
N TRP A 161 26.68 -13.08 0.35
CA TRP A 161 26.75 -13.93 -0.86
C TRP A 161 25.45 -14.71 -0.99
N GLY A 162 24.96 -14.83 -2.22
CA GLY A 162 23.69 -15.48 -2.50
C GLY A 162 23.87 -16.61 -3.48
N ALA A 163 23.06 -17.66 -3.33
CA ALA A 163 22.98 -18.70 -4.31
C ALA A 163 21.65 -18.61 -5.06
N ILE A 164 21.68 -18.90 -6.36
CA ILE A 164 20.47 -19.29 -7.07
C ILE A 164 20.58 -20.78 -7.31
N GLY A 165 19.58 -21.53 -6.88
CA GLY A 165 19.66 -22.97 -6.85
C GLY A 165 19.64 -23.64 -8.21
N ALA A 166 20.05 -24.91 -8.23
CA ALA A 166 20.03 -25.72 -9.43
C ALA A 166 18.65 -25.72 -10.11
N ARG A 167 17.59 -25.66 -9.30
CA ARG A 167 16.22 -25.78 -9.80
C ARG A 167 15.61 -24.49 -10.35
N THR A 168 16.32 -23.39 -10.13
CA THR A 168 15.87 -22.06 -10.48
C THR A 168 16.88 -21.24 -11.33
N THR A 169 18.07 -21.77 -11.60
CA THR A 169 19.09 -21.02 -12.34
C THR A 169 18.65 -20.67 -13.78
N GLU A 170 17.86 -21.55 -14.40
CA GLU A 170 17.33 -21.32 -15.74
C GLU A 170 16.09 -20.39 -15.75
N SER A 171 15.58 -20.06 -14.57
CA SER A 171 14.38 -19.22 -14.40
C SER A 171 14.65 -17.71 -14.57
N GLN A 172 13.92 -17.10 -15.50
CA GLN A 172 14.15 -15.69 -15.79
C GLN A 172 13.85 -14.82 -14.57
N VAL A 173 12.87 -15.20 -13.74
CA VAL A 173 12.56 -14.33 -12.61
C VAL A 173 13.67 -14.36 -11.55
N HIS A 174 14.38 -15.48 -11.46
CA HIS A 174 15.55 -15.54 -10.58
C HIS A 174 16.75 -14.80 -11.12
N ARG A 175 16.91 -14.79 -12.44
CA ARG A 175 18.00 -14.04 -13.03
C ARG A 175 17.72 -12.56 -12.85
N GLU A 176 16.44 -12.17 -12.94
CA GLU A 176 16.04 -10.78 -12.70
C GLU A 176 16.39 -10.39 -11.26
N LEU A 177 15.95 -11.21 -10.32
CA LEU A 177 16.25 -10.99 -8.90
C LEU A 177 17.76 -10.78 -8.69
N ALA A 178 18.54 -11.70 -9.25
CA ALA A 178 19.99 -11.65 -9.08
C ALA A 178 20.57 -10.37 -9.63
N SER A 179 20.03 -9.90 -10.75
CA SER A 179 20.52 -8.71 -11.40
C SER A 179 20.39 -7.45 -10.53
N GLY A 180 19.47 -7.47 -9.58
CA GLY A 180 19.31 -6.36 -8.66
C GLY A 180 19.88 -6.55 -7.25
N LEU A 181 20.50 -7.70 -6.96
CA LEU A 181 21.06 -7.92 -5.62
C LEU A 181 22.40 -7.22 -5.47
N SER A 182 22.72 -6.74 -4.28
CA SER A 182 24.00 -6.03 -4.11
C SER A 182 25.16 -6.92 -3.72
N CYS A 183 24.92 -8.21 -3.58
CA CYS A 183 25.96 -9.14 -3.16
C CYS A 183 26.34 -9.97 -4.36
N PRO A 184 27.55 -10.56 -4.36
CA PRO A 184 27.86 -11.53 -5.38
C PRO A 184 26.91 -12.72 -5.33
N VAL A 185 26.77 -13.40 -6.47
CA VAL A 185 25.79 -14.47 -6.64
C VAL A 185 26.37 -15.62 -7.43
N GLY A 186 26.16 -16.82 -6.91
CA GLY A 186 26.54 -18.03 -7.59
C GLY A 186 25.32 -18.71 -8.14
N PHE A 187 25.39 -19.09 -9.43
CA PHE A 187 24.37 -19.84 -10.13
C PHE A 187 24.81 -21.29 -10.26
N LYS A 188 23.96 -22.21 -9.80
CA LYS A 188 24.27 -23.63 -9.86
C LYS A 188 23.87 -24.24 -11.21
N ASN A 189 24.67 -25.22 -11.64
CA ASN A 189 24.27 -26.03 -12.77
C ASN A 189 22.95 -26.74 -12.45
N GLY A 190 22.24 -27.18 -13.49
CA GLY A 190 20.94 -27.83 -13.32
C GLY A 190 21.03 -29.22 -12.70
N THR A 191 19.92 -29.71 -12.19
CA THR A 191 19.93 -30.94 -11.40
C THR A 191 20.40 -32.17 -12.21
N ASP A 192 20.27 -32.13 -13.53
CA ASP A 192 20.82 -33.20 -14.36
C ASP A 192 22.23 -32.96 -14.84
N GLY A 193 22.82 -31.81 -14.50
CA GLY A 193 24.22 -31.55 -14.83
C GLY A 193 24.46 -30.44 -15.83
N ASN A 194 23.42 -29.79 -16.34
CA ASN A 194 23.58 -28.77 -17.39
C ASN A 194 24.25 -27.53 -16.85
N LEU A 195 25.45 -27.26 -17.34
CA LEU A 195 26.21 -26.07 -16.97
C LEU A 195 25.86 -24.83 -17.79
N LYS A 196 25.46 -25.02 -19.03
CA LYS A 196 25.19 -23.89 -19.92
C LYS A 196 24.14 -22.94 -19.32
N ILE A 197 23.14 -23.49 -18.65
CA ILE A 197 22.12 -22.63 -18.05
C ILE A 197 22.69 -21.66 -17.01
N ALA A 198 23.76 -22.07 -16.32
CA ALA A 198 24.39 -21.20 -15.35
C ALA A 198 25.26 -20.15 -16.00
N ILE A 199 25.93 -20.53 -17.07
CA ILE A 199 26.69 -19.56 -17.87
C ILE A 199 25.73 -18.52 -18.48
N ASP A 200 24.65 -19.00 -19.07
CA ASP A 200 23.57 -18.13 -19.58
C ASP A 200 23.10 -17.17 -18.51
N ALA A 201 22.93 -17.69 -17.29
CA ALA A 201 22.38 -16.93 -16.19
C ALA A 201 23.30 -15.77 -15.81
N ILE A 202 24.61 -15.99 -15.79
CA ILE A 202 25.53 -14.86 -15.56
C ILE A 202 25.32 -13.77 -16.65
N GLY A 203 25.25 -14.20 -17.92
CA GLY A 203 24.97 -13.30 -19.03
C GLY A 203 23.73 -12.49 -18.74
N ALA A 204 22.63 -13.16 -18.38
CA ALA A 204 21.38 -12.47 -18.06
C ALA A 204 21.48 -11.54 -16.86
N ALA A 205 21.97 -12.07 -15.73
CA ALA A 205 22.00 -11.28 -14.47
C ALA A 205 22.97 -10.11 -14.49
N SER A 206 23.99 -10.16 -15.33
CA SER A 206 24.92 -9.05 -15.44
C SER A 206 24.32 -7.84 -16.21
N HIS A 207 23.21 -8.05 -16.92
CA HIS A 207 22.53 -6.94 -17.58
C HIS A 207 21.44 -6.30 -16.73
N SER A 208 21.09 -5.10 -17.16
CA SER A 208 19.97 -4.37 -16.64
C SER A 208 18.63 -5.08 -16.95
N HIS A 209 17.70 -5.07 -15.99
CA HIS A 209 16.36 -5.62 -16.18
C HIS A 209 15.30 -4.67 -15.67
N HIS A 210 14.11 -4.76 -16.26
CA HIS A 210 12.90 -4.11 -15.72
C HIS A 210 11.89 -5.18 -15.42
N PHE A 211 11.32 -5.13 -14.23
CA PHE A 211 10.36 -6.13 -13.82
C PHE A 211 9.57 -5.63 -12.60
N LEU A 212 8.60 -6.41 -12.17
CA LEU A 212 7.83 -6.07 -10.98
C LEU A 212 8.41 -6.72 -9.71
N SER A 213 8.39 -5.94 -8.64
CA SER A 213 8.96 -6.30 -7.35
C SER A 213 8.22 -5.51 -6.29
N VAL A 214 8.51 -5.78 -5.03
CA VAL A 214 7.78 -5.17 -3.91
C VAL A 214 8.69 -4.29 -3.09
N THR A 215 8.22 -3.10 -2.73
CA THR A 215 9.03 -2.12 -2.02
C THR A 215 9.16 -2.46 -0.53
N LYS A 216 9.98 -1.68 0.17
CA LYS A 216 10.15 -1.82 1.62
C LYS A 216 8.85 -1.55 2.36
N ALA A 217 7.94 -0.77 1.74
CA ALA A 217 6.60 -0.52 2.30
C ALA A 217 5.56 -1.61 2.01
N GLY A 218 5.93 -2.65 1.26
CA GLY A 218 5.05 -3.76 1.01
C GLY A 218 4.16 -3.55 -0.20
N HIS A 219 4.49 -2.57 -1.03
CA HIS A 219 3.76 -2.30 -2.27
C HIS A 219 4.44 -2.76 -3.53
N SER A 220 3.68 -3.35 -4.44
CA SER A 220 4.27 -3.75 -5.73
C SER A 220 4.73 -2.51 -6.48
N ALA A 221 5.80 -2.63 -7.26
CA ALA A 221 6.37 -1.52 -8.00
C ALA A 221 7.17 -2.03 -9.17
N ILE A 222 7.43 -1.14 -10.11
CA ILE A 222 8.32 -1.48 -11.22
C ILE A 222 9.73 -1.19 -10.75
N VAL A 223 10.66 -2.13 -10.94
CA VAL A 223 12.05 -1.86 -10.65
C VAL A 223 12.93 -1.98 -11.89
N HIS A 224 13.96 -1.15 -11.92
CA HIS A 224 14.97 -1.13 -12.96
C HIS A 224 16.31 -1.45 -12.29
N THR A 225 16.83 -2.66 -12.48
CA THR A 225 18.12 -3.01 -11.88
C THR A 225 19.28 -2.61 -12.78
N GLY A 226 20.47 -2.51 -12.19
CA GLY A 226 21.67 -2.15 -12.95
C GLY A 226 22.48 -3.34 -13.46
N GLY A 227 22.07 -4.57 -13.17
CA GLY A 227 22.90 -5.75 -13.48
C GLY A 227 23.89 -6.03 -12.37
N ASN A 228 24.17 -7.30 -12.14
CA ASN A 228 25.10 -7.73 -11.10
C ASN A 228 26.43 -8.19 -11.70
N PRO A 229 27.51 -7.42 -11.53
CA PRO A 229 28.81 -7.77 -12.17
C PRO A 229 29.62 -8.86 -11.43
N ASP A 230 29.10 -9.38 -10.33
CA ASP A 230 29.85 -10.32 -9.49
C ASP A 230 29.35 -11.78 -9.49
N CYS A 231 28.73 -12.21 -10.57
CA CYS A 231 28.14 -13.54 -10.64
C CYS A 231 29.15 -14.56 -11.13
N HIS A 232 28.94 -15.82 -10.73
CA HIS A 232 29.81 -16.93 -11.14
C HIS A 232 29.04 -18.23 -11.11
N VAL A 233 29.60 -19.30 -11.64
CA VAL A 233 28.92 -20.57 -11.60
C VAL A 233 29.35 -21.41 -10.38
N ILE A 234 28.51 -22.40 -10.05
CA ILE A 234 28.78 -23.40 -9.06
C ILE A 234 28.56 -24.78 -9.68
N LEU A 235 29.58 -25.62 -9.60
CA LEU A 235 29.46 -27.03 -9.96
C LEU A 235 28.98 -27.84 -8.75
N ARG A 236 27.79 -28.41 -8.88
CA ARG A 236 27.16 -29.14 -7.77
C ARG A 236 26.69 -30.53 -8.18
N GLY A 237 27.21 -31.02 -9.29
CA GLY A 237 26.90 -32.34 -9.79
C GLY A 237 25.59 -32.44 -10.54
N GLY A 238 25.45 -33.54 -11.25
CA GLY A 238 24.25 -33.84 -12.03
C GLY A 238 23.97 -35.31 -11.97
N LYS A 239 23.73 -35.93 -13.12
CA LYS A 239 23.64 -37.38 -13.17
C LYS A 239 24.95 -37.98 -12.72
N GLU A 240 26.04 -37.30 -13.01
CA GLU A 240 27.35 -37.66 -12.51
C GLU A 240 27.92 -36.45 -11.77
N PRO A 241 28.89 -36.70 -10.91
CA PRO A 241 29.62 -35.58 -10.33
C PRO A 241 30.39 -34.78 -11.37
N ASN A 242 30.57 -33.50 -11.08
CA ASN A 242 31.34 -32.59 -11.94
C ASN A 242 32.46 -31.81 -11.21
N TYR A 243 32.99 -32.35 -10.11
CA TYR A 243 33.96 -31.62 -9.30
C TYR A 243 35.40 -31.80 -9.73
N ASP A 244 35.73 -32.82 -10.52
CA ASP A 244 37.15 -33.07 -10.84
C ASP A 244 37.80 -32.09 -11.87
N ALA A 245 39.12 -32.20 -12.01
CA ALA A 245 39.91 -31.33 -12.86
C ALA A 245 39.42 -31.30 -14.33
N GLU A 246 39.08 -32.47 -14.88
CA GLU A 246 38.53 -32.58 -16.25
C GLU A 246 37.28 -31.72 -16.39
N HIS A 247 36.34 -31.82 -15.44
CA HIS A 247 35.11 -31.00 -15.52
C HIS A 247 35.38 -29.53 -15.30
N VAL A 248 36.29 -29.21 -14.37
CA VAL A 248 36.59 -27.83 -14.06
C VAL A 248 37.18 -27.16 -15.29
N SER A 249 38.05 -27.87 -15.98
CA SER A 249 38.72 -27.38 -17.12
C SER A 249 37.76 -27.14 -18.29
N GLU A 250 36.92 -28.14 -18.58
CA GLU A 250 35.83 -28.01 -19.55
C GLU A 250 34.99 -26.75 -19.24
N ALA A 251 34.65 -26.56 -17.96
CA ALA A 251 33.78 -25.44 -17.56
C ALA A 251 34.45 -24.08 -17.78
N ALA A 252 35.72 -24.00 -17.41
CA ALA A 252 36.51 -22.77 -17.62
C ALA A 252 36.57 -22.37 -19.10
N GLU A 253 36.72 -23.35 -19.97
CA GLU A 253 36.74 -23.10 -21.40
C GLU A 253 35.45 -22.45 -21.86
N GLN A 254 34.33 -23.04 -21.46
CA GLN A 254 33.01 -22.52 -21.84
C GLN A 254 32.78 -21.13 -21.28
N LEU A 255 33.22 -20.94 -20.03
CA LEU A 255 33.10 -19.65 -19.41
C LEU A 255 33.83 -18.57 -20.22
N ARG A 256 35.09 -18.82 -20.56
CA ARG A 256 35.85 -17.93 -21.39
C ARG A 256 35.20 -17.70 -22.75
N ALA A 257 34.65 -18.76 -23.37
CA ALA A 257 33.96 -18.63 -24.67
C ALA A 257 32.75 -17.70 -24.57
N ALA A 258 32.08 -17.68 -23.43
CA ALA A 258 30.94 -16.77 -23.25
C ALA A 258 31.38 -15.37 -22.77
N GLY A 259 32.68 -15.15 -22.62
CA GLY A 259 33.18 -13.86 -22.17
C GLY A 259 32.83 -13.54 -20.72
N VAL A 260 32.67 -14.53 -19.87
CA VAL A 260 32.36 -14.27 -18.47
C VAL A 260 33.47 -14.85 -17.59
N THR A 261 33.44 -14.56 -16.30
CA THR A 261 34.54 -15.00 -15.42
C THR A 261 34.72 -16.51 -15.43
N ASP A 262 35.97 -16.95 -15.63
CA ASP A 262 36.30 -18.38 -15.58
C ASP A 262 36.81 -18.87 -14.21
N LYS A 263 36.44 -18.13 -13.16
CA LYS A 263 36.65 -18.55 -11.76
C LYS A 263 35.33 -19.06 -11.23
N LEU A 264 35.34 -20.26 -10.66
CA LEU A 264 34.11 -20.95 -10.30
C LEU A 264 34.18 -21.57 -8.90
N MET A 265 33.03 -22.03 -8.44
CA MET A 265 32.88 -22.64 -7.13
C MET A 265 32.47 -24.11 -7.31
N ILE A 266 32.91 -24.96 -6.39
CA ILE A 266 32.59 -26.38 -6.40
C ILE A 266 31.88 -26.77 -5.10
N ASP A 267 30.67 -27.29 -5.25
CA ASP A 267 29.90 -27.76 -4.12
C ASP A 267 30.36 -29.19 -3.81
N CYS A 268 30.80 -29.43 -2.57
CA CYS A 268 31.16 -30.78 -2.15
C CYS A 268 29.97 -31.66 -1.85
N SER A 269 28.79 -31.07 -1.69
CA SER A 269 27.60 -31.81 -1.30
C SER A 269 26.63 -32.05 -2.51
N HIS A 270 25.38 -32.32 -2.19
CA HIS A 270 24.34 -32.60 -3.14
C HIS A 270 24.81 -33.65 -4.15
N ALA A 271 24.75 -33.37 -5.45
CA ALA A 271 24.99 -34.43 -6.44
C ALA A 271 26.46 -34.72 -6.61
N ASN A 272 27.32 -33.86 -6.08
CA ASN A 272 28.75 -34.18 -6.10
C ASN A 272 29.14 -35.21 -5.05
N SER A 273 28.38 -35.31 -3.96
CA SER A 273 28.60 -36.35 -2.93
C SER A 273 27.64 -37.53 -3.13
N ARG A 274 26.82 -37.44 -4.20
CA ARG A 274 25.72 -38.38 -4.47
C ARG A 274 24.74 -38.44 -3.30
N LYS A 275 24.48 -37.28 -2.72
CA LYS A 275 23.60 -37.15 -1.56
C LYS A 275 24.08 -37.95 -0.33
N ASP A 276 25.37 -38.31 -0.29
CA ASP A 276 25.96 -39.02 0.86
C ASP A 276 26.93 -38.09 1.60
N TYR A 277 26.57 -37.66 2.82
CA TYR A 277 27.37 -36.68 3.55
C TYR A 277 28.79 -37.16 3.81
N THR A 278 28.98 -38.47 3.93
CA THR A 278 30.31 -39.04 4.17
C THR A 278 31.24 -38.88 2.98
N ARG A 279 30.70 -38.58 1.81
CA ARG A 279 31.56 -38.38 0.64
C ARG A 279 32.02 -36.95 0.41
N GLN A 280 31.53 -35.99 1.20
CA GLN A 280 31.96 -34.60 1.01
C GLN A 280 33.46 -34.43 1.17
N MET A 281 34.03 -35.18 2.10
CA MET A 281 35.44 -35.10 2.36
C MET A 281 36.23 -35.63 1.16
N GLU A 282 35.71 -36.66 0.51
CA GLU A 282 36.29 -37.18 -0.73
C GLU A 282 36.39 -36.08 -1.78
N VAL A 283 35.32 -35.34 -1.95
CA VAL A 283 35.28 -34.28 -2.94
C VAL A 283 36.29 -33.20 -2.54
N ALA A 284 36.32 -32.88 -1.25
CA ALA A 284 37.26 -31.86 -0.74
C ALA A 284 38.71 -32.25 -0.94
N GLN A 285 39.01 -33.54 -0.79
CA GLN A 285 40.35 -34.06 -1.04
C GLN A 285 40.73 -33.87 -2.49
N ASP A 286 39.82 -34.18 -3.40
CA ASP A 286 40.08 -33.97 -4.82
C ASP A 286 40.36 -32.49 -5.12
N ILE A 287 39.56 -31.61 -4.52
CA ILE A 287 39.79 -30.19 -4.69
C ILE A 287 41.15 -29.75 -4.12
N ALA A 288 41.53 -30.30 -2.95
CA ALA A 288 42.82 -30.02 -2.39
C ALA A 288 43.95 -30.42 -3.33
N ALA A 289 43.89 -31.63 -3.86
CA ALA A 289 44.87 -32.05 -4.84
C ALA A 289 44.90 -31.09 -6.04
N GLN A 290 43.75 -30.71 -6.55
CA GLN A 290 43.72 -29.75 -7.68
C GLN A 290 44.41 -28.44 -7.32
N LEU A 291 44.14 -27.92 -6.13
CA LEU A 291 44.75 -26.67 -5.70
C LEU A 291 46.27 -26.79 -5.58
N GLU A 292 46.74 -27.98 -5.22
CA GLU A 292 48.16 -28.23 -5.12
C GLU A 292 48.86 -28.40 -6.49
N GLN A 293 48.23 -29.08 -7.46
CA GLN A 293 48.79 -29.17 -8.83
C GLN A 293 48.72 -27.80 -9.53
N ASP A 294 47.54 -27.17 -9.55
CA ASP A 294 47.29 -25.91 -10.26
C ASP A 294 46.03 -25.26 -9.69
N GLY A 295 44.85 -25.72 -10.12
CA GLY A 295 43.58 -25.23 -9.59
C GLY A 295 43.33 -23.74 -9.79
N GLY A 296 43.93 -23.15 -10.81
CA GLY A 296 43.77 -21.72 -11.08
C GLY A 296 42.34 -21.21 -11.30
N ASN A 297 41.44 -22.09 -11.71
CA ASN A 297 40.06 -21.69 -11.98
C ASN A 297 39.08 -21.85 -10.79
N ILE A 298 39.59 -22.29 -9.65
CA ILE A 298 38.75 -22.48 -8.46
C ILE A 298 38.84 -21.25 -7.57
N MET A 299 37.68 -20.64 -7.27
CA MET A 299 37.64 -19.50 -6.35
C MET A 299 36.87 -19.83 -5.09
N GLY A 300 36.25 -20.99 -5.04
CA GLY A 300 35.42 -21.29 -3.90
C GLY A 300 34.94 -22.72 -3.79
N VAL A 301 34.45 -23.07 -2.61
CA VAL A 301 33.86 -24.38 -2.36
C VAL A 301 32.69 -24.22 -1.40
N MET A 302 31.75 -25.15 -1.49
N MET A 302 31.76 -25.16 -1.49
CA MET A 302 30.56 -25.16 -0.66
CA MET A 302 30.57 -25.18 -0.66
C MET A 302 30.55 -26.47 0.11
C MET A 302 30.56 -26.48 0.13
N VAL A 303 30.09 -26.42 1.37
CA VAL A 303 30.09 -27.57 2.27
C VAL A 303 28.87 -27.57 3.20
N GLU A 304 28.19 -28.70 3.31
CA GLU A 304 27.09 -28.86 4.22
C GLU A 304 27.58 -29.48 5.55
N SER A 305 27.56 -28.65 6.60
CA SER A 305 28.21 -28.93 7.87
C SER A 305 27.27 -28.49 8.99
N HIS A 306 27.24 -29.25 10.09
CA HIS A 306 26.49 -28.83 11.29
C HIS A 306 27.27 -29.27 12.52
N LEU A 307 26.75 -28.98 13.70
CA LEU A 307 27.36 -29.39 14.93
C LEU A 307 27.44 -30.90 14.96
N VAL A 308 26.35 -31.55 14.59
CA VAL A 308 26.23 -33.00 14.62
C VAL A 308 25.98 -33.53 13.20
N GLU A 309 26.56 -34.67 12.87
CA GLU A 309 26.44 -35.24 11.54
C GLU A 309 25.09 -35.92 11.25
N GLY A 310 24.82 -36.17 9.98
CA GLY A 310 23.63 -36.92 9.59
C GLY A 310 22.44 -36.00 9.44
N ARG A 311 21.27 -36.58 9.58
CA ARG A 311 20.01 -35.84 9.49
C ARG A 311 18.94 -36.50 10.32
N GLN A 312 17.80 -35.82 10.48
CA GLN A 312 16.69 -36.36 11.25
C GLN A 312 15.38 -35.77 10.72
N ASP A 313 14.33 -36.58 10.76
CA ASP A 313 13.04 -36.17 10.27
C ASP A 313 12.43 -35.16 11.22
N LYS A 314 12.54 -35.39 12.53
CA LYS A 314 12.01 -34.46 13.53
C LYS A 314 13.13 -33.73 14.22
N PRO A 315 12.88 -32.50 14.67
CA PRO A 315 13.95 -31.71 15.30
C PRO A 315 14.17 -32.09 16.77
N GLU A 316 14.61 -33.33 17.01
CA GLU A 316 14.78 -33.81 18.34
C GLU A 316 16.16 -33.50 18.89
N VAL A 317 17.18 -33.81 18.11
CA VAL A 317 18.57 -33.64 18.47
C VAL A 317 19.05 -32.24 18.13
N TYR A 318 19.78 -31.66 19.05
CA TYR A 318 20.33 -30.34 18.95
C TYR A 318 21.45 -30.31 17.92
N GLY A 319 21.34 -29.37 16.97
CA GLY A 319 22.40 -29.13 15.98
C GLY A 319 22.55 -30.21 14.93
N LYS A 320 21.44 -30.87 14.63
CA LYS A 320 21.43 -31.92 13.63
C LYS A 320 20.38 -31.59 12.56
N SER A 321 20.78 -31.70 11.29
CA SER A 321 19.97 -31.22 10.17
C SER A 321 18.61 -31.93 10.05
N ILE A 322 17.58 -31.19 9.68
CA ILE A 322 16.30 -31.78 9.33
C ILE A 322 16.06 -31.77 7.81
N THR A 323 17.02 -31.29 7.02
CA THR A 323 16.96 -31.39 5.54
C THR A 323 18.12 -32.31 5.10
N ASP A 324 18.98 -31.88 4.18
CA ASP A 324 20.05 -32.76 3.70
C ASP A 324 20.97 -33.10 4.87
N ALA A 325 21.53 -34.29 4.85
CA ALA A 325 22.48 -34.71 5.86
C ALA A 325 23.79 -33.90 5.74
N CYS A 326 24.37 -33.59 6.89
CA CYS A 326 25.60 -32.79 6.98
C CYS A 326 26.73 -33.54 7.65
N ILE A 327 27.95 -33.15 7.38
CA ILE A 327 29.05 -33.60 8.22
C ILE A 327 28.96 -32.89 9.56
N GLY A 328 29.53 -33.53 10.60
CA GLY A 328 29.54 -32.98 11.96
C GLY A 328 30.74 -32.06 12.19
N TRP A 329 30.89 -31.59 13.42
CA TRP A 329 31.86 -30.55 13.67
C TRP A 329 33.28 -31.06 13.52
N GLY A 330 33.51 -32.29 13.97
CA GLY A 330 34.87 -32.84 13.94
C GLY A 330 35.39 -32.94 12.51
N ALA A 331 34.58 -33.51 11.63
CA ALA A 331 34.96 -33.62 10.23
C ALA A 331 35.08 -32.21 9.62
N THR A 332 34.27 -31.28 10.07
CA THR A 332 34.37 -29.91 9.60
C THR A 332 35.75 -29.31 9.87
N GLU A 333 36.26 -29.52 11.08
CA GLU A 333 37.63 -29.07 11.41
C GLU A 333 38.68 -29.66 10.46
N GLU A 334 38.57 -30.96 10.18
CA GLU A 334 39.52 -31.61 9.27
C GLU A 334 39.42 -31.09 7.83
N LEU A 335 38.20 -30.93 7.35
CA LEU A 335 37.96 -30.49 5.97
C LEU A 335 38.54 -29.10 5.79
N LEU A 336 38.24 -28.20 6.71
CA LEU A 336 38.76 -26.85 6.61
C LEU A 336 40.31 -26.82 6.71
N ALA A 337 40.90 -27.61 7.59
CA ALA A 337 42.38 -27.64 7.68
C ALA A 337 42.99 -28.14 6.37
N LEU A 338 42.38 -29.16 5.79
CA LEU A 338 42.79 -29.69 4.51
C LEU A 338 42.76 -28.62 3.40
N LEU A 339 41.66 -27.90 3.27
CA LEU A 339 41.60 -26.86 2.25
C LEU A 339 42.54 -25.69 2.52
N ALA A 340 42.69 -25.29 3.78
CA ALA A 340 43.60 -24.20 4.12
C ALA A 340 45.02 -24.55 3.76
N GLY A 341 45.44 -25.77 4.06
CA GLY A 341 46.81 -26.18 3.78
C GLY A 341 47.08 -26.21 2.29
N ALA A 342 46.13 -26.74 1.55
CA ALA A 342 46.28 -26.89 0.14
C ALA A 342 46.34 -25.51 -0.51
N ASN A 343 45.44 -24.62 -0.10
CA ASN A 343 45.40 -23.30 -0.71
C ASN A 343 46.57 -22.43 -0.30
N LYS A 344 47.09 -22.64 0.91
CA LYS A 344 48.30 -21.98 1.30
C LYS A 344 49.42 -22.27 0.28
N LYS A 345 49.50 -23.50 -0.19
CA LYS A 345 50.49 -23.88 -1.18
C LYS A 345 50.22 -23.21 -2.53
N ARG A 346 48.95 -23.16 -2.93
CA ARG A 346 48.60 -22.51 -4.19
C ARG A 346 49.04 -21.07 -4.13
N MET A 347 48.67 -20.39 -3.06
CA MET A 347 48.95 -18.95 -2.92
C MET A 347 50.44 -18.68 -2.88
N ALA A 348 51.22 -19.62 -2.38
CA ALA A 348 52.68 -19.47 -2.35
C ALA A 348 53.37 -19.81 -3.66
N ARG A 349 52.72 -20.56 -4.52
CA ARG A 349 53.33 -21.00 -5.78
C ARG A 349 53.58 -19.86 -6.80
N ALA A 350 54.66 -19.95 -7.57
CA ALA A 350 54.94 -18.98 -8.64
C ALA A 350 54.32 -19.44 -9.96
N GLU B 17 5.62 4.53 -11.96
CA GLU B 17 4.78 4.17 -10.78
C GLU B 17 3.71 3.12 -11.13
N LEU B 18 3.70 1.98 -10.46
CA LEU B 18 2.86 0.85 -10.91
C LEU B 18 1.41 0.92 -10.46
N LEU B 19 0.47 0.93 -11.43
CA LEU B 19 -0.94 0.87 -11.07
C LEU B 19 -1.28 -0.54 -10.58
N PRO B 20 -2.11 -0.61 -9.54
CA PRO B 20 -2.55 -1.90 -9.04
C PRO B 20 -3.60 -2.53 -9.93
N PRO B 21 -3.83 -3.84 -9.80
CA PRO B 21 -4.83 -4.51 -10.61
C PRO B 21 -6.20 -3.87 -10.60
N ILE B 22 -6.63 -3.36 -9.45
CA ILE B 22 -7.96 -2.76 -9.41
C ILE B 22 -8.15 -1.59 -10.40
N ALA B 23 -7.08 -0.86 -10.74
CA ALA B 23 -7.20 0.23 -11.68
C ALA B 23 -7.56 -0.30 -13.04
N HIS B 24 -6.93 -1.40 -13.42
CA HIS B 24 -7.22 -2.06 -14.70
C HIS B 24 -8.57 -2.77 -14.70
N LEU B 25 -8.92 -3.44 -13.60
CA LEU B 25 -10.25 -4.06 -13.47
C LEU B 25 -11.41 -3.06 -13.52
N TYR B 26 -11.18 -1.86 -12.98
CA TYR B 26 -12.14 -0.77 -13.06
C TYR B 26 -12.40 -0.35 -14.49
N GLU B 27 -11.36 -0.17 -15.28
CA GLU B 27 -11.51 0.22 -16.69
C GLU B 27 -12.03 -0.92 -17.57
N LEU B 28 -11.66 -2.16 -17.24
CA LEU B 28 -11.91 -3.32 -18.08
C LEU B 28 -12.46 -4.47 -17.25
N PRO B 29 -13.64 -4.26 -16.65
CA PRO B 29 -14.21 -5.34 -15.86
C PRO B 29 -14.61 -6.50 -16.75
N ILE B 30 -14.52 -7.71 -16.23
CA ILE B 30 -14.88 -8.88 -17.02
C ILE B 30 -16.38 -8.84 -17.37
N SER B 31 -16.76 -9.19 -18.60
CA SER B 31 -18.16 -9.23 -19.01
C SER B 31 -18.83 -10.55 -18.63
N LYS B 32 -20.16 -10.56 -18.60
CA LYS B 32 -20.95 -11.77 -18.38
C LYS B 32 -20.50 -12.82 -19.38
N GLU B 33 -20.34 -12.43 -20.64
CA GLU B 33 -20.01 -13.40 -21.70
C GLU B 33 -18.60 -13.94 -21.54
N ALA B 34 -17.65 -13.08 -21.26
CA ALA B 34 -16.27 -13.54 -21.09
C ALA B 34 -16.14 -14.43 -19.85
N SER B 35 -16.82 -14.04 -18.81
CA SER B 35 -16.83 -14.82 -17.59
C SER B 35 -17.37 -16.24 -17.81
N GLY B 36 -18.48 -16.32 -18.56
CA GLY B 36 -19.08 -17.60 -18.92
C GLY B 36 -18.18 -18.47 -19.78
N LEU B 37 -17.57 -17.86 -20.79
CA LEU B 37 -16.65 -18.58 -21.68
C LEU B 37 -15.44 -19.14 -20.93
N VAL B 38 -14.90 -18.36 -20.00
CA VAL B 38 -13.77 -18.81 -19.21
C VAL B 38 -14.16 -19.99 -18.32
N HIS B 39 -15.25 -19.83 -17.58
CA HIS B 39 -15.73 -20.86 -16.68
C HIS B 39 -15.95 -22.15 -17.45
N ARG B 40 -16.65 -22.05 -18.58
CA ARG B 40 -16.99 -23.22 -19.36
C ARG B 40 -15.74 -23.91 -19.92
N THR B 41 -14.84 -23.13 -20.50
CA THR B 41 -13.66 -23.69 -21.13
C THR B 41 -12.75 -24.39 -20.08
N ARG B 42 -12.61 -23.79 -18.90
CA ARG B 42 -11.82 -24.44 -17.85
C ARG B 42 -12.41 -25.80 -17.48
N GLN B 43 -13.73 -25.85 -17.33
CA GLN B 43 -14.40 -27.10 -17.02
C GLN B 43 -14.15 -28.13 -18.12
N GLU B 44 -14.27 -27.68 -19.38
CA GLU B 44 -14.14 -28.59 -20.51
C GLU B 44 -12.75 -29.17 -20.55
N ILE B 45 -11.76 -28.31 -20.30
CA ILE B 45 -10.38 -28.75 -20.28
C ILE B 45 -10.13 -29.71 -19.10
N SER B 46 -10.72 -29.43 -17.95
CA SER B 46 -10.60 -30.35 -16.82
C SER B 46 -11.11 -31.73 -17.19
N ASP B 47 -12.21 -31.78 -17.93
CA ASP B 47 -12.78 -33.04 -18.40
C ASP B 47 -11.80 -33.80 -19.29
N LEU B 48 -11.03 -33.09 -20.09
CA LEU B 48 -10.01 -33.72 -20.93
C LEU B 48 -8.84 -34.23 -20.08
N VAL B 49 -8.40 -33.41 -19.12
CA VAL B 49 -7.29 -33.79 -18.24
C VAL B 49 -7.59 -35.07 -17.46
N HIS B 50 -8.85 -35.25 -17.07
CA HIS B 50 -9.23 -36.41 -16.26
C HIS B 50 -9.91 -37.51 -17.09
N GLY B 51 -9.74 -37.48 -18.40
CA GLY B 51 -10.25 -38.53 -19.27
C GLY B 51 -11.75 -38.66 -19.38
N ARG B 52 -12.49 -37.62 -19.07
CA ARG B 52 -13.95 -37.68 -19.19
C ARG B 52 -14.48 -37.36 -20.61
N ASP B 53 -13.66 -36.74 -21.44
CA ASP B 53 -14.05 -36.38 -22.80
C ASP B 53 -12.82 -36.64 -23.66
N LYS B 54 -13.04 -37.14 -24.86
CA LYS B 54 -11.95 -37.59 -25.74
C LYS B 54 -11.68 -36.57 -26.85
N ARG B 55 -12.26 -35.38 -26.75
CA ARG B 55 -11.83 -34.29 -27.62
C ARG B 55 -10.38 -33.95 -27.35
N LEU B 56 -9.75 -33.32 -28.33
CA LEU B 56 -8.35 -32.97 -28.27
C LEU B 56 -8.20 -31.48 -28.01
N LEU B 57 -7.59 -31.10 -26.89
CA LEU B 57 -7.30 -29.70 -26.62
C LEU B 57 -6.24 -29.24 -27.60
N VAL B 58 -6.46 -28.11 -28.27
CA VAL B 58 -5.44 -27.58 -29.16
C VAL B 58 -5.10 -26.16 -28.74
N ILE B 59 -3.91 -26.02 -28.18
CA ILE B 59 -3.39 -24.71 -27.83
C ILE B 59 -2.61 -24.19 -29.05
N ILE B 60 -3.17 -23.20 -29.74
CA ILE B 60 -2.60 -22.79 -31.01
C ILE B 60 -2.62 -21.28 -31.22
N GLY B 61 -1.52 -20.76 -31.73
CA GLY B 61 -1.41 -19.33 -32.00
C GLY B 61 0.03 -18.87 -31.91
N PRO B 62 0.24 -17.56 -31.90
CA PRO B 62 1.58 -17.03 -32.01
C PRO B 62 2.50 -17.48 -30.88
N CYS B 63 3.80 -17.52 -31.15
CA CYS B 63 4.76 -17.69 -30.11
C CYS B 63 4.56 -16.60 -29.06
N SER B 64 4.41 -15.36 -29.53
CA SER B 64 4.18 -14.20 -28.66
C SER B 64 3.25 -13.22 -29.32
N ILE B 65 2.50 -12.49 -28.49
CA ILE B 65 1.69 -11.38 -28.98
C ILE B 65 2.55 -10.14 -28.97
N HIS B 66 2.71 -9.51 -30.14
CA HIS B 66 3.35 -8.21 -30.25
C HIS B 66 2.49 -7.13 -30.92
N ASP B 67 1.38 -7.55 -31.52
CA ASP B 67 0.41 -6.66 -32.14
C ASP B 67 -1.02 -7.12 -31.88
N PRO B 68 -1.84 -6.29 -31.25
CA PRO B 68 -3.25 -6.64 -31.01
C PRO B 68 -4.09 -6.72 -32.28
N LYS B 69 -3.82 -5.86 -33.26
CA LYS B 69 -4.63 -5.84 -34.50
C LYS B 69 -4.49 -7.19 -35.19
N ALA B 70 -3.25 -7.61 -35.40
CA ALA B 70 -2.99 -8.91 -36.01
C ALA B 70 -3.52 -10.07 -35.16
N ALA B 71 -3.47 -9.92 -33.84
CA ALA B 71 -3.99 -10.94 -32.95
C ALA B 71 -5.48 -11.11 -33.09
N LEU B 72 -6.20 -9.99 -33.14
CA LEU B 72 -7.65 -10.04 -33.31
C LEU B 72 -8.03 -10.64 -34.65
N GLU B 73 -7.26 -10.34 -35.69
CA GLU B 73 -7.56 -10.89 -37.02
C GLU B 73 -7.34 -12.41 -36.99
N TYR B 74 -6.24 -12.81 -36.38
CA TYR B 74 -5.91 -14.22 -36.28
C TYR B 74 -7.04 -14.92 -35.56
N ALA B 75 -7.47 -14.32 -34.46
CA ALA B 75 -8.54 -14.90 -33.65
C ALA B 75 -9.84 -15.10 -34.43
N GLU B 76 -10.17 -14.14 -35.29
CA GLU B 76 -11.42 -14.22 -36.09
C GLU B 76 -11.40 -15.41 -37.02
N ARG B 77 -10.25 -15.62 -37.67
CA ARG B 77 -10.07 -16.79 -38.49
C ARG B 77 -10.09 -18.07 -37.66
N LEU B 78 -9.39 -18.09 -36.53
CA LEU B 78 -9.34 -19.28 -35.66
C LEU B 78 -10.73 -19.63 -35.14
N LEU B 79 -11.53 -18.63 -34.81
CA LEU B 79 -12.86 -18.86 -34.27
C LEU B 79 -13.72 -19.72 -35.21
N LYS B 80 -13.68 -19.41 -36.51
CA LYS B 80 -14.44 -20.18 -37.53
C LYS B 80 -14.05 -21.66 -37.48
N LEU B 81 -12.78 -21.95 -37.26
CA LEU B 81 -12.35 -23.36 -37.16
C LEU B 81 -12.66 -23.98 -35.80
N ARG B 82 -12.62 -23.17 -34.75
CA ARG B 82 -13.01 -23.62 -33.41
C ARG B 82 -14.45 -24.14 -33.41
N LYS B 83 -15.34 -23.39 -34.07
CA LYS B 83 -16.73 -23.81 -34.19
C LYS B 83 -16.85 -25.06 -35.05
N GLN B 84 -16.19 -25.02 -36.20
CA GLN B 84 -16.31 -26.08 -37.19
C GLN B 84 -15.89 -27.43 -36.61
N TYR B 85 -14.80 -27.45 -35.84
CA TYR B 85 -14.26 -28.69 -35.35
C TYR B 85 -14.63 -28.98 -33.88
N GLU B 86 -15.62 -28.28 -33.34
CA GLU B 86 -15.93 -28.33 -31.91
C GLU B 86 -16.28 -29.71 -31.37
N ASN B 87 -16.65 -30.66 -32.22
CA ASN B 87 -16.98 -32.00 -31.75
C ASN B 87 -15.76 -32.87 -31.64
N GLU B 88 -14.68 -32.46 -32.31
CA GLU B 88 -13.41 -33.19 -32.33
C GLU B 88 -12.31 -32.50 -31.55
N LEU B 89 -12.27 -31.17 -31.64
CA LEU B 89 -11.19 -30.38 -31.08
C LEU B 89 -11.74 -29.28 -30.21
N LEU B 90 -10.98 -28.94 -29.19
CA LEU B 90 -11.30 -27.83 -28.33
C LEU B 90 -10.19 -26.85 -28.52
N ILE B 91 -10.47 -25.83 -29.32
CA ILE B 91 -9.44 -24.93 -29.78
C ILE B 91 -9.41 -23.71 -28.88
N VAL B 92 -8.20 -23.35 -28.49
CA VAL B 92 -7.91 -22.24 -27.60
C VAL B 92 -6.67 -21.51 -28.11
N MET B 93 -6.72 -20.20 -28.17
CA MET B 93 -5.64 -19.45 -28.76
C MET B 93 -4.45 -19.23 -27.81
N ARG B 94 -3.24 -19.35 -28.32
CA ARG B 94 -2.05 -18.88 -27.63
C ARG B 94 -2.08 -17.35 -27.61
N VAL B 95 -2.13 -16.79 -26.41
CA VAL B 95 -2.05 -15.36 -26.18
C VAL B 95 -0.97 -15.08 -25.12
N TYR B 96 0.28 -15.29 -25.53
CA TYR B 96 1.43 -15.25 -24.64
C TYR B 96 1.99 -13.84 -24.50
N PHE B 97 2.00 -13.34 -23.26
CA PHE B 97 2.42 -11.99 -22.98
C PHE B 97 3.80 -11.94 -22.33
N GLU B 98 4.32 -13.09 -21.90
CA GLU B 98 5.55 -13.17 -21.12
C GLU B 98 6.47 -14.24 -21.72
N LYS B 99 7.66 -13.84 -22.13
CA LYS B 99 8.59 -14.74 -22.79
C LYS B 99 9.89 -14.92 -22.00
N PRO B 100 10.26 -16.16 -21.75
CA PRO B 100 11.51 -16.42 -21.08
C PRO B 100 12.61 -16.49 -22.13
N ARG B 101 13.62 -15.66 -22.00
CA ARG B 101 14.72 -15.70 -22.92
C ARG B 101 15.86 -16.58 -22.41
N THR B 102 16.65 -17.05 -23.36
CA THR B 102 17.84 -17.86 -23.10
C THR B 102 18.86 -17.07 -22.30
N THR B 103 19.14 -15.85 -22.75
CA THR B 103 19.92 -14.90 -21.96
C THR B 103 19.14 -13.61 -21.76
N VAL B 104 19.27 -12.69 -22.71
CA VAL B 104 18.57 -11.40 -22.67
C VAL B 104 17.74 -11.27 -23.95
N GLY B 105 16.81 -10.34 -23.96
CA GLY B 105 15.98 -10.08 -25.13
C GLY B 105 14.60 -9.61 -24.70
N TRP B 106 13.75 -9.38 -25.69
CA TRP B 106 12.41 -8.84 -25.46
C TRP B 106 11.61 -9.88 -24.68
N LYS B 107 11.05 -9.47 -23.56
CA LYS B 107 10.31 -10.40 -22.70
C LYS B 107 8.81 -10.43 -22.95
N GLY B 108 8.31 -9.67 -23.94
CA GLY B 108 6.89 -9.73 -24.26
C GLY B 108 6.15 -8.41 -24.13
N LEU B 109 4.88 -8.45 -24.48
CA LEU B 109 4.07 -7.23 -24.58
C LEU B 109 3.92 -6.52 -23.26
N ILE B 110 3.82 -7.28 -22.18
CA ILE B 110 3.62 -6.67 -20.87
C ILE B 110 4.88 -5.90 -20.44
N ASN B 111 6.03 -6.53 -20.57
CA ASN B 111 7.28 -5.94 -20.15
C ASN B 111 7.72 -4.74 -21.00
N ASP B 112 7.56 -4.84 -22.32
CA ASP B 112 7.94 -3.80 -23.26
C ASP B 112 6.96 -3.66 -24.43
N PRO B 113 5.76 -3.13 -24.18
CA PRO B 113 4.71 -3.11 -25.19
C PRO B 113 5.09 -2.33 -26.45
N HIS B 114 5.86 -1.25 -26.35
CA HIS B 114 6.19 -0.45 -27.53
C HIS B 114 7.35 -1.03 -28.34
N LEU B 115 7.86 -2.18 -27.92
CA LEU B 115 8.88 -2.91 -28.66
C LEU B 115 10.17 -2.11 -28.89
N ASP B 116 10.41 -1.13 -28.01
CA ASP B 116 11.53 -0.20 -28.18
C ASP B 116 12.44 -0.01 -26.96
N GLY B 117 12.30 -0.84 -25.93
CA GLY B 117 13.13 -0.65 -24.75
C GLY B 117 12.71 0.49 -23.86
N THR B 118 11.42 0.80 -23.86
CA THR B 118 10.88 1.83 -22.96
C THR B 118 10.20 1.19 -21.73
N PHE B 119 9.89 -0.11 -21.81
CA PHE B 119 9.37 -0.81 -20.66
C PHE B 119 8.17 -0.12 -20.03
N ASP B 120 7.18 0.21 -20.85
CA ASP B 120 5.99 0.91 -20.36
C ASP B 120 5.00 -0.11 -19.79
N ILE B 121 5.32 -0.67 -18.62
CA ILE B 121 4.62 -1.85 -18.12
C ILE B 121 3.16 -1.58 -17.77
N ASN B 122 2.85 -0.38 -17.31
CA ASN B 122 1.45 -0.03 -17.10
C ASN B 122 0.64 -0.14 -18.42
N PHE B 123 1.18 0.40 -19.51
CA PHE B 123 0.52 0.34 -20.81
C PHE B 123 0.39 -1.11 -21.22
N GLY B 124 1.46 -1.87 -21.00
CA GLY B 124 1.48 -3.27 -21.42
C GLY B 124 0.43 -4.10 -20.71
N LEU B 125 0.27 -3.88 -19.41
CA LEU B 125 -0.74 -4.60 -18.68
C LEU B 125 -2.14 -4.19 -19.15
N ARG B 126 -2.36 -2.89 -19.38
CA ARG B 126 -3.68 -2.43 -19.86
C ARG B 126 -4.02 -3.08 -21.20
N GLN B 127 -3.03 -3.12 -22.08
CA GLN B 127 -3.22 -3.62 -23.44
C GLN B 127 -3.44 -5.13 -23.43
N ALA B 128 -2.68 -5.84 -22.59
CA ALA B 128 -2.85 -7.27 -22.46
C ALA B 128 -4.25 -7.58 -21.98
N ARG B 129 -4.72 -6.83 -20.98
CA ARG B 129 -6.06 -7.06 -20.46
C ARG B 129 -7.12 -6.76 -21.51
N SER B 130 -6.95 -5.66 -22.22
CA SER B 130 -7.94 -5.23 -23.23
C SER B 130 -8.06 -6.26 -24.35
N LEU B 131 -6.92 -6.71 -24.86
CA LEU B 131 -6.91 -7.77 -25.86
C LEU B 131 -7.63 -9.04 -25.37
N LEU B 132 -7.32 -9.47 -24.16
CA LEU B 132 -7.92 -10.70 -23.62
C LEU B 132 -9.41 -10.56 -23.45
N LEU B 133 -9.86 -9.37 -23.04
CA LEU B 133 -11.27 -9.12 -22.88
C LEU B 133 -11.96 -9.18 -24.26
N SER B 134 -11.36 -8.55 -25.29
CA SER B 134 -11.93 -8.59 -26.66
C SER B 134 -11.96 -10.01 -27.21
N LEU B 135 -10.90 -10.77 -26.98
CA LEU B 135 -10.83 -12.15 -27.46
C LEU B 135 -11.96 -12.97 -26.86
N ASN B 136 -12.07 -12.95 -25.54
CA ASN B 136 -13.12 -13.72 -24.87
C ASN B 136 -14.50 -13.25 -25.30
N ASN B 137 -14.70 -11.93 -25.42
CA ASN B 137 -15.95 -11.37 -25.91
C ASN B 137 -16.37 -11.83 -27.30
N MET B 138 -15.41 -12.08 -28.18
CA MET B 138 -15.74 -12.56 -29.50
C MET B 138 -15.94 -14.08 -29.53
N GLY B 139 -15.76 -14.76 -28.40
CA GLY B 139 -15.93 -16.22 -28.31
C GLY B 139 -14.66 -17.06 -28.34
N MET B 140 -13.48 -16.44 -28.33
CA MET B 140 -12.21 -17.16 -28.41
C MET B 140 -11.51 -17.20 -27.04
N PRO B 141 -11.48 -18.37 -26.40
CA PRO B 141 -10.71 -18.45 -25.15
C PRO B 141 -9.21 -18.35 -25.36
N ALA B 142 -8.51 -18.00 -24.28
CA ALA B 142 -7.12 -17.63 -24.34
C ALA B 142 -6.26 -18.46 -23.39
N SER B 143 -5.01 -18.64 -23.80
CA SER B 143 -4.00 -19.30 -23.01
C SER B 143 -2.77 -18.45 -22.98
N THR B 144 -1.92 -18.67 -21.96
CA THR B 144 -0.65 -17.95 -21.82
C THR B 144 0.32 -18.75 -20.95
N GLU B 145 1.62 -18.46 -21.07
CA GLU B 145 2.59 -18.92 -20.08
C GLU B 145 2.57 -17.96 -18.92
N PHE B 146 2.46 -18.54 -17.72
CA PHE B 146 2.55 -17.76 -16.50
C PHE B 146 4.01 -17.81 -16.04
N LEU B 147 4.72 -16.73 -16.31
CA LEU B 147 6.13 -16.63 -16.01
C LEU B 147 6.41 -15.76 -14.79
N ASP B 148 5.83 -14.56 -14.79
N ASP B 148 5.82 -14.57 -14.79
CA ASP B 148 6.07 -13.56 -13.77
CA ASP B 148 6.07 -13.57 -13.77
C ASP B 148 5.15 -13.78 -12.57
C ASP B 148 5.14 -13.77 -12.58
N MET B 149 5.62 -13.41 -11.38
CA MET B 149 4.87 -13.68 -10.15
C MET B 149 3.75 -12.73 -9.83
N ILE B 150 3.87 -11.47 -10.23
CA ILE B 150 2.92 -10.42 -9.87
C ILE B 150 1.89 -10.05 -10.96
N THR B 151 2.27 -10.21 -12.22
CA THR B 151 1.37 -9.88 -13.33
C THR B 151 0.05 -10.65 -13.41
N PRO B 152 0.01 -11.92 -12.94
CA PRO B 152 -1.26 -12.65 -13.10
C PRO B 152 -2.53 -12.00 -12.53
N GLN B 153 -2.41 -11.25 -11.45
CA GLN B 153 -3.59 -10.58 -10.86
C GLN B 153 -4.26 -9.60 -11.80
N TYR B 154 -3.53 -9.15 -12.81
CA TYR B 154 -4.05 -8.22 -13.77
C TYR B 154 -4.95 -8.85 -14.84
N TYR B 155 -4.67 -10.10 -15.20
CA TYR B 155 -5.37 -10.77 -16.30
C TYR B 155 -5.88 -12.22 -16.13
N ALA B 156 -5.51 -12.90 -15.05
CA ALA B 156 -5.75 -14.34 -14.97
C ALA B 156 -7.23 -14.72 -15.03
N ASP B 157 -8.10 -13.81 -14.62
CA ASP B 157 -9.55 -14.00 -14.73
C ASP B 157 -10.04 -14.24 -16.20
N LEU B 158 -9.19 -13.90 -17.17
CA LEU B 158 -9.53 -14.08 -18.58
C LEU B 158 -8.80 -15.24 -19.26
N ILE B 159 -8.07 -16.03 -18.47
CA ILE B 159 -7.27 -17.13 -18.97
C ILE B 159 -7.96 -18.48 -18.72
N SER B 160 -8.11 -19.29 -19.76
CA SER B 160 -8.74 -20.60 -19.68
C SER B 160 -7.74 -21.74 -19.46
N TRP B 161 -6.45 -21.50 -19.75
CA TRP B 161 -5.41 -22.53 -19.62
C TRP B 161 -4.08 -21.85 -19.55
N GLY B 162 -3.21 -22.37 -18.69
CA GLY B 162 -1.92 -21.77 -18.45
C GLY B 162 -0.81 -22.78 -18.69
N ALA B 163 0.34 -22.30 -19.16
CA ALA B 163 1.55 -23.10 -19.21
C ALA B 163 2.52 -22.63 -18.14
N ILE B 164 3.25 -23.58 -17.57
CA ILE B 164 4.53 -23.28 -16.91
C ILE B 164 5.64 -23.79 -17.83
N GLY B 165 6.56 -22.92 -18.19
CA GLY B 165 7.52 -23.23 -19.22
C GLY B 165 8.59 -24.23 -18.83
N ALA B 166 9.27 -24.76 -19.84
CA ALA B 166 10.33 -25.73 -19.63
C ALA B 166 11.39 -25.22 -18.66
N ARG B 167 11.63 -23.90 -18.69
CA ARG B 167 12.68 -23.28 -17.93
C ARG B 167 12.33 -22.99 -16.45
N THR B 168 11.05 -23.13 -16.14
CA THR B 168 10.49 -22.80 -14.83
C THR B 168 9.65 -23.93 -14.18
N THR B 169 9.47 -25.07 -14.86
CA THR B 169 8.68 -26.18 -14.31
C THR B 169 9.27 -26.73 -12.99
N GLU B 170 10.60 -26.75 -12.87
CA GLU B 170 11.30 -27.26 -11.66
C GLU B 170 11.33 -26.21 -10.52
N SER B 171 10.89 -24.98 -10.81
CA SER B 171 10.91 -23.85 -9.88
C SER B 171 9.76 -23.88 -8.87
N GLN B 172 10.12 -23.84 -7.59
CA GLN B 172 9.10 -23.95 -6.55
C GLN B 172 8.15 -22.76 -6.56
N VAL B 173 8.63 -21.58 -6.94
CA VAL B 173 7.73 -20.42 -6.95
C VAL B 173 6.70 -20.51 -8.06
N HIS B 174 7.03 -21.22 -9.16
CA HIS B 174 6.07 -21.44 -10.24
C HIS B 174 5.08 -22.52 -9.89
N ARG B 175 5.54 -23.53 -9.13
CA ARG B 175 4.64 -24.58 -8.69
C ARG B 175 3.67 -24.00 -7.68
N GLU B 176 4.15 -23.09 -6.84
CA GLU B 176 3.27 -22.35 -5.90
C GLU B 176 2.20 -21.55 -6.67
N LEU B 177 2.66 -20.76 -7.62
CA LEU B 177 1.75 -19.97 -8.45
C LEU B 177 0.65 -20.85 -9.05
N ALA B 178 1.06 -21.95 -9.66
CA ALA B 178 0.15 -22.87 -10.32
C ALA B 178 -0.86 -23.45 -9.37
N SER B 179 -0.42 -23.73 -8.14
CA SER B 179 -1.29 -24.29 -7.11
C SER B 179 -2.45 -23.40 -6.73
N GLY B 180 -2.30 -22.10 -6.97
CA GLY B 180 -3.39 -21.17 -6.72
C GLY B 180 -4.17 -20.66 -7.96
N LEU B 181 -3.82 -21.08 -9.17
CA LEU B 181 -4.54 -20.58 -10.35
C LEU B 181 -5.85 -21.30 -10.48
N SER B 182 -6.85 -20.64 -11.06
CA SER B 182 -8.14 -21.28 -11.22
C SER B 182 -8.35 -22.00 -12.53
N CYS B 183 -7.35 -21.98 -13.38
CA CYS B 183 -7.44 -22.64 -14.68
C CYS B 183 -6.58 -23.88 -14.65
N PRO B 184 -6.85 -24.85 -15.53
CA PRO B 184 -5.91 -25.95 -15.68
C PRO B 184 -4.53 -25.45 -16.11
N VAL B 185 -3.50 -26.24 -15.80
CA VAL B 185 -2.12 -25.87 -16.07
C VAL B 185 -1.31 -27.03 -16.58
N GLY B 186 -0.55 -26.77 -17.65
CA GLY B 186 0.38 -27.74 -18.21
C GLY B 186 1.80 -27.37 -17.85
N PHE B 187 2.54 -28.36 -17.34
CA PHE B 187 3.94 -28.24 -17.00
C PHE B 187 4.77 -28.91 -18.09
N LYS B 188 5.72 -28.17 -18.64
CA LYS B 188 6.59 -28.69 -19.67
C LYS B 188 7.80 -29.41 -19.11
N ASN B 189 8.23 -30.45 -19.83
CA ASN B 189 9.50 -31.09 -19.53
C ASN B 189 10.61 -30.07 -19.67
N GLY B 190 11.76 -30.36 -19.04
CA GLY B 190 12.89 -29.43 -19.05
C GLY B 190 13.57 -29.34 -20.39
N THR B 191 14.33 -28.27 -20.60
CA THR B 191 14.89 -28.00 -21.92
C THR B 191 15.82 -29.10 -22.45
N ASP B 192 16.41 -29.91 -21.57
CA ASP B 192 17.20 -31.06 -22.00
C ASP B 192 16.42 -32.37 -22.10
N GLY B 193 15.13 -32.35 -21.77
CA GLY B 193 14.28 -33.52 -21.95
C GLY B 193 13.79 -34.17 -20.68
N ASN B 194 14.14 -33.64 -19.50
CA ASN B 194 13.74 -34.26 -18.24
C ASN B 194 12.24 -34.13 -17.98
N LEU B 195 11.56 -35.27 -17.98
CA LEU B 195 10.12 -35.31 -17.72
C LEU B 195 9.77 -35.37 -16.25
N LYS B 196 10.66 -35.95 -15.45
CA LYS B 196 10.35 -36.17 -14.04
C LYS B 196 10.04 -34.84 -13.34
N ILE B 197 10.72 -33.76 -13.72
CA ILE B 197 10.45 -32.46 -13.08
C ILE B 197 8.99 -32.00 -13.31
N ALA B 198 8.39 -32.37 -14.44
CA ALA B 198 7.04 -32.01 -14.71
C ALA B 198 6.06 -32.88 -13.95
N ILE B 199 6.38 -34.16 -13.82
CA ILE B 199 5.58 -35.07 -12.99
C ILE B 199 5.64 -34.61 -11.52
N ASP B 200 6.84 -34.32 -11.03
CA ASP B 200 7.05 -33.74 -9.70
C ASP B 200 6.20 -32.50 -9.52
N ALA B 201 6.19 -31.66 -10.55
CA ALA B 201 5.49 -30.36 -10.48
C ALA B 201 3.99 -30.56 -10.28
N ILE B 202 3.39 -31.53 -10.97
CA ILE B 202 1.97 -31.83 -10.75
C ILE B 202 1.76 -32.19 -9.27
N GLY B 203 2.61 -33.08 -8.76
CA GLY B 203 2.59 -33.47 -7.34
C GLY B 203 2.59 -32.21 -6.46
N ALA B 204 3.55 -31.32 -6.69
CA ALA B 204 3.64 -30.08 -5.92
C ALA B 204 2.42 -29.19 -6.08
N ALA B 205 2.06 -28.87 -7.33
CA ALA B 205 0.99 -27.91 -7.57
C ALA B 205 -0.40 -28.38 -7.14
N SER B 206 -0.58 -29.68 -7.06
CA SER B 206 -1.87 -30.22 -6.66
C SER B 206 -2.10 -30.07 -5.15
N HIS B 207 -1.04 -29.80 -4.40
CA HIS B 207 -1.19 -29.58 -2.97
C HIS B 207 -1.38 -28.11 -2.60
N SER B 208 -1.86 -27.94 -1.38
CA SER B 208 -1.94 -26.68 -0.74
C SER B 208 -0.57 -26.07 -0.47
N HIS B 209 -0.45 -24.74 -0.63
CA HIS B 209 0.80 -24.00 -0.35
C HIS B 209 0.52 -22.73 0.41
N HIS B 210 1.52 -22.30 1.18
CA HIS B 210 1.53 -20.95 1.75
C HIS B 210 2.74 -20.22 1.25
N PHE B 211 2.56 -18.99 0.76
CA PHE B 211 3.66 -18.19 0.22
C PHE B 211 3.21 -16.74 0.08
N LEU B 212 4.15 -15.88 -0.30
CA LEU B 212 3.87 -14.48 -0.44
C LEU B 212 3.47 -14.16 -1.89
N SER B 213 2.48 -13.31 -2.02
CA SER B 213 1.94 -12.89 -3.30
C SER B 213 1.38 -11.50 -3.12
N VAL B 214 0.95 -10.89 -4.21
CA VAL B 214 0.44 -9.52 -4.17
C VAL B 214 -1.07 -9.49 -4.40
N THR B 215 -1.80 -8.70 -3.62
CA THR B 215 -3.24 -8.59 -3.75
C THR B 215 -3.68 -7.72 -4.97
N LYS B 216 -4.99 -7.66 -5.20
CA LYS B 216 -5.56 -6.79 -6.25
C LYS B 216 -5.34 -5.33 -6.00
N ALA B 217 -5.15 -4.96 -4.74
CA ALA B 217 -4.82 -3.58 -4.38
C ALA B 217 -3.34 -3.24 -4.50
N GLY B 218 -2.51 -4.21 -4.87
CA GLY B 218 -1.10 -3.94 -5.10
C GLY B 218 -0.25 -4.11 -3.87
N HIS B 219 -0.81 -4.77 -2.85
CA HIS B 219 -0.07 -5.03 -1.63
C HIS B 219 0.41 -6.45 -1.44
N SER B 220 1.63 -6.61 -0.97
CA SER B 220 2.14 -7.96 -0.66
C SER B 220 1.29 -8.57 0.46
N ALA B 221 1.09 -9.88 0.43
CA ALA B 221 0.31 -10.59 1.42
C ALA B 221 0.69 -12.05 1.46
N ILE B 222 0.30 -12.74 2.52
CA ILE B 222 0.45 -14.17 2.62
C ILE B 222 -0.75 -14.81 1.97
N VAL B 223 -0.55 -15.76 1.05
CA VAL B 223 -1.67 -16.48 0.48
C VAL B 223 -1.58 -17.97 0.78
N HIS B 224 -2.74 -18.58 0.93
CA HIS B 224 -2.90 -19.98 1.24
C HIS B 224 -3.70 -20.57 0.09
N THR B 225 -3.07 -21.29 -0.83
CA THR B 225 -3.80 -21.86 -1.97
C THR B 225 -4.40 -23.22 -1.62
N GLY B 226 -5.39 -23.65 -2.40
CA GLY B 226 -6.00 -24.96 -2.19
C GLY B 226 -5.41 -26.10 -3.01
N GLY B 227 -4.42 -25.84 -3.84
CA GLY B 227 -3.94 -26.84 -4.80
C GLY B 227 -4.75 -26.84 -6.09
N ASN B 228 -4.09 -27.12 -7.19
CA ASN B 228 -4.70 -27.18 -8.52
C ASN B 228 -4.87 -28.64 -9.00
N PRO B 229 -6.10 -29.16 -9.03
CA PRO B 229 -6.33 -30.56 -9.39
C PRO B 229 -6.30 -30.85 -10.89
N ASP B 230 -6.08 -29.83 -11.70
CA ASP B 230 -6.21 -29.94 -13.15
C ASP B 230 -4.90 -29.87 -13.94
N CYS B 231 -3.80 -30.21 -13.31
CA CYS B 231 -2.48 -30.09 -13.91
C CYS B 231 -2.14 -31.34 -14.74
N HIS B 232 -1.31 -31.14 -15.77
CA HIS B 232 -0.85 -32.25 -16.63
C HIS B 232 0.51 -31.91 -17.21
N VAL B 233 1.16 -32.88 -17.83
CA VAL B 233 2.47 -32.59 -18.42
C VAL B 233 2.34 -32.28 -19.91
N ILE B 234 3.39 -31.64 -20.44
CA ILE B 234 3.54 -31.32 -21.84
C ILE B 234 4.90 -31.81 -22.34
N LEU B 235 4.88 -32.62 -23.41
CA LEU B 235 6.08 -33.07 -24.07
C LEU B 235 6.44 -32.08 -25.14
N ARG B 236 7.59 -31.42 -24.96
CA ARG B 236 8.02 -30.34 -25.87
C ARG B 236 9.43 -30.55 -26.37
N GLY B 237 9.91 -31.78 -26.24
CA GLY B 237 11.25 -32.12 -26.70
C GLY B 237 12.38 -31.72 -25.78
N GLY B 238 13.54 -32.32 -26.02
CA GLY B 238 14.76 -32.06 -25.24
C GLY B 238 15.95 -32.06 -26.15
N LYS B 239 17.00 -32.80 -25.76
CA LYS B 239 18.08 -33.06 -26.68
C LYS B 239 17.58 -33.81 -27.90
N GLU B 240 16.56 -34.65 -27.71
CA GLU B 240 15.87 -35.33 -28.80
C GLU B 240 14.38 -35.00 -28.68
N PRO B 241 13.64 -35.16 -29.78
CA PRO B 241 12.21 -35.05 -29.70
C PRO B 241 11.59 -36.17 -28.86
N ASN B 242 10.47 -35.85 -28.22
CA ASN B 242 9.72 -36.80 -27.38
C ASN B 242 8.24 -36.94 -27.72
N TYR B 243 7.88 -36.68 -28.98
CA TYR B 243 6.49 -36.69 -29.39
C TYR B 243 5.93 -38.06 -29.84
N ASP B 244 6.79 -39.01 -30.17
CA ASP B 244 6.29 -40.28 -30.73
C ASP B 244 5.65 -41.24 -29.71
N ALA B 245 5.05 -42.32 -30.23
CA ALA B 245 4.32 -43.30 -29.43
C ALA B 245 5.15 -43.91 -28.31
N GLU B 246 6.39 -44.23 -28.62
CA GLU B 246 7.35 -44.81 -27.65
C GLU B 246 7.56 -43.86 -26.47
N HIS B 247 7.76 -42.57 -26.75
CA HIS B 247 7.92 -41.58 -25.68
C HIS B 247 6.63 -41.32 -24.91
N VAL B 248 5.51 -41.30 -25.61
CA VAL B 248 4.23 -41.07 -24.98
C VAL B 248 3.91 -42.20 -24.02
N SER B 249 4.18 -43.43 -24.45
CA SER B 249 3.94 -44.61 -23.64
C SER B 249 4.81 -44.65 -22.39
N GLU B 250 6.11 -44.41 -22.55
CA GLU B 250 7.02 -44.25 -21.44
C GLU B 250 6.53 -43.22 -20.42
N ALA B 251 6.06 -42.08 -20.93
CA ALA B 251 5.61 -40.99 -20.07
C ALA B 251 4.36 -41.37 -19.30
N ALA B 252 3.42 -42.02 -19.98
CA ALA B 252 2.20 -42.48 -19.33
C ALA B 252 2.49 -43.46 -18.18
N GLU B 253 3.45 -44.34 -18.39
CA GLU B 253 3.89 -45.29 -17.36
C GLU B 253 4.35 -44.54 -16.10
N GLN B 254 5.25 -43.57 -16.30
CA GLN B 254 5.77 -42.81 -15.18
C GLN B 254 4.71 -41.98 -14.47
N LEU B 255 3.81 -41.42 -15.27
CA LEU B 255 2.68 -40.68 -14.74
C LEU B 255 1.84 -41.58 -13.81
N ARG B 256 1.44 -42.75 -14.29
CA ARG B 256 0.71 -43.72 -13.45
C ARG B 256 1.51 -44.10 -12.19
N ALA B 257 2.82 -44.30 -12.33
CA ALA B 257 3.66 -44.70 -11.16
C ALA B 257 3.67 -43.60 -10.11
N ALA B 258 3.57 -42.35 -10.51
CA ALA B 258 3.46 -41.27 -9.56
C ALA B 258 2.02 -41.02 -9.06
N GLY B 259 1.07 -41.80 -9.54
CA GLY B 259 -0.30 -41.63 -9.15
C GLY B 259 -0.94 -40.34 -9.65
N VAL B 260 -0.51 -39.81 -10.79
CA VAL B 260 -1.11 -38.58 -11.35
C VAL B 260 -1.68 -38.86 -12.76
N THR B 261 -2.41 -37.91 -13.33
CA THR B 261 -3.11 -38.19 -14.58
C THR B 261 -2.15 -38.59 -15.68
N ASP B 262 -2.44 -39.70 -16.37
CA ASP B 262 -1.64 -40.17 -17.49
C ASP B 262 -2.15 -39.68 -18.87
N LYS B 263 -2.89 -38.56 -18.86
CA LYS B 263 -3.30 -37.84 -20.08
C LYS B 263 -2.38 -36.65 -20.20
N LEU B 264 -1.78 -36.50 -21.37
CA LEU B 264 -0.75 -35.50 -21.57
C LEU B 264 -0.95 -34.72 -22.88
N MET B 265 -0.16 -33.67 -23.00
CA MET B 265 -0.17 -32.81 -24.18
C MET B 265 1.17 -32.89 -24.90
N ILE B 266 1.16 -32.72 -26.22
CA ILE B 266 2.35 -32.78 -27.04
C ILE B 266 2.53 -31.49 -27.80
N ASP B 267 3.64 -30.82 -27.56
CA ASP B 267 3.96 -29.58 -28.27
C ASP B 267 4.60 -29.94 -29.62
N CYS B 268 4.01 -29.48 -30.73
CA CYS B 268 4.58 -29.73 -32.06
C CYS B 268 5.80 -28.86 -32.35
N SER B 269 6.00 -27.81 -31.56
CA SER B 269 7.04 -26.82 -31.84
C SER B 269 8.25 -26.99 -30.90
N HIS B 270 9.01 -25.91 -30.76
CA HIS B 270 10.19 -25.85 -29.91
C HIS B 270 11.10 -27.04 -30.20
N ALA B 271 11.48 -27.83 -29.19
CA ALA B 271 12.47 -28.87 -29.41
C ALA B 271 11.90 -30.12 -30.11
N ASN B 272 10.58 -30.23 -30.20
CA ASN B 272 10.00 -31.31 -31.00
C ASN B 272 10.06 -31.07 -32.53
N SER B 273 10.12 -29.82 -32.97
CA SER B 273 10.32 -29.45 -34.38
C SER B 273 11.78 -29.09 -34.67
N ARG B 274 12.61 -29.16 -33.63
CA ARG B 274 13.99 -28.67 -33.66
C ARG B 274 14.05 -27.21 -34.08
N LYS B 275 13.10 -26.45 -33.56
CA LYS B 275 12.97 -25.01 -33.86
C LYS B 275 12.77 -24.68 -35.34
N ASP B 276 12.36 -25.68 -36.13
CA ASP B 276 12.14 -25.51 -37.54
C ASP B 276 10.60 -25.55 -37.75
N TYR B 277 10.00 -24.40 -38.03
CA TYR B 277 8.56 -24.31 -38.07
C TYR B 277 7.95 -25.25 -39.12
N THR B 278 8.69 -25.54 -40.20
CA THR B 278 8.21 -26.43 -41.23
C THR B 278 8.07 -27.87 -40.74
N ARG B 279 8.69 -28.21 -39.62
CA ARG B 279 8.55 -29.56 -39.12
C ARG B 279 7.35 -29.79 -38.17
N GLN B 280 6.65 -28.73 -37.79
CA GLN B 280 5.49 -28.88 -36.90
C GLN B 280 4.43 -29.78 -37.52
N MET B 281 4.25 -29.68 -38.81
CA MET B 281 3.29 -30.51 -39.51
C MET B 281 3.69 -32.00 -39.48
N GLU B 282 4.98 -32.28 -39.58
CA GLU B 282 5.52 -33.61 -39.38
C GLU B 282 5.11 -34.19 -38.02
N VAL B 283 5.29 -33.42 -36.97
CA VAL B 283 4.97 -33.86 -35.64
C VAL B 283 3.47 -34.09 -35.57
N ALA B 284 2.69 -33.17 -36.15
CA ALA B 284 1.22 -33.32 -36.14
C ALA B 284 0.76 -34.56 -36.86
N GLN B 285 1.44 -34.90 -37.95
CA GLN B 285 1.13 -36.14 -38.69
C GLN B 285 1.37 -37.35 -37.83
N ASP B 286 2.49 -37.37 -37.11
CA ASP B 286 2.78 -38.48 -36.23
C ASP B 286 1.69 -38.61 -35.15
N ILE B 287 1.28 -37.46 -34.60
CA ILE B 287 0.22 -37.47 -33.60
C ILE B 287 -1.09 -37.99 -34.20
N ALA B 288 -1.40 -37.57 -35.44
CA ALA B 288 -2.60 -38.06 -36.13
C ALA B 288 -2.57 -39.58 -36.27
N ALA B 289 -1.45 -40.11 -36.75
CA ALA B 289 -1.32 -41.56 -36.82
C ALA B 289 -1.52 -42.20 -35.45
N GLN B 290 -0.93 -41.64 -34.38
CA GLN B 290 -1.11 -42.22 -33.04
C GLN B 290 -2.57 -42.23 -32.66
N LEU B 291 -3.27 -41.13 -32.94
CA LEU B 291 -4.70 -41.04 -32.60
C LEU B 291 -5.52 -42.09 -33.36
N GLU B 292 -5.07 -42.43 -34.55
CA GLU B 292 -5.77 -43.43 -35.37
C GLU B 292 -5.49 -44.84 -34.93
N GLN B 293 -4.27 -45.12 -34.50
CA GLN B 293 -3.93 -46.42 -33.90
C GLN B 293 -4.60 -46.65 -32.56
N ASP B 294 -4.36 -45.72 -31.64
CA ASP B 294 -4.81 -45.81 -30.26
C ASP B 294 -4.77 -44.39 -29.66
N GLY B 295 -3.60 -43.94 -29.23
CA GLY B 295 -3.45 -42.58 -28.72
C GLY B 295 -4.28 -42.23 -27.49
N GLY B 296 -4.63 -43.25 -26.70
CA GLY B 296 -5.45 -43.06 -25.51
C GLY B 296 -4.90 -42.11 -24.44
N ASN B 297 -3.59 -41.90 -24.43
CA ASN B 297 -2.97 -41.00 -23.45
C ASN B 297 -2.80 -39.55 -23.90
N ILE B 298 -3.23 -39.23 -25.10
CA ILE B 298 -3.09 -37.86 -25.63
C ILE B 298 -4.38 -37.07 -25.38
N MET B 299 -4.27 -35.94 -24.68
CA MET B 299 -5.43 -35.10 -24.44
C MET B 299 -5.27 -33.75 -25.11
N GLY B 300 -4.11 -33.50 -25.69
CA GLY B 300 -3.88 -32.18 -26.26
C GLY B 300 -2.63 -32.03 -27.08
N VAL B 301 -2.58 -30.92 -27.82
CA VAL B 301 -1.49 -30.60 -28.68
C VAL B 301 -1.29 -29.08 -28.65
N MET B 302 -0.06 -28.65 -28.89
CA MET B 302 0.31 -27.24 -28.92
C MET B 302 0.94 -26.95 -30.26
N VAL B 303 0.66 -25.77 -30.81
CA VAL B 303 1.11 -25.40 -32.15
C VAL B 303 1.43 -23.91 -32.20
N GLU B 304 2.58 -23.57 -32.77
CA GLU B 304 2.95 -22.17 -32.99
C GLU B 304 2.58 -21.72 -34.43
N SER B 305 1.57 -20.85 -34.51
CA SER B 305 0.86 -20.51 -35.75
C SER B 305 0.58 -19.03 -35.77
N HIS B 306 0.70 -18.40 -36.94
CA HIS B 306 0.38 -16.96 -37.08
C HIS B 306 -0.25 -16.76 -38.45
N LEU B 307 -0.63 -15.53 -38.77
CA LEU B 307 -1.18 -15.22 -40.07
C LEU B 307 -0.18 -15.53 -41.15
N VAL B 308 1.06 -15.12 -40.92
CA VAL B 308 2.16 -15.31 -41.84
C VAL B 308 3.23 -16.21 -41.23
N GLU B 309 3.83 -17.08 -42.06
CA GLU B 309 4.85 -18.00 -41.56
C GLU B 309 6.24 -17.38 -41.31
N GLY B 310 7.09 -18.10 -40.58
CA GLY B 310 8.46 -17.67 -40.35
C GLY B 310 8.61 -16.76 -39.15
N ARG B 311 9.65 -15.95 -39.14
CA ARG B 311 9.88 -14.98 -38.08
C ARG B 311 10.64 -13.79 -38.60
N GLN B 312 10.73 -12.75 -37.78
CA GLN B 312 11.43 -11.54 -38.17
C GLN B 312 11.99 -10.84 -36.93
N ASP B 313 13.15 -10.21 -37.09
CA ASP B 313 13.78 -9.53 -35.96
C ASP B 313 13.08 -8.24 -35.63
N LYS B 314 12.67 -7.48 -36.63
CA LYS B 314 11.94 -6.24 -36.42
C LYS B 314 10.46 -6.45 -36.82
N PRO B 315 9.52 -5.72 -36.18
CA PRO B 315 8.09 -5.90 -36.47
C PRO B 315 7.64 -5.19 -37.73
N GLU B 316 8.20 -5.58 -38.87
CA GLU B 316 7.94 -4.87 -40.13
C GLU B 316 6.70 -5.40 -40.82
N VAL B 317 6.63 -6.73 -40.94
CA VAL B 317 5.53 -7.44 -41.58
C VAL B 317 4.39 -7.70 -40.60
N TYR B 318 3.16 -7.49 -41.07
CA TYR B 318 1.93 -7.72 -40.34
C TYR B 318 1.69 -9.20 -40.11
N GLY B 319 1.46 -9.58 -38.87
CA GLY B 319 1.06 -10.95 -38.53
C GLY B 319 2.18 -11.98 -38.64
N LYS B 320 3.41 -11.51 -38.46
CA LYS B 320 4.58 -12.37 -38.57
C LYS B 320 5.38 -12.29 -37.30
N SER B 321 5.72 -13.45 -36.74
CA SER B 321 6.29 -13.55 -35.35
C SER B 321 7.62 -12.81 -35.21
N ILE B 322 7.84 -12.17 -34.06
CA ILE B 322 9.15 -11.60 -33.74
C ILE B 322 9.90 -12.44 -32.70
N THR B 323 9.31 -13.55 -32.26
CA THR B 323 10.01 -14.52 -31.44
C THR B 323 10.18 -15.84 -32.25
N ASP B 324 9.76 -17.00 -31.72
CA ASP B 324 9.96 -18.26 -32.46
C ASP B 324 9.18 -18.21 -33.77
N ALA B 325 9.72 -18.87 -34.79
CA ALA B 325 9.06 -18.93 -36.08
C ALA B 325 7.79 -19.76 -35.99
N CYS B 326 6.77 -19.34 -36.72
CA CYS B 326 5.47 -20.01 -36.74
C CYS B 326 5.09 -20.50 -38.13
N ILE B 327 4.21 -21.48 -38.20
CA ILE B 327 3.54 -21.79 -39.46
C ILE B 327 2.53 -20.68 -39.78
N GLY B 328 2.24 -20.51 -41.06
CA GLY B 328 1.30 -19.47 -41.54
C GLY B 328 -0.13 -19.96 -41.52
N TRP B 329 -1.05 -19.15 -42.01
CA TRP B 329 -2.46 -19.48 -41.87
C TRP B 329 -2.86 -20.70 -42.71
N GLY B 330 -2.30 -20.82 -43.91
CA GLY B 330 -2.67 -21.89 -44.82
C GLY B 330 -2.32 -23.23 -44.21
N ALA B 331 -1.10 -23.34 -43.69
CA ALA B 331 -0.65 -24.59 -43.07
C ALA B 331 -1.46 -24.83 -41.80
N THR B 332 -1.85 -23.75 -41.12
CA THR B 332 -2.68 -23.88 -39.94
C THR B 332 -4.01 -24.59 -40.30
N GLU B 333 -4.62 -24.19 -41.42
CA GLU B 333 -5.87 -24.85 -41.86
C GLU B 333 -5.67 -26.33 -42.08
N GLU B 334 -4.59 -26.69 -42.74
CA GLU B 334 -4.29 -28.11 -43.00
C GLU B 334 -4.03 -28.93 -41.73
N LEU B 335 -3.26 -28.35 -40.81
CA LEU B 335 -2.87 -29.03 -39.58
C LEU B 335 -4.12 -29.32 -38.76
N LEU B 336 -4.97 -28.32 -38.60
CA LEU B 336 -6.21 -28.51 -37.84
C LEU B 336 -7.14 -29.52 -38.50
N ALA B 337 -7.31 -29.47 -39.82
CA ALA B 337 -8.16 -30.47 -40.52
C ALA B 337 -7.62 -31.88 -40.30
N LEU B 338 -6.30 -32.03 -40.39
CA LEU B 338 -5.63 -33.31 -40.13
C LEU B 338 -5.92 -33.84 -38.72
N LEU B 339 -5.74 -33.02 -37.70
CA LEU B 339 -6.01 -33.47 -36.32
C LEU B 339 -7.50 -33.73 -36.05
N ALA B 340 -8.38 -32.92 -36.62
CA ALA B 340 -9.82 -33.14 -36.47
C ALA B 340 -10.27 -34.46 -37.08
N GLY B 341 -9.77 -34.78 -38.26
CA GLY B 341 -10.15 -36.03 -38.90
C GLY B 341 -9.65 -37.26 -38.15
N ALA B 342 -8.41 -37.17 -37.66
CA ALA B 342 -7.81 -38.27 -36.93
C ALA B 342 -8.56 -38.49 -35.62
N ASN B 343 -8.82 -37.40 -34.90
CA ASN B 343 -9.49 -37.55 -33.61
C ASN B 343 -10.95 -37.95 -33.74
N LYS B 344 -11.61 -37.54 -34.82
CA LYS B 344 -12.94 -38.01 -35.09
C LYS B 344 -12.99 -39.55 -35.12
N LYS B 345 -11.96 -40.16 -35.70
CA LYS B 345 -11.85 -41.60 -35.72
C LYS B 345 -11.60 -42.18 -34.35
N ARG B 346 -10.73 -41.55 -33.59
CA ARG B 346 -10.48 -42.01 -32.22
C ARG B 346 -11.77 -41.99 -31.44
N MET B 347 -12.51 -40.87 -31.50
CA MET B 347 -13.73 -40.70 -30.73
C MET B 347 -14.82 -41.66 -31.13
N ALA B 348 -14.84 -42.09 -32.38
CA ALA B 348 -15.83 -43.06 -32.84
C ALA B 348 -15.56 -44.53 -32.44
N ARG B 349 -14.39 -44.85 -31.91
CA ARG B 349 -13.90 -46.23 -31.90
C ARG B 349 -14.71 -47.26 -31.09
N GLU C 17 9.57 7.11 7.14
CA GLU C 17 8.59 6.20 6.51
C GLU C 17 7.58 5.64 7.51
N LEU C 18 6.28 5.80 7.27
CA LEU C 18 5.25 5.51 8.28
C LEU C 18 4.89 4.03 8.40
N LEU C 19 5.05 3.44 9.58
CA LEU C 19 4.59 2.08 9.80
C LEU C 19 3.08 2.06 9.89
N PRO C 20 2.47 1.02 9.32
CA PRO C 20 1.03 0.86 9.40
C PRO C 20 0.59 0.36 10.78
N PRO C 21 -0.69 0.54 11.12
CA PRO C 21 -1.18 0.05 12.38
C PRO C 21 -0.89 -1.39 12.66
N ILE C 22 -0.93 -2.26 11.67
CA ILE C 22 -0.63 -3.68 11.96
C ILE C 22 0.74 -3.95 12.57
N ALA C 23 1.72 -3.08 12.29
CA ALA C 23 3.06 -3.28 12.86
C ALA C 23 2.98 -3.09 14.37
N HIS C 24 2.25 -2.06 14.78
CA HIS C 24 2.08 -1.75 16.18
C HIS C 24 1.19 -2.76 16.86
N LEU C 25 0.11 -3.20 16.20
CA LEU C 25 -0.75 -4.25 16.75
C LEU C 25 -0.05 -5.60 16.93
N TYR C 26 0.89 -5.89 16.04
CA TYR C 26 1.74 -7.07 16.15
C TYR C 26 2.59 -7.06 17.42
N GLU C 27 3.23 -5.92 17.71
CA GLU C 27 4.07 -5.77 18.89
C GLU C 27 3.27 -5.66 20.17
N LEU C 28 2.08 -5.04 20.10
CA LEU C 28 1.30 -4.69 21.27
C LEU C 28 -0.15 -5.07 21.11
N PRO C 29 -0.41 -6.36 20.99
CA PRO C 29 -1.79 -6.78 20.75
C PRO C 29 -2.61 -6.54 22.02
N ILE C 30 -3.87 -6.24 21.87
CA ILE C 30 -4.72 -5.97 23.02
C ILE C 30 -4.85 -7.26 23.87
N SER C 31 -4.79 -7.16 25.19
CA SER C 31 -4.95 -8.32 26.05
C SER C 31 -6.44 -8.62 26.31
N LYS C 32 -6.71 -9.84 26.80
CA LYS C 32 -8.05 -10.23 27.26
C LYS C 32 -8.54 -9.21 28.26
N GLU C 33 -7.68 -8.82 29.21
CA GLU C 33 -8.11 -7.94 30.28
C GLU C 33 -8.40 -6.54 29.78
N ALA C 34 -7.52 -6.02 28.94
CA ALA C 34 -7.73 -4.67 28.44
C ALA C 34 -8.97 -4.62 27.54
N SER C 35 -9.15 -5.66 26.74
CA SER C 35 -10.37 -5.79 25.90
C SER C 35 -11.63 -5.72 26.75
N GLY C 36 -11.62 -6.50 27.84
CA GLY C 36 -12.75 -6.57 28.77
C GLY C 36 -13.01 -5.26 29.45
N LEU C 37 -11.96 -4.60 29.92
CA LEU C 37 -12.12 -3.30 30.55
C LEU C 37 -12.68 -2.24 29.59
N VAL C 38 -12.21 -2.26 28.36
CA VAL C 38 -12.70 -1.31 27.36
C VAL C 38 -14.18 -1.54 27.06
N HIS C 39 -14.51 -2.79 26.80
CA HIS C 39 -15.87 -3.17 26.49
C HIS C 39 -16.82 -2.78 27.63
N ARG C 40 -16.46 -3.13 28.86
CA ARG C 40 -17.28 -2.83 29.99
C ARG C 40 -17.45 -1.33 30.22
N THR C 41 -16.36 -0.58 30.17
CA THR C 41 -16.39 0.85 30.44
C THR C 41 -17.21 1.59 29.38
N ARG C 42 -17.09 1.21 28.11
CA ARG C 42 -17.93 1.81 27.06
C ARG C 42 -19.41 1.57 27.33
N GLN C 43 -19.78 0.34 27.70
CA GLN C 43 -21.17 0.00 28.07
C GLN C 43 -21.63 0.82 29.27
N GLU C 44 -20.76 0.97 30.28
CA GLU C 44 -21.11 1.72 31.48
C GLU C 44 -21.35 3.15 31.15
N ILE C 45 -20.50 3.71 30.33
CA ILE C 45 -20.66 5.10 29.92
C ILE C 45 -21.94 5.27 29.07
N SER C 46 -22.23 4.31 28.20
CA SER C 46 -23.45 4.37 27.41
C SER C 46 -24.65 4.43 28.36
N ASP C 47 -24.60 3.66 29.45
CA ASP C 47 -25.67 3.62 30.44
C ASP C 47 -25.87 5.00 31.07
N LEU C 48 -24.79 5.74 31.24
CA LEU C 48 -24.89 7.11 31.78
C LEU C 48 -25.47 8.05 30.72
N VAL C 49 -25.01 7.93 29.48
CA VAL C 49 -25.47 8.80 28.41
C VAL C 49 -27.00 8.67 28.23
N HIS C 50 -27.52 7.46 28.40
CA HIS C 50 -28.91 7.17 28.14
C HIS C 50 -29.71 7.04 29.44
N GLY C 51 -29.19 7.62 30.51
CA GLY C 51 -29.95 7.77 31.73
C GLY C 51 -30.32 6.46 32.46
N ARG C 52 -29.58 5.38 32.21
CA ARG C 52 -29.83 4.11 32.89
C ARG C 52 -29.08 3.94 34.21
N ASP C 53 -28.08 4.79 34.46
CA ASP C 53 -27.32 4.77 35.71
C ASP C 53 -27.06 6.22 36.06
N LYS C 54 -27.07 6.54 37.34
CA LYS C 54 -26.97 7.91 37.83
C LYS C 54 -25.57 8.21 38.40
N ARG C 55 -24.63 7.30 38.23
CA ARG C 55 -23.23 7.63 38.51
C ARG C 55 -22.76 8.76 37.62
N LEU C 56 -21.72 9.44 38.06
CA LEU C 56 -21.18 10.57 37.39
C LEU C 56 -19.89 10.18 36.70
N LEU C 57 -19.84 10.29 35.37
CA LEU C 57 -18.59 10.02 34.65
C LEU C 57 -17.62 11.13 34.97
N VAL C 58 -16.38 10.78 35.30
CA VAL C 58 -15.36 11.81 35.56
C VAL C 58 -14.12 11.59 34.68
N ILE C 59 -13.95 12.48 33.70
CA ILE C 59 -12.81 12.43 32.80
C ILE C 59 -11.75 13.32 33.42
N ILE C 60 -10.72 12.72 33.99
CA ILE C 60 -9.78 13.48 34.79
C ILE C 60 -8.33 13.04 34.58
N GLY C 61 -7.44 14.03 34.48
CA GLY C 61 -6.04 13.76 34.28
C GLY C 61 -5.36 14.91 33.58
N PRO C 62 -4.12 14.72 33.14
CA PRO C 62 -3.35 15.79 32.53
C PRO C 62 -4.00 16.40 31.32
N CYS C 63 -3.68 17.68 31.09
CA CYS C 63 -4.07 18.32 29.81
C CYS C 63 -3.52 17.49 28.64
N SER C 64 -2.25 17.14 28.76
CA SER C 64 -1.56 16.33 27.76
C SER C 64 -0.58 15.37 28.41
N ILE C 65 -0.39 14.23 27.79
CA ILE C 65 0.63 13.29 28.21
C ILE C 65 1.92 13.68 27.50
N HIS C 66 2.96 13.98 28.29
CA HIS C 66 4.30 14.17 27.75
C HIS C 66 5.37 13.24 28.35
N ASP C 67 5.00 12.49 29.38
CA ASP C 67 5.91 11.53 30.02
C ASP C 67 5.12 10.32 30.52
N PRO C 68 5.46 9.13 30.02
CA PRO C 68 4.78 7.91 30.42
C PRO C 68 5.02 7.49 31.86
N LYS C 69 6.21 7.75 32.38
CA LYS C 69 6.51 7.40 33.76
C LYS C 69 5.58 8.16 34.68
N ALA C 70 5.52 9.48 34.53
CA ALA C 70 4.60 10.30 35.33
C ALA C 70 3.15 9.90 35.13
N ALA C 71 2.79 9.52 33.91
CA ALA C 71 1.43 9.10 33.60
C ALA C 71 1.04 7.84 34.33
N LEU C 72 1.93 6.86 34.34
CA LEU C 72 1.67 5.62 35.04
C LEU C 72 1.58 5.86 36.54
N GLU C 73 2.40 6.76 37.09
CA GLU C 73 2.34 7.07 38.52
C GLU C 73 1.01 7.73 38.85
N TYR C 74 0.60 8.69 38.03
CA TYR C 74 -0.66 9.37 38.20
C TYR C 74 -1.79 8.33 38.18
N ALA C 75 -1.74 7.42 37.20
CA ALA C 75 -2.78 6.41 37.02
C ALA C 75 -2.89 5.51 38.23
N GLU C 76 -1.76 5.14 38.79
CA GLU C 76 -1.78 4.27 39.96
C GLU C 76 -2.51 4.95 41.13
N ARG C 77 -2.24 6.22 41.35
CA ARG C 77 -2.97 6.99 42.38
C ARG C 77 -4.46 7.11 42.05
N LEU C 78 -4.76 7.41 40.79
CA LEU C 78 -6.15 7.60 40.38
C LEU C 78 -6.93 6.32 40.52
N LEU C 79 -6.28 5.19 40.23
CA LEU C 79 -6.94 3.89 40.33
C LEU C 79 -7.52 3.64 41.72
N LYS C 80 -6.74 3.97 42.74
CA LYS C 80 -7.23 3.83 44.12
C LYS C 80 -8.51 4.62 44.39
N LEU C 81 -8.62 5.81 43.82
CA LEU C 81 -9.82 6.62 43.98
C LEU C 81 -10.95 6.12 43.09
N ARG C 82 -10.61 5.59 41.92
CA ARG C 82 -11.58 4.97 41.05
C ARG C 82 -12.32 3.85 41.78
N LYS C 83 -11.55 3.01 42.50
CA LYS C 83 -12.15 1.94 43.29
C LYS C 83 -12.96 2.46 44.44
N GLN C 84 -12.39 3.39 45.18
CA GLN C 84 -13.03 3.93 46.37
C GLN C 84 -14.39 4.55 46.06
N TYR C 85 -14.47 5.28 44.94
CA TYR C 85 -15.69 6.02 44.62
C TYR C 85 -16.56 5.33 43.54
N GLU C 86 -16.30 4.06 43.27
CA GLU C 86 -16.93 3.36 42.16
C GLU C 86 -18.45 3.29 42.23
N ASN C 87 -19.06 3.49 43.40
CA ASN C 87 -20.51 3.47 43.49
C ASN C 87 -21.15 4.79 43.18
N GLU C 88 -20.35 5.86 43.26
CA GLU C 88 -20.79 7.22 42.99
C GLU C 88 -20.24 7.78 41.67
N LEU C 89 -18.99 7.46 41.36
CA LEU C 89 -18.29 8.03 40.21
C LEU C 89 -17.72 6.92 39.35
N LEU C 90 -17.67 7.20 38.05
CA LEU C 90 -17.01 6.33 37.10
C LEU C 90 -15.84 7.12 36.58
N ILE C 91 -14.68 6.81 37.13
CA ILE C 91 -13.48 7.58 36.88
C ILE C 91 -12.70 6.97 35.72
N VAL C 92 -12.31 7.85 34.79
CA VAL C 92 -11.59 7.51 33.58
C VAL C 92 -10.48 8.54 33.39
N MET C 93 -9.26 8.10 33.09
CA MET C 93 -8.14 9.03 32.99
C MET C 93 -8.07 9.77 31.65
N ARG C 94 -7.73 11.05 31.69
CA ARG C 94 -7.36 11.82 30.49
C ARG C 94 -5.99 11.36 30.04
N VAL C 95 -5.96 10.78 28.85
CA VAL C 95 -4.72 10.30 28.22
C VAL C 95 -4.67 10.89 26.80
N TYR C 96 -4.46 12.21 26.77
CA TYR C 96 -4.54 12.99 25.54
C TYR C 96 -3.21 13.02 24.80
N PHE C 97 -3.22 12.50 23.56
CA PHE C 97 -2.00 12.39 22.76
C PHE C 97 -1.93 13.46 21.67
N GLU C 98 -3.04 14.18 21.45
CA GLU C 98 -3.16 15.10 20.31
C GLU C 98 -3.73 16.41 20.80
N LYS C 99 -2.98 17.49 20.59
CA LYS C 99 -3.37 18.80 21.08
C LYS C 99 -3.60 19.80 19.94
N PRO C 100 -4.77 20.43 19.92
CA PRO C 100 -5.02 21.45 18.92
C PRO C 100 -4.50 22.76 19.45
N ARG C 101 -3.60 23.40 18.73
CA ARG C 101 -3.06 24.68 19.13
C ARG C 101 -3.83 25.85 18.53
N THR C 102 -3.71 26.98 19.20
CA THR C 102 -4.33 28.22 18.77
C THR C 102 -3.73 28.68 17.45
N THR C 103 -2.39 28.68 17.36
CA THR C 103 -1.69 28.86 16.11
C THR C 103 -0.73 27.69 15.86
N VAL C 104 0.49 27.80 16.40
CA VAL C 104 1.50 26.77 16.26
C VAL C 104 1.93 26.35 17.67
N GLY C 105 2.64 25.23 17.78
CA GLY C 105 3.16 24.75 19.05
C GLY C 105 3.20 23.24 19.05
N TRP C 106 3.59 22.67 20.20
CA TRP C 106 3.70 21.22 20.37
C TRP C 106 2.33 20.57 20.28
N LYS C 107 2.18 19.59 19.40
CA LYS C 107 0.87 18.99 19.15
C LYS C 107 0.62 17.72 19.93
N GLY C 108 1.56 17.34 20.78
CA GLY C 108 1.39 16.15 21.61
C GLY C 108 2.39 15.04 21.39
N LEU C 109 2.25 13.98 22.18
CA LEU C 109 3.23 12.91 22.22
C LEU C 109 3.37 12.15 20.90
N ILE C 110 2.26 11.98 20.19
CA ILE C 110 2.28 11.24 18.94
C ILE C 110 3.05 12.04 17.90
N ASN C 111 2.73 13.31 17.75
CA ASN C 111 3.37 14.15 16.74
C ASN C 111 4.86 14.40 17.00
N ASP C 112 5.22 14.62 18.26
CA ASP C 112 6.60 14.96 18.64
C ASP C 112 6.98 14.37 20.00
N PRO C 113 7.17 13.05 20.07
CA PRO C 113 7.36 12.37 21.36
C PRO C 113 8.60 12.82 22.12
N HIS C 114 9.69 13.15 21.44
CA HIS C 114 10.90 13.57 22.14
C HIS C 114 10.89 15.04 22.56
N LEU C 115 9.79 15.75 22.31
CA LEU C 115 9.58 17.10 22.81
C LEU C 115 10.64 18.08 22.33
N ASP C 116 11.23 17.78 21.18
CA ASP C 116 12.34 18.57 20.63
C ASP C 116 12.22 19.03 19.16
N GLY C 117 11.08 18.83 18.52
CA GLY C 117 10.94 19.17 17.11
C GLY C 117 11.56 18.18 16.18
N THR C 118 11.63 16.93 16.58
CA THR C 118 12.14 15.88 15.70
C THR C 118 10.99 15.10 15.07
N PHE C 119 9.78 15.25 15.60
CA PHE C 119 8.60 14.67 14.97
C PHE C 119 8.72 13.18 14.68
N ASP C 120 9.14 12.41 15.69
CA ASP C 120 9.38 10.99 15.49
C ASP C 120 8.06 10.27 15.66
N ILE C 121 7.21 10.39 14.65
CA ILE C 121 5.82 9.94 14.78
C ILE C 121 5.67 8.43 14.92
N ASN C 122 6.55 7.65 14.30
CA ASN C 122 6.51 6.21 14.53
C ASN C 122 6.75 5.88 16.01
N PHE C 123 7.72 6.53 16.63
CA PHE C 123 8.02 6.29 18.03
C PHE C 123 6.83 6.72 18.86
N GLY C 124 6.26 7.87 18.49
CA GLY C 124 5.16 8.44 19.27
C GLY C 124 3.93 7.56 19.27
N LEU C 125 3.62 6.98 18.10
CA LEU C 125 2.48 6.07 18.02
C LEU C 125 2.77 4.80 18.86
N ARG C 126 3.99 4.28 18.79
CA ARG C 126 4.33 3.08 19.54
C ARG C 126 4.19 3.34 21.04
N GLN C 127 4.69 4.48 21.47
CA GLN C 127 4.71 4.83 22.89
C GLN C 127 3.27 5.11 23.37
N ALA C 128 2.45 5.76 22.55
CA ALA C 128 1.06 6.03 22.89
C ALA C 128 0.31 4.72 23.05
N ARG C 129 0.53 3.79 22.12
CA ARG C 129 -0.12 2.49 22.24
C ARG C 129 0.36 1.70 23.49
N SER C 130 1.65 1.73 23.76
CA SER C 130 2.22 0.99 24.90
C SER C 130 1.68 1.52 26.21
N LEU C 131 1.65 2.83 26.35
CA LEU C 131 1.10 3.45 27.52
C LEU C 131 -0.37 3.04 27.73
N LEU C 132 -1.16 3.12 26.67
CA LEU C 132 -2.58 2.80 26.76
C LEU C 132 -2.81 1.31 27.13
N LEU C 133 -1.98 0.44 26.59
CA LEU C 133 -2.06 -0.97 26.93
C LEU C 133 -1.72 -1.21 28.42
N SER C 134 -0.70 -0.54 28.95
CA SER C 134 -0.33 -0.65 30.38
C SER C 134 -1.41 -0.08 31.27
N LEU C 135 -2.00 1.06 30.87
CA LEU C 135 -3.02 1.68 31.69
C LEU C 135 -4.21 0.73 31.80
N ASN C 136 -4.71 0.25 30.66
CA ASN C 136 -5.84 -0.67 30.69
C ASN C 136 -5.51 -1.94 31.47
N ASN C 137 -4.32 -2.50 31.26
CA ASN C 137 -3.90 -3.68 32.00
C ASN C 137 -3.86 -3.50 33.52
N MET C 138 -3.56 -2.30 34.00
CA MET C 138 -3.58 -2.07 35.45
C MET C 138 -4.98 -1.78 36.00
N GLY C 139 -5.99 -1.72 35.13
CA GLY C 139 -7.36 -1.47 35.53
C GLY C 139 -7.87 -0.05 35.33
N MET C 140 -7.09 0.83 34.69
CA MET C 140 -7.48 2.23 34.48
C MET C 140 -7.88 2.48 33.01
N PRO C 141 -9.17 2.69 32.75
CA PRO C 141 -9.57 3.07 31.40
C PRO C 141 -9.11 4.45 31.00
N ALA C 142 -9.07 4.67 29.69
CA ALA C 142 -8.45 5.84 29.11
C ALA C 142 -9.38 6.60 28.19
N SER C 143 -9.17 7.92 28.14
CA SER C 143 -9.87 8.82 27.26
C SER C 143 -8.87 9.67 26.50
N THR C 144 -9.28 10.19 25.35
CA THR C 144 -8.45 11.09 24.58
C THR C 144 -9.30 11.97 23.68
N GLU C 145 -8.75 13.10 23.24
CA GLU C 145 -9.35 13.86 22.13
C GLU C 145 -8.93 13.21 20.80
N PHE C 146 -9.91 12.92 19.95
CA PHE C 146 -9.66 12.44 18.61
C PHE C 146 -9.58 13.66 17.67
N LEU C 147 -8.36 14.03 17.33
CA LEU C 147 -8.11 15.21 16.53
C LEU C 147 -7.71 14.85 15.10
N ASP C 148 -6.75 13.94 14.97
N ASP C 148 -6.74 13.94 14.97
CA ASP C 148 -6.17 13.57 13.69
CA ASP C 148 -6.14 13.59 13.70
C ASP C 148 -6.98 12.47 13.04
C ASP C 148 -6.96 12.46 13.04
N MET C 149 -7.02 12.46 11.71
CA MET C 149 -7.89 11.52 10.97
C MET C 149 -7.34 10.11 10.84
N ILE C 150 -6.02 9.96 10.77
CA ILE C 150 -5.40 8.65 10.53
C ILE C 150 -4.87 7.92 11.80
N THR C 151 -4.45 8.68 12.81
CA THR C 151 -3.91 8.07 14.03
C THR C 151 -4.83 7.12 14.80
N PRO C 152 -6.18 7.29 14.73
CA PRO C 152 -7.02 6.44 15.58
C PRO C 152 -6.88 4.94 15.37
N GLN C 153 -6.61 4.52 14.15
CA GLN C 153 -6.42 3.10 13.87
C GLN C 153 -5.31 2.46 14.68
N TYR C 154 -4.41 3.29 15.20
CA TYR C 154 -3.27 2.78 15.96
C TYR C 154 -3.59 2.47 17.42
N TYR C 155 -4.55 3.19 18.00
CA TYR C 155 -4.89 3.05 19.41
C TYR C 155 -6.37 2.97 19.85
N ALA C 156 -7.33 3.15 18.95
CA ALA C 156 -8.72 3.40 19.38
C ALA C 156 -9.30 2.20 20.09
N ASP C 157 -8.77 1.02 19.79
CA ASP C 157 -9.20 -0.20 20.48
C ASP C 157 -8.95 -0.17 22.01
N LEU C 158 -8.13 0.77 22.47
CA LEU C 158 -7.82 0.91 23.90
C LEU C 158 -8.48 2.12 24.55
N ILE C 159 -9.35 2.80 23.80
CA ILE C 159 -10.01 4.02 24.30
C ILE C 159 -11.45 3.75 24.71
N SER C 160 -11.82 4.17 25.92
CA SER C 160 -13.18 3.96 26.43
C SER C 160 -14.11 5.17 26.21
N TRP C 161 -13.54 6.34 25.93
CA TRP C 161 -14.32 7.56 25.73
C TRP C 161 -13.47 8.54 24.95
N GLY C 162 -14.09 9.24 24.00
CA GLY C 162 -13.39 10.20 23.13
C GLY C 162 -14.03 11.56 23.18
N ALA C 163 -13.20 12.59 23.06
CA ALA C 163 -13.66 13.95 22.91
C ALA C 163 -13.45 14.41 21.47
N ILE C 164 -14.38 15.19 20.97
CA ILE C 164 -14.12 16.05 19.82
C ILE C 164 -14.03 17.48 20.36
N GLY C 165 -12.91 18.13 20.13
CA GLY C 165 -12.64 19.42 20.76
C GLY C 165 -13.53 20.57 20.31
N ALA C 166 -13.50 21.63 21.11
CA ALA C 166 -14.24 22.85 20.78
C ALA C 166 -13.91 23.37 19.39
N ARG C 167 -12.67 23.19 18.97
CA ARG C 167 -12.20 23.76 17.69
C ARG C 167 -12.56 22.94 16.45
N THR C 168 -13.06 21.72 16.69
CA THR C 168 -13.33 20.75 15.64
C THR C 168 -14.77 20.15 15.66
N THR C 169 -15.59 20.52 16.65
CA THR C 169 -16.93 19.96 16.77
C THR C 169 -17.82 20.31 15.57
N GLU C 170 -17.62 21.49 14.99
CA GLU C 170 -18.38 21.92 13.80
C GLU C 170 -17.86 21.33 12.47
N SER C 171 -16.71 20.65 12.54
CA SER C 171 -16.04 20.05 11.36
C SER C 171 -16.67 18.73 10.92
N GLN C 172 -17.09 18.69 9.65
CA GLN C 172 -17.74 17.48 9.15
C GLN C 172 -16.82 16.28 9.18
N VAL C 173 -15.51 16.45 9.00
CA VAL C 173 -14.62 15.29 8.99
C VAL C 173 -14.49 14.67 10.41
N HIS C 174 -14.66 15.49 11.44
CA HIS C 174 -14.65 14.99 12.81
C HIS C 174 -15.94 14.33 13.19
N ARG C 175 -17.05 14.84 12.67
CA ARG C 175 -18.33 14.20 12.91
C ARG C 175 -18.37 12.84 12.19
N GLU C 176 -17.78 12.75 11.00
CA GLU C 176 -17.65 11.48 10.30
C GLU C 176 -16.85 10.51 11.17
N LEU C 177 -15.68 10.96 11.60
CA LEU C 177 -14.80 10.12 12.42
C LEU C 177 -15.58 9.57 13.62
N ALA C 178 -16.28 10.45 14.31
CA ALA C 178 -17.02 10.09 15.50
C ALA C 178 -18.09 9.05 15.20
N SER C 179 -18.74 9.18 14.03
CA SER C 179 -19.79 8.27 13.62
C SER C 179 -19.33 6.84 13.48
N GLY C 180 -18.03 6.66 13.25
CA GLY C 180 -17.48 5.32 13.16
C GLY C 180 -16.71 4.80 14.38
N LEU C 181 -16.55 5.61 15.43
CA LEU C 181 -15.82 5.12 16.62
C LEU C 181 -16.69 4.17 17.43
N SER C 182 -16.09 3.17 18.07
CA SER C 182 -16.87 2.26 18.90
C SER C 182 -17.03 2.69 20.37
N CYS C 183 -16.49 3.84 20.76
CA CYS C 183 -16.63 4.35 22.12
C CYS C 183 -17.59 5.51 22.12
N PRO C 184 -18.19 5.82 23.30
CA PRO C 184 -18.98 7.03 23.38
C PRO C 184 -18.10 8.25 23.11
N VAL C 185 -18.74 9.32 22.68
CA VAL C 185 -18.05 10.54 22.29
C VAL C 185 -18.78 11.78 22.80
N GLY C 186 -18.00 12.69 23.38
CA GLY C 186 -18.47 13.98 23.80
C GLY C 186 -18.02 15.07 22.86
N PHE C 187 -18.97 15.91 22.40
CA PHE C 187 -18.70 17.03 21.54
C PHE C 187 -18.74 18.30 22.35
N LYS C 188 -17.68 19.08 22.29
CA LYS C 188 -17.61 20.33 23.01
C LYS C 188 -18.24 21.49 22.28
N ASN C 189 -18.85 22.40 23.03
CA ASN C 189 -19.31 23.67 22.49
C ASN C 189 -18.11 24.43 21.91
N GLY C 190 -18.38 25.37 21.00
CA GLY C 190 -17.33 26.12 20.32
C GLY C 190 -16.61 27.10 21.23
N THR C 191 -15.43 27.53 20.81
CA THR C 191 -14.57 28.32 21.70
C THR C 191 -15.18 29.64 22.12
N ASP C 192 -16.13 30.16 21.35
CA ASP C 192 -16.87 31.35 21.76
C ASP C 192 -18.16 31.07 22.52
N GLY C 193 -18.51 29.79 22.70
CA GLY C 193 -19.69 29.43 23.50
C GLY C 193 -20.86 28.81 22.77
N ASN C 194 -20.74 28.63 21.45
CA ASN C 194 -21.84 28.11 20.66
C ASN C 194 -22.09 26.66 20.97
N LEU C 195 -23.25 26.39 21.56
CA LEU C 195 -23.68 25.04 21.88
C LEU C 195 -24.37 24.30 20.72
N LYS C 196 -25.04 25.06 19.86
CA LYS C 196 -25.78 24.43 18.78
C LYS C 196 -24.88 23.54 17.91
N ILE C 197 -23.64 23.94 17.69
CA ILE C 197 -22.76 23.13 16.85
C ILE C 197 -22.51 21.75 17.44
N ALA C 198 -22.56 21.63 18.77
CA ALA C 198 -22.38 20.35 19.41
C ALA C 198 -23.66 19.49 19.32
N ILE C 199 -24.80 20.13 19.43
CA ILE C 199 -26.07 19.45 19.28
C ILE C 199 -26.20 18.94 17.83
N ASP C 200 -25.88 19.82 16.87
CA ASP C 200 -25.82 19.45 15.44
C ASP C 200 -24.92 18.25 15.26
N ALA C 201 -23.76 18.28 15.94
CA ALA C 201 -22.76 17.22 15.78
C ALA C 201 -23.28 15.86 16.21
N ILE C 202 -24.01 15.80 17.32
CA ILE C 202 -24.64 14.54 17.73
C ILE C 202 -25.56 14.02 16.63
N GLY C 203 -26.39 14.93 16.12
CA GLY C 203 -27.26 14.64 15.00
C GLY C 203 -26.47 14.02 13.85
N ALA C 204 -25.40 14.69 13.43
CA ALA C 204 -24.54 14.18 12.36
C ALA C 204 -23.91 12.84 12.72
N ALA C 205 -23.25 12.76 13.86
CA ALA C 205 -22.46 11.55 14.21
C ALA C 205 -23.30 10.32 14.49
N SER C 206 -24.56 10.52 14.86
CA SER C 206 -25.45 9.39 15.12
C SER C 206 -25.92 8.73 13.82
N HIS C 207 -25.78 9.42 12.68
CA HIS C 207 -26.13 8.82 11.39
C HIS C 207 -24.98 8.09 10.72
N SER C 208 -25.35 7.25 9.81
CA SER C 208 -24.44 6.59 8.91
C SER C 208 -23.71 7.60 7.98
N HIS C 209 -22.42 7.35 7.72
CA HIS C 209 -21.62 8.17 6.79
C HIS C 209 -20.77 7.31 5.86
N HIS C 210 -20.49 7.85 4.69
CA HIS C 210 -19.50 7.31 3.79
C HIS C 210 -18.43 8.33 3.57
N PHE C 211 -17.18 7.92 3.70
CA PHE C 211 -16.07 8.83 3.53
C PHE C 211 -14.79 8.02 3.38
N LEU C 212 -13.68 8.72 3.15
CA LEU C 212 -12.39 8.09 3.02
C LEU C 212 -11.66 8.03 4.36
N SER C 213 -11.03 6.89 4.59
CA SER C 213 -10.27 6.61 5.80
C SER C 213 -9.19 5.60 5.46
N VAL C 214 -8.31 5.31 6.41
CA VAL C 214 -7.15 4.47 6.16
C VAL C 214 -7.28 3.16 6.93
N THR C 215 -6.97 2.04 6.28
CA THR C 215 -7.11 0.71 6.89
C THR C 215 -5.95 0.41 7.89
N LYS C 216 -6.07 -0.72 8.58
CA LYS C 216 -5.03 -1.21 9.49
C LYS C 216 -3.71 -1.52 8.74
N ALA C 217 -3.80 -1.81 7.44
CA ALA C 217 -2.61 -2.01 6.60
C ALA C 217 -1.99 -0.71 6.06
N GLY C 218 -2.56 0.44 6.39
CA GLY C 218 -1.99 1.73 6.00
C GLY C 218 -2.47 2.21 4.64
N HIS C 219 -3.54 1.60 4.12
CA HIS C 219 -4.10 1.99 2.83
C HIS C 219 -5.38 2.78 2.89
N SER C 220 -5.50 3.81 2.07
CA SER C 220 -6.74 4.59 2.01
C SER C 220 -7.86 3.70 1.53
N ALA C 221 -9.07 3.91 2.02
CA ALA C 221 -10.23 3.10 1.62
C ALA C 221 -11.51 3.90 1.85
N ILE C 222 -12.59 3.44 1.23
CA ILE C 222 -13.90 4.01 1.48
C ILE C 222 -14.45 3.30 2.69
N VAL C 223 -14.93 4.03 3.68
CA VAL C 223 -15.62 3.39 4.80
C VAL C 223 -17.07 3.83 4.92
N HIS C 224 -17.90 2.91 5.40
CA HIS C 224 -19.32 3.12 5.65
C HIS C 224 -19.56 2.89 7.12
N THR C 225 -19.75 3.96 7.89
CA THR C 225 -19.98 3.79 9.34
C THR C 225 -21.45 3.55 9.62
N GLY C 226 -21.74 3.02 10.80
CA GLY C 226 -23.12 2.79 11.20
C GLY C 226 -23.75 3.91 12.05
N GLY C 227 -23.01 4.98 12.33
CA GLY C 227 -23.49 6.00 13.29
C GLY C 227 -23.16 5.61 14.71
N ASN C 228 -22.87 6.63 15.54
CA ASN C 228 -22.54 6.43 16.94
C ASN C 228 -23.70 6.83 17.84
N PRO C 229 -24.37 5.85 18.45
CA PRO C 229 -25.55 6.17 19.28
C PRO C 229 -25.25 6.72 20.69
N ASP C 230 -23.97 6.85 21.02
CA ASP C 230 -23.55 7.22 22.37
C ASP C 230 -22.96 8.62 22.57
N CYS C 231 -23.32 9.55 21.68
CA CYS C 231 -22.74 10.90 21.70
C CYS C 231 -23.52 11.83 22.63
N HIS C 232 -22.82 12.83 23.17
CA HIS C 232 -23.41 13.81 24.07
C HIS C 232 -22.61 15.10 24.02
N VAL C 233 -23.12 16.17 24.61
CA VAL C 233 -22.40 17.42 24.57
C VAL C 233 -21.57 17.62 25.82
N ILE C 234 -20.63 18.53 25.71
CA ILE C 234 -19.80 18.98 26.82
C ILE C 234 -19.82 20.49 26.90
N LEU C 235 -20.16 21.02 28.06
CA LEU C 235 -20.10 22.47 28.31
C LEU C 235 -18.73 22.80 28.84
N ARG C 236 -17.99 23.59 28.09
CA ARG C 236 -16.59 23.93 28.43
C ARG C 236 -16.33 25.42 28.40
N GLY C 237 -17.41 26.20 28.45
CA GLY C 237 -17.32 27.64 28.44
C GLY C 237 -17.09 28.26 27.08
N GLY C 238 -17.42 29.55 27.00
CA GLY C 238 -17.18 30.37 25.83
C GLY C 238 -16.58 31.71 26.22
N LYS C 239 -17.18 32.78 25.70
CA LYS C 239 -16.84 34.13 26.14
C LYS C 239 -17.15 34.26 27.61
N GLU C 240 -18.19 33.55 28.04
CA GLU C 240 -18.51 33.41 29.45
C GLU C 240 -18.54 31.94 29.81
N PRO C 241 -18.40 31.62 31.08
CA PRO C 241 -18.63 30.27 31.53
C PRO C 241 -20.07 29.82 31.33
N ASN C 242 -20.25 28.51 31.11
CA ASN C 242 -21.57 27.91 30.93
C ASN C 242 -21.89 26.73 31.83
N TYR C 243 -21.23 26.64 32.99
CA TYR C 243 -21.35 25.48 33.88
C TYR C 243 -22.54 25.54 34.86
N ASP C 244 -23.14 26.70 35.08
CA ASP C 244 -24.20 26.81 36.13
C ASP C 244 -25.58 26.24 35.74
N ALA C 245 -26.46 26.16 36.72
CA ALA C 245 -27.77 25.58 36.55
C ALA C 245 -28.57 26.20 35.41
N GLU C 246 -28.54 27.53 35.31
CA GLU C 246 -29.24 28.27 34.26
C GLU C 246 -28.78 27.78 32.88
N HIS C 247 -27.46 27.65 32.69
CA HIS C 247 -26.92 27.20 31.40
C HIS C 247 -27.20 25.74 31.14
N VAL C 248 -27.12 24.93 32.18
CA VAL C 248 -27.39 23.49 32.06
C VAL C 248 -28.85 23.28 31.63
N SER C 249 -29.74 24.04 32.24
CA SER C 249 -31.16 23.93 31.95
C SER C 249 -31.54 24.38 30.53
N GLU C 250 -31.02 25.54 30.13
CA GLU C 250 -31.09 25.98 28.74
C GLU C 250 -30.61 24.89 27.75
N ALA C 251 -29.48 24.26 28.06
CA ALA C 251 -28.88 23.28 27.17
C ALA C 251 -29.74 22.05 27.05
N ALA C 252 -30.26 21.60 28.19
CA ALA C 252 -31.14 20.43 28.21
C ALA C 252 -32.39 20.66 27.35
N GLU C 253 -32.94 21.85 27.42
CA GLU C 253 -34.10 22.21 26.62
C GLU C 253 -33.81 22.06 25.13
N GLN C 254 -32.70 22.64 24.69
CA GLN C 254 -32.30 22.57 23.29
C GLN C 254 -31.99 21.15 22.84
N LEU C 255 -31.36 20.40 23.73
CA LEU C 255 -31.12 19.00 23.48
C LEU C 255 -32.41 18.23 23.21
N ARG C 256 -33.37 18.36 24.11
CA ARG C 256 -34.69 17.75 23.91
C ARG C 256 -35.37 18.24 22.65
N ALA C 257 -35.26 19.53 22.34
CA ALA C 257 -35.86 20.06 21.11
C ALA C 257 -35.25 19.43 19.86
N ALA C 258 -33.97 19.10 19.90
CA ALA C 258 -33.34 18.41 18.78
C ALA C 258 -33.53 16.88 18.84
N GLY C 259 -34.25 16.37 19.83
CA GLY C 259 -34.53 14.96 19.91
C GLY C 259 -33.31 14.12 20.22
N VAL C 260 -32.35 14.68 20.94
CA VAL C 260 -31.14 13.93 21.32
C VAL C 260 -31.01 13.88 22.83
N THR C 261 -30.08 13.08 23.35
CA THR C 261 -29.97 12.90 24.79
C THR C 261 -29.76 14.24 25.50
N ASP C 262 -30.58 14.50 26.52
CA ASP C 262 -30.43 15.70 27.35
C ASP C 262 -29.57 15.48 28.62
N LYS C 263 -28.71 14.46 28.59
CA LYS C 263 -27.70 14.23 29.60
C LYS C 263 -26.39 14.74 29.04
N LEU C 264 -25.71 15.57 29.81
CA LEU C 264 -24.51 16.28 29.34
C LEU C 264 -23.35 16.26 30.36
N MET C 265 -22.20 16.71 29.89
CA MET C 265 -20.98 16.76 30.67
C MET C 265 -20.54 18.22 30.84
N ILE C 266 -19.91 18.52 31.96
CA ILE C 266 -19.44 19.85 32.25
C ILE C 266 -17.93 19.83 32.50
N ASP C 267 -17.19 20.58 31.69
CA ASP C 267 -15.75 20.71 31.85
C ASP C 267 -15.49 21.78 32.92
N CYS C 268 -14.75 21.40 33.97
CA CYS C 268 -14.35 22.37 35.01
C CYS C 268 -13.20 23.27 34.59
N SER C 269 -12.50 22.90 33.52
CA SER C 269 -11.33 23.64 33.08
C SER C 269 -11.61 24.51 31.84
N HIS C 270 -10.54 24.87 31.13
CA HIS C 270 -10.60 25.71 29.91
C HIS C 270 -11.40 26.98 30.14
N ALA C 271 -12.44 27.24 29.35
CA ALA C 271 -13.11 28.53 29.45
C ALA C 271 -14.06 28.60 30.64
N ASN C 272 -14.37 27.45 31.25
CA ASN C 272 -15.20 27.50 32.44
C ASN C 272 -14.42 27.95 33.69
N SER C 273 -13.11 27.73 33.69
CA SER C 273 -12.21 28.21 34.78
C SER C 273 -11.54 29.53 34.41
N ARG C 274 -11.88 30.04 33.22
CA ARG C 274 -11.18 31.16 32.59
C ARG C 274 -9.67 30.92 32.49
N LYS C 275 -9.33 29.69 32.13
CA LYS C 275 -7.95 29.27 31.99
C LYS C 275 -7.13 29.38 33.31
N ASP C 276 -7.81 29.49 34.46
CA ASP C 276 -7.13 29.60 35.75
C ASP C 276 -7.37 28.28 36.50
N TYR C 277 -6.31 27.49 36.67
CA TYR C 277 -6.48 26.15 37.27
C TYR C 277 -7.05 26.19 38.68
N THR C 278 -6.79 27.27 39.42
CA THR C 278 -7.32 27.42 40.79
C THR C 278 -8.83 27.59 40.81
N ARG C 279 -9.44 27.91 39.68
CA ARG C 279 -10.90 28.04 39.65
C ARG C 279 -11.67 26.75 39.30
N GLN C 280 -10.97 25.67 38.95
CA GLN C 280 -11.66 24.41 38.67
C GLN C 280 -12.47 23.91 39.86
N MET C 281 -11.96 24.09 41.06
CA MET C 281 -12.66 23.68 42.26
C MET C 281 -13.96 24.48 42.46
N GLU C 282 -13.94 25.76 42.13
CA GLU C 282 -15.13 26.62 42.13
C GLU C 282 -16.23 26.03 41.26
N VAL C 283 -15.85 25.63 40.06
CA VAL C 283 -16.80 25.06 39.15
C VAL C 283 -17.33 23.77 39.73
N ALA C 284 -16.44 22.95 40.27
CA ALA C 284 -16.83 21.65 40.83
C ALA C 284 -17.78 21.84 41.98
N GLN C 285 -17.58 22.89 42.78
CA GLN C 285 -18.49 23.19 43.88
C GLN C 285 -19.87 23.48 43.35
N ASP C 286 -19.94 24.29 42.31
CA ASP C 286 -21.23 24.65 41.74
C ASP C 286 -21.94 23.39 41.25
N ILE C 287 -21.19 22.51 40.61
CA ILE C 287 -21.76 21.27 40.13
C ILE C 287 -22.27 20.43 41.30
N ALA C 288 -21.48 20.37 42.39
CA ALA C 288 -21.88 19.64 43.56
C ALA C 288 -23.21 20.17 44.09
N ALA C 289 -23.33 21.48 44.24
CA ALA C 289 -24.60 22.08 44.68
C ALA C 289 -25.73 21.72 43.71
N GLN C 290 -25.50 21.77 42.41
CA GLN C 290 -26.52 21.32 41.47
C GLN C 290 -26.94 19.87 41.69
N LEU C 291 -25.96 18.99 41.89
CA LEU C 291 -26.27 17.57 42.08
C LEU C 291 -27.07 17.35 43.33
N GLU C 292 -26.85 18.20 44.32
CA GLU C 292 -27.61 18.13 45.58
C GLU C 292 -29.04 18.69 45.46
N GLN C 293 -29.25 19.79 44.74
CA GLN C 293 -30.62 20.32 44.50
C GLN C 293 -31.40 19.36 43.60
N ASP C 294 -30.82 19.01 42.45
CA ASP C 294 -31.48 18.19 41.43
C ASP C 294 -30.39 17.62 40.47
N GLY C 295 -29.92 18.42 39.52
CA GLY C 295 -28.84 18.01 38.64
C GLY C 295 -29.12 16.78 37.81
N GLY C 296 -30.40 16.54 37.51
CA GLY C 296 -30.81 15.39 36.68
C GLY C 296 -30.21 15.32 35.28
N ASN C 297 -29.78 16.46 34.72
CA ASN C 297 -29.23 16.48 33.35
C ASN C 297 -27.70 16.33 33.27
N ILE C 298 -27.04 16.18 34.40
CA ILE C 298 -25.60 16.04 34.44
C ILE C 298 -25.21 14.57 34.51
N MET C 299 -24.41 14.11 33.54
CA MET C 299 -23.94 12.72 33.52
C MET C 299 -22.46 12.65 33.67
N GLY C 300 -21.77 13.80 33.67
CA GLY C 300 -20.33 13.80 33.72
C GLY C 300 -19.67 15.12 33.97
N VAL C 301 -18.39 15.04 34.31
CA VAL C 301 -17.54 16.21 34.50
C VAL C 301 -16.11 15.92 34.03
N MET C 302 -15.40 16.98 33.62
N MET C 302 -15.41 16.98 33.61
CA MET C 302 -14.04 16.87 33.11
CA MET C 302 -14.04 16.91 33.11
C MET C 302 -13.17 17.74 33.99
C MET C 302 -13.17 17.74 34.01
N VAL C 303 -11.95 17.28 34.25
CA VAL C 303 -11.02 17.97 35.17
C VAL C 303 -9.57 17.80 34.71
N GLU C 304 -8.82 18.90 34.69
CA GLU C 304 -7.40 18.89 34.31
C GLU C 304 -6.53 18.83 35.57
N SER C 305 -5.92 17.68 35.78
CA SER C 305 -5.28 17.27 37.04
C SER C 305 -3.96 16.60 36.72
N HIS C 306 -2.95 16.86 37.53
CA HIS C 306 -1.66 16.17 37.40
C HIS C 306 -1.09 15.91 38.79
N LEU C 307 0.08 15.29 38.86
CA LEU C 307 0.75 15.05 40.13
C LEU C 307 1.06 16.37 40.82
N VAL C 308 1.56 17.31 40.04
CA VAL C 308 1.94 18.64 40.52
C VAL C 308 1.09 19.71 39.81
N GLU C 309 0.73 20.77 40.53
CA GLU C 309 -0.11 21.83 39.96
C GLU C 309 0.63 22.81 39.02
N GLY C 310 -0.13 23.57 38.25
CA GLY C 310 0.43 24.63 37.43
C GLY C 310 0.85 24.13 36.07
N ARG C 311 1.78 24.83 35.45
CA ARG C 311 2.29 24.44 34.13
C ARG C 311 3.69 24.94 33.96
N GLN C 312 4.35 24.51 32.89
CA GLN C 312 5.74 24.90 32.63
C GLN C 312 6.00 24.82 31.13
N ASP C 313 6.84 25.71 30.64
CA ASP C 313 7.16 25.74 29.24
C ASP C 313 8.08 24.60 28.87
N LYS C 314 9.08 24.30 29.70
CA LYS C 314 10.01 23.16 29.43
C LYS C 314 9.68 22.01 30.40
N PRO C 315 9.91 20.75 29.98
CA PRO C 315 9.57 19.60 30.84
C PRO C 315 10.59 19.34 31.95
N GLU C 316 10.81 20.34 32.80
CA GLU C 316 11.89 20.34 33.78
C GLU C 316 11.44 19.59 35.06
N VAL C 317 10.25 19.91 35.55
CA VAL C 317 9.63 19.28 36.72
C VAL C 317 8.81 18.04 36.37
N TYR C 318 8.98 17.00 37.18
CA TYR C 318 8.27 15.74 37.04
C TYR C 318 6.78 15.92 37.34
N GLY C 319 5.90 15.44 36.45
CA GLY C 319 4.46 15.37 36.68
C GLY C 319 3.79 16.73 36.68
N LYS C 320 4.36 17.67 35.95
CA LYS C 320 3.84 18.99 35.85
C LYS C 320 3.58 19.30 34.38
N SER C 321 2.39 19.82 34.10
CA SER C 321 1.92 19.99 32.70
C SER C 321 2.79 20.94 31.87
N ILE C 322 2.95 20.61 30.58
CA ILE C 322 3.59 21.53 29.62
C ILE C 322 2.58 22.15 28.68
N THR C 323 1.29 21.84 28.84
CA THR C 323 0.22 22.52 28.10
C THR C 323 -0.64 23.31 29.10
N ASP C 324 -1.98 23.12 29.14
CA ASP C 324 -2.78 23.90 30.09
C ASP C 324 -2.38 23.58 31.51
N ALA C 325 -2.48 24.57 32.38
CA ALA C 325 -2.19 24.34 33.79
C ALA C 325 -3.21 23.40 34.42
N CYS C 326 -2.74 22.56 35.34
CA CYS C 326 -3.59 21.60 36.05
C CYS C 326 -3.57 21.78 37.57
N ILE C 327 -4.61 21.29 38.23
CA ILE C 327 -4.56 21.17 39.67
C ILE C 327 -3.63 20.02 40.02
N GLY C 328 -3.06 20.08 41.21
CA GLY C 328 -2.13 19.05 41.70
C GLY C 328 -2.87 17.91 42.36
N TRP C 329 -2.13 16.95 42.90
CA TRP C 329 -2.75 15.74 43.40
C TRP C 329 -3.61 16.00 44.64
N GLY C 330 -3.15 16.89 45.51
CA GLY C 330 -3.89 17.19 46.76
C GLY C 330 -5.29 17.77 46.51
N ALA C 331 -5.34 18.76 45.63
CA ALA C 331 -6.62 19.33 45.23
C ALA C 331 -7.47 18.30 44.47
N THR C 332 -6.83 17.42 43.71
CA THR C 332 -7.55 16.37 43.02
C THR C 332 -8.31 15.50 44.01
N GLU C 333 -7.67 15.11 45.13
CA GLU C 333 -8.35 14.30 46.16
C GLU C 333 -9.59 15.03 46.68
N GLU C 334 -9.47 16.32 46.98
CA GLU C 334 -10.59 17.09 47.47
C GLU C 334 -11.74 17.21 46.49
N LEU C 335 -11.40 17.45 45.24
CA LEU C 335 -12.40 17.66 44.20
C LEU C 335 -13.19 16.39 44.00
N LEU C 336 -12.49 15.26 43.87
CA LEU C 336 -13.18 13.99 43.73
C LEU C 336 -14.05 13.65 44.95
N ALA C 337 -13.55 13.90 46.16
CA ALA C 337 -14.35 13.61 47.36
C ALA C 337 -15.64 14.44 47.36
N LEU C 338 -15.51 15.70 46.97
CA LEU C 338 -16.63 16.64 46.88
C LEU C 338 -17.71 16.13 45.90
N LEU C 339 -17.29 15.73 44.70
CA LEU C 339 -18.25 15.22 43.73
C LEU C 339 -18.86 13.90 44.15
N ALA C 340 -18.07 13.02 44.75
CA ALA C 340 -18.58 11.73 45.22
C ALA C 340 -19.66 11.91 46.29
N GLY C 341 -19.43 12.80 47.24
CA GLY C 341 -20.39 13.01 48.31
C GLY C 341 -21.70 13.62 47.81
N ALA C 342 -21.57 14.55 46.87
CA ALA C 342 -22.73 15.20 46.29
C ALA C 342 -23.53 14.21 45.47
N ASN C 343 -22.86 13.43 44.64
CA ASN C 343 -23.57 12.47 43.83
C ASN C 343 -24.17 11.33 44.62
N LYS C 344 -23.52 10.93 45.70
CA LYS C 344 -24.08 9.91 46.54
C LYS C 344 -25.48 10.34 47.02
N LYS C 345 -25.64 11.62 47.31
CA LYS C 345 -26.94 12.16 47.71
C LYS C 345 -27.93 12.17 46.56
N ARG C 346 -27.46 12.53 45.36
CA ARG C 346 -28.33 12.50 44.20
C ARG C 346 -28.86 11.10 43.96
N MET C 347 -27.95 10.12 43.98
CA MET C 347 -28.30 8.73 43.70
C MET C 347 -29.25 8.16 44.72
N ALA C 348 -29.16 8.62 45.96
CA ALA C 348 -30.03 8.12 47.03
C ALA C 348 -31.46 8.64 46.97
N ARG C 349 -31.72 9.61 46.11
CA ARG C 349 -32.95 10.31 46.11
C ARG C 349 -33.62 9.99 44.77
N GLU D 17 -14.08 -0.74 -3.41
CA GLU D 17 -12.61 -0.64 -3.25
C GLU D 17 -12.05 0.66 -3.81
N LEU D 18 -11.31 1.44 -3.02
CA LEU D 18 -10.87 2.77 -3.45
C LEU D 18 -9.65 2.77 -4.38
N LEU D 19 -9.80 3.32 -5.58
CA LEU D 19 -8.66 3.51 -6.45
C LEU D 19 -7.77 4.63 -5.92
N PRO D 20 -6.45 4.46 -6.02
CA PRO D 20 -5.52 5.49 -5.65
C PRO D 20 -5.44 6.59 -6.68
N PRO D 21 -4.96 7.77 -6.28
CA PRO D 21 -4.83 8.87 -7.22
C PRO D 21 -4.12 8.52 -8.52
N ILE D 22 -3.09 7.69 -8.48
CA ILE D 22 -2.35 7.37 -9.72
C ILE D 22 -3.24 6.74 -10.80
N ALA D 23 -4.31 6.05 -10.42
CA ALA D 23 -5.22 5.47 -11.41
C ALA D 23 -5.91 6.58 -12.19
N HIS D 24 -6.34 7.61 -11.46
CA HIS D 24 -7.00 8.76 -12.07
C HIS D 24 -6.04 9.64 -12.86
N LEU D 25 -4.83 9.84 -12.31
CA LEU D 25 -3.79 10.60 -13.03
C LEU D 25 -3.34 9.92 -14.32
N TYR D 26 -3.34 8.58 -14.33
CA TYR D 26 -3.08 7.81 -15.52
C TYR D 26 -4.12 8.07 -16.65
N GLU D 27 -5.41 8.08 -16.29
CA GLU D 27 -6.48 8.31 -17.26
C GLU D 27 -6.61 9.77 -17.67
N LEU D 28 -6.29 10.69 -16.76
CA LEU D 28 -6.51 12.12 -16.95
C LEU D 28 -5.28 12.92 -16.52
N PRO D 29 -4.17 12.73 -17.23
CA PRO D 29 -2.97 13.44 -16.84
C PRO D 29 -3.14 14.92 -17.13
N ILE D 30 -2.54 15.77 -16.32
CA ILE D 30 -2.67 17.21 -16.56
C ILE D 30 -2.05 17.57 -17.91
N SER D 31 -2.66 18.47 -18.67
CA SER D 31 -2.09 18.93 -19.96
C SER D 31 -1.11 20.08 -19.77
N LYS D 32 -0.27 20.32 -20.79
CA LYS D 32 0.65 21.47 -20.80
C LYS D 32 -0.17 22.75 -20.55
N GLU D 33 -1.33 22.87 -21.19
CA GLU D 33 -2.11 24.10 -21.12
C GLU D 33 -2.71 24.28 -19.74
N ALA D 34 -3.29 23.22 -19.20
CA ALA D 34 -3.90 23.33 -17.88
C ALA D 34 -2.83 23.61 -16.81
N SER D 35 -1.70 22.95 -16.96
CA SER D 35 -0.62 23.14 -16.03
C SER D 35 -0.14 24.60 -16.05
N GLY D 36 0.01 25.15 -17.25
CA GLY D 36 0.39 26.55 -17.41
C GLY D 36 -0.64 27.51 -16.80
N LEU D 37 -1.92 27.27 -17.06
CA LEU D 37 -3.00 28.12 -16.53
C LEU D 37 -3.01 28.10 -15.01
N VAL D 38 -2.79 26.92 -14.44
CA VAL D 38 -2.79 26.79 -12.98
C VAL D 38 -1.61 27.54 -12.38
N HIS D 39 -0.44 27.31 -12.95
CA HIS D 39 0.76 27.95 -12.49
C HIS D 39 0.60 29.49 -12.56
N ARG D 40 0.16 29.99 -13.71
CA ARG D 40 0.03 31.47 -13.90
C ARG D 40 -0.99 32.06 -12.93
N THR D 41 -2.15 31.41 -12.84
CA THR D 41 -3.25 31.93 -11.98
C THR D 41 -2.85 31.94 -10.49
N ARG D 42 -2.18 30.90 -10.03
CA ARG D 42 -1.69 30.91 -8.64
C ARG D 42 -0.77 32.10 -8.40
N GLN D 43 0.17 32.32 -9.32
CA GLN D 43 1.11 33.45 -9.20
C GLN D 43 0.34 34.76 -9.17
N GLU D 44 -0.65 34.89 -10.05
CA GLU D 44 -1.41 36.14 -10.19
C GLU D 44 -2.15 36.41 -8.93
N ILE D 45 -2.73 35.36 -8.38
CA ILE D 45 -3.43 35.49 -7.11
C ILE D 45 -2.49 35.85 -5.96
N SER D 46 -1.30 35.25 -5.94
CA SER D 46 -0.29 35.56 -4.94
C SER D 46 0.00 37.06 -4.98
N ASP D 47 0.10 37.60 -6.19
CA ASP D 47 0.40 39.01 -6.36
C ASP D 47 -0.70 39.89 -5.77
N LEU D 48 -1.94 39.43 -5.83
CA LEU D 48 -3.05 40.15 -5.21
C LEU D 48 -3.00 40.03 -3.68
N VAL D 49 -2.71 38.83 -3.18
CA VAL D 49 -2.61 38.62 -1.74
C VAL D 49 -1.55 39.52 -1.10
N HIS D 50 -0.45 39.75 -1.83
CA HIS D 50 0.68 40.49 -1.27
C HIS D 50 0.73 41.92 -1.80
N GLY D 51 -0.39 42.40 -2.32
CA GLY D 51 -0.51 43.81 -2.71
C GLY D 51 0.33 44.25 -3.88
N ARG D 52 0.80 43.32 -4.71
CA ARG D 52 1.61 43.67 -5.88
C ARG D 52 0.80 43.98 -7.15
N ASP D 53 -0.49 43.66 -7.14
CA ASP D 53 -1.39 43.98 -8.26
C ASP D 53 -2.72 44.36 -7.63
N LYS D 54 -3.42 45.31 -8.22
CA LYS D 54 -4.65 45.86 -7.64
C LYS D 54 -5.92 45.34 -8.32
N ARG D 55 -5.78 44.35 -9.19
CA ARG D 55 -6.95 43.69 -9.73
C ARG D 55 -7.68 43.02 -8.60
N LEU D 56 -8.95 42.78 -8.84
CA LEU D 56 -9.83 42.18 -7.85
C LEU D 56 -10.06 40.72 -8.18
N LEU D 57 -9.67 39.80 -7.27
CA LEU D 57 -9.95 38.39 -7.49
C LEU D 57 -11.44 38.19 -7.32
N VAL D 58 -12.06 37.47 -8.24
CA VAL D 58 -13.48 37.16 -8.12
C VAL D 58 -13.71 35.66 -8.21
N ILE D 59 -14.07 35.07 -7.08
CA ILE D 59 -14.38 33.67 -6.99
C ILE D 59 -15.89 33.55 -7.17
N ILE D 60 -16.32 33.07 -8.35
CA ILE D 60 -17.72 33.13 -8.69
C ILE D 60 -18.19 31.87 -9.40
N GLY D 61 -19.36 31.39 -9.01
CA GLY D 61 -19.97 30.23 -9.64
C GLY D 61 -20.91 29.55 -8.66
N PRO D 62 -21.36 28.34 -8.99
CA PRO D 62 -22.32 27.63 -8.21
C PRO D 62 -21.90 27.37 -6.77
N CYS D 63 -22.88 27.27 -5.88
CA CYS D 63 -22.60 26.85 -4.52
C CYS D 63 -21.91 25.49 -4.57
N SER D 64 -22.47 24.60 -5.40
CA SER D 64 -21.93 23.26 -5.58
C SER D 64 -22.10 22.80 -7.01
N ILE D 65 -21.17 21.97 -7.46
CA ILE D 65 -21.32 21.31 -8.75
C ILE D 65 -22.11 20.04 -8.55
N HIS D 66 -23.25 19.93 -9.22
CA HIS D 66 -23.97 18.65 -9.29
C HIS D 66 -24.10 18.11 -10.71
N ASP D 67 -23.90 18.97 -11.71
CA ASP D 67 -23.96 18.57 -13.11
C ASP D 67 -22.80 19.13 -13.93
N PRO D 68 -22.03 18.27 -14.60
CA PRO D 68 -20.89 18.75 -15.40
C PRO D 68 -21.30 19.47 -16.68
N LYS D 69 -22.40 19.06 -17.28
CA LYS D 69 -22.86 19.73 -18.49
C LYS D 69 -23.18 21.17 -18.17
N ALA D 70 -24.03 21.41 -17.19
CA ALA D 70 -24.36 22.78 -16.79
C ALA D 70 -23.12 23.58 -16.36
N ALA D 71 -22.19 22.91 -15.71
CA ALA D 71 -20.96 23.54 -15.26
C ALA D 71 -20.11 24.01 -16.42
N LEU D 72 -19.96 23.16 -17.42
CA LEU D 72 -19.22 23.54 -18.65
C LEU D 72 -19.91 24.69 -19.39
N GLU D 73 -21.23 24.70 -19.40
CA GLU D 73 -21.95 25.79 -20.08
C GLU D 73 -21.73 27.08 -19.33
N TYR D 74 -21.83 27.01 -18.01
CA TYR D 74 -21.62 28.17 -17.17
C TYR D 74 -20.22 28.72 -17.42
N ALA D 75 -19.24 27.81 -17.46
CA ALA D 75 -17.85 28.20 -17.62
C ALA D 75 -17.63 28.91 -18.94
N GLU D 76 -18.29 28.45 -19.99
CA GLU D 76 -18.10 29.05 -21.30
C GLU D 76 -18.58 30.51 -21.28
N ARG D 77 -19.71 30.75 -20.61
CA ARG D 77 -20.20 32.12 -20.47
C ARG D 77 -19.27 32.93 -19.61
N LEU D 78 -18.82 32.35 -18.51
CA LEU D 78 -17.94 33.09 -17.59
C LEU D 78 -16.63 33.45 -18.27
N LEU D 79 -16.12 32.57 -19.11
CA LEU D 79 -14.85 32.80 -19.80
C LEU D 79 -14.85 34.09 -20.59
N LYS D 80 -15.94 34.34 -21.30
CA LYS D 80 -16.09 35.56 -22.06
C LYS D 80 -15.96 36.81 -21.17
N LEU D 81 -16.52 36.75 -19.97
CA LEU D 81 -16.41 37.89 -19.06
C LEU D 81 -15.03 37.97 -18.45
N ARG D 82 -14.42 36.80 -18.23
CA ARG D 82 -13.07 36.74 -17.68
C ARG D 82 -12.13 37.49 -18.60
N LYS D 83 -12.29 37.26 -19.91
CA LYS D 83 -11.44 37.95 -20.92
C LYS D 83 -11.77 39.43 -20.95
N GLN D 84 -13.07 39.73 -20.98
CA GLN D 84 -13.54 41.12 -21.11
C GLN D 84 -13.04 42.00 -19.97
N TYR D 85 -13.07 41.48 -18.76
CA TYR D 85 -12.70 42.29 -17.60
C TYR D 85 -11.27 42.01 -17.06
N GLU D 86 -10.43 41.34 -17.85
CA GLU D 86 -9.13 40.87 -17.39
C GLU D 86 -8.18 41.93 -16.87
N ASN D 87 -8.40 43.19 -17.20
CA ASN D 87 -7.54 44.25 -16.68
C ASN D 87 -7.96 44.75 -15.33
N GLU D 88 -9.22 44.50 -14.99
CA GLU D 88 -9.82 44.94 -13.74
C GLU D 88 -10.07 43.80 -12.74
N LEU D 89 -10.47 42.64 -13.26
CA LEU D 89 -10.85 41.51 -12.44
C LEU D 89 -10.09 40.30 -12.88
N LEU D 90 -9.82 39.43 -11.90
CA LEU D 90 -9.23 38.13 -12.16
C LEU D 90 -10.28 37.11 -11.78
N ILE D 91 -10.98 36.61 -12.78
CA ILE D 91 -12.15 35.79 -12.54
C ILE D 91 -11.75 34.33 -12.54
N VAL D 92 -12.23 33.63 -11.52
CA VAL D 92 -11.98 32.23 -11.29
C VAL D 92 -13.30 31.55 -10.90
N MET D 93 -13.62 30.40 -11.49
CA MET D 93 -14.89 29.77 -11.23
C MET D 93 -14.92 28.97 -9.92
N ARG D 94 -16.04 29.07 -9.18
CA ARG D 94 -16.35 28.15 -8.08
C ARG D 94 -16.67 26.78 -8.66
N VAL D 95 -15.82 25.80 -8.33
CA VAL D 95 -15.99 24.40 -8.73
C VAL D 95 -15.90 23.53 -7.47
N TYR D 96 -16.93 23.66 -6.63
CA TYR D 96 -16.94 23.05 -5.31
C TYR D 96 -17.48 21.63 -5.35
N PHE D 97 -16.66 20.69 -4.90
CA PHE D 97 -17.00 19.28 -4.95
C PHE D 97 -17.35 18.72 -3.58
N GLU D 98 -17.06 19.49 -2.52
CA GLU D 98 -17.19 18.99 -1.15
C GLU D 98 -17.96 20.02 -0.32
N LYS D 99 -19.08 19.60 0.24
CA LYS D 99 -19.96 20.51 0.97
C LYS D 99 -20.09 20.12 2.44
N PRO D 100 -19.84 21.10 3.34
CA PRO D 100 -20.02 20.82 4.75
C PRO D 100 -21.48 21.11 5.10
N ARG D 101 -22.18 20.13 5.64
CA ARG D 101 -23.57 20.31 6.05
C ARG D 101 -23.69 20.67 7.53
N THR D 102 -24.80 21.30 7.86
CA THR D 102 -25.11 21.72 9.21
C THR D 102 -25.28 20.51 10.10
N THR D 103 -26.04 19.52 9.63
CA THR D 103 -26.08 18.21 10.27
C THR D 103 -25.75 17.12 9.27
N VAL D 104 -26.76 16.64 8.55
CA VAL D 104 -26.61 15.62 7.51
C VAL D 104 -27.14 16.20 6.19
N GLY D 105 -26.80 15.54 5.10
CA GLY D 105 -27.23 15.94 3.74
C GLY D 105 -26.18 15.60 2.70
N TRP D 106 -26.48 15.96 1.45
CA TRP D 106 -25.63 15.64 0.32
C TRP D 106 -24.32 16.39 0.45
N LYS D 107 -23.21 15.67 0.40
CA LYS D 107 -21.90 16.29 0.65
C LYS D 107 -21.17 16.70 -0.61
N GLY D 108 -21.81 16.54 -1.78
CA GLY D 108 -21.20 16.98 -3.03
C GLY D 108 -20.97 15.86 -4.04
N LEU D 109 -20.47 16.26 -5.20
CA LEU D 109 -20.32 15.36 -6.32
C LEU D 109 -19.36 14.20 -6.03
N ILE D 110 -18.30 14.45 -5.29
CA ILE D 110 -17.31 13.41 -5.01
C ILE D 110 -17.95 12.35 -4.14
N ASN D 111 -18.59 12.78 -3.05
CA ASN D 111 -19.13 11.82 -2.09
C ASN D 111 -20.29 11.01 -2.62
N ASP D 112 -21.17 11.67 -3.36
CA ASP D 112 -22.36 11.03 -3.96
C ASP D 112 -22.69 11.58 -5.36
N PRO D 113 -21.90 11.20 -6.37
CA PRO D 113 -22.06 11.76 -7.71
C PRO D 113 -23.40 11.51 -8.36
N HIS D 114 -24.03 10.36 -8.11
CA HIS D 114 -25.33 10.07 -8.74
C HIS D 114 -26.53 10.70 -8.00
N LEU D 115 -26.27 11.45 -6.95
CA LEU D 115 -27.28 12.24 -6.26
C LEU D 115 -28.39 11.40 -5.68
N ASP D 116 -28.09 10.11 -5.44
CA ASP D 116 -29.09 9.15 -4.99
C ASP D 116 -28.76 8.33 -3.73
N GLY D 117 -27.68 8.66 -3.03
CA GLY D 117 -27.29 7.88 -1.86
C GLY D 117 -26.60 6.58 -2.17
N THR D 118 -25.91 6.52 -3.31
CA THR D 118 -25.13 5.35 -3.68
C THR D 118 -23.66 5.56 -3.36
N PHE D 119 -23.24 6.80 -3.13
CA PHE D 119 -21.87 7.09 -2.67
C PHE D 119 -20.80 6.45 -3.56
N ASP D 120 -20.92 6.63 -4.86
CA ASP D 120 -19.99 6.02 -5.81
C ASP D 120 -18.75 6.89 -5.91
N ILE D 121 -17.93 6.84 -4.87
CA ILE D 121 -16.85 7.83 -4.69
C ILE D 121 -15.76 7.70 -5.76
N ASN D 122 -15.50 6.50 -6.26
CA ASN D 122 -14.56 6.35 -7.35
C ASN D 122 -15.07 7.11 -8.58
N PHE D 123 -16.36 6.97 -8.91
CA PHE D 123 -16.92 7.67 -10.06
C PHE D 123 -16.82 9.15 -9.79
N GLY D 124 -17.12 9.55 -8.56
CA GLY D 124 -17.16 10.98 -8.23
C GLY D 124 -15.81 11.65 -8.38
N LEU D 125 -14.76 10.94 -7.93
CA LEU D 125 -13.42 11.47 -8.07
C LEU D 125 -13.03 11.57 -9.55
N ARG D 126 -13.36 10.56 -10.35
CA ARG D 126 -13.02 10.56 -11.76
C ARG D 126 -13.70 11.71 -12.45
N GLN D 127 -14.97 11.90 -12.14
CA GLN D 127 -15.79 12.94 -12.79
C GLN D 127 -15.32 14.33 -12.35
N ALA D 128 -14.99 14.49 -11.06
CA ALA D 128 -14.47 15.76 -10.58
C ALA D 128 -13.18 16.10 -11.32
N ARG D 129 -12.30 15.12 -11.47
CA ARG D 129 -11.02 15.38 -12.14
C ARG D 129 -11.23 15.71 -13.63
N SER D 130 -12.12 14.98 -14.27
CA SER D 130 -12.40 15.19 -15.70
C SER D 130 -12.98 16.58 -15.97
N LEU D 131 -13.94 16.99 -15.14
CA LEU D 131 -14.47 18.34 -15.24
C LEU D 131 -13.39 19.41 -15.06
N LEU D 132 -12.56 19.27 -14.02
CA LEU D 132 -11.51 20.24 -13.78
C LEU D 132 -10.49 20.32 -14.93
N LEU D 133 -10.17 19.17 -15.52
CA LEU D 133 -9.27 19.15 -16.64
C LEU D 133 -9.89 19.87 -17.85
N SER D 134 -11.18 19.65 -18.13
CA SER D 134 -11.86 20.34 -19.22
C SER D 134 -11.94 21.86 -18.96
N LEU D 135 -12.24 22.24 -17.73
CA LEU D 135 -12.36 23.66 -17.40
C LEU D 135 -11.05 24.37 -17.64
N ASN D 136 -9.96 23.83 -17.08
CA ASN D 136 -8.66 24.42 -17.27
C ASN D 136 -8.27 24.44 -18.76
N ASN D 137 -8.53 23.35 -19.47
CA ASN D 137 -8.25 23.28 -20.91
C ASN D 137 -8.98 24.32 -21.75
N MET D 138 -10.18 24.72 -21.36
CA MET D 138 -10.88 25.78 -22.09
C MET D 138 -10.46 27.19 -21.65
N GLY D 139 -9.55 27.31 -20.68
CA GLY D 139 -9.06 28.62 -20.22
C GLY D 139 -9.66 29.14 -18.92
N MET D 140 -10.48 28.34 -18.23
CA MET D 140 -11.14 28.78 -17.00
C MET D 140 -10.52 28.14 -15.76
N PRO D 141 -9.81 28.92 -14.95
CA PRO D 141 -9.27 28.35 -13.73
C PRO D 141 -10.38 28.06 -12.70
N ALA D 142 -10.06 27.17 -11.78
CA ALA D 142 -11.02 26.61 -10.86
C ALA D 142 -10.62 26.81 -9.41
N SER D 143 -11.64 26.93 -8.58
CA SER D 143 -11.51 27.02 -7.14
C SER D 143 -12.43 25.99 -6.49
N THR D 144 -12.11 25.62 -5.24
CA THR D 144 -12.94 24.72 -4.47
C THR D 144 -12.65 24.89 -2.96
N GLU D 145 -13.59 24.45 -2.11
CA GLU D 145 -13.34 24.30 -0.70
C GLU D 145 -12.63 22.95 -0.48
N PHE D 146 -11.52 22.99 0.25
CA PHE D 146 -10.82 21.79 0.64
C PHE D 146 -11.36 21.41 2.02
N LEU D 147 -12.23 20.41 2.00
CA LEU D 147 -12.89 19.93 3.20
C LEU D 147 -12.31 18.59 3.68
N ASP D 148 -12.21 17.62 2.77
N ASP D 148 -12.19 17.64 2.77
CA ASP D 148 -11.79 16.26 3.11
CA ASP D 148 -11.81 16.29 3.15
C ASP D 148 -10.26 16.16 3.08
C ASP D 148 -10.27 16.13 3.05
N MET D 149 -9.72 15.28 3.91
CA MET D 149 -8.25 15.17 4.06
C MET D 149 -7.55 14.39 2.93
N ILE D 150 -8.22 13.39 2.35
CA ILE D 150 -7.59 12.48 1.40
C ILE D 150 -7.89 12.78 -0.09
N THR D 151 -9.06 13.36 -0.35
CA THR D 151 -9.45 13.69 -1.73
C THR D 151 -8.52 14.64 -2.49
N PRO D 152 -7.83 15.57 -1.81
CA PRO D 152 -7.06 16.55 -2.60
C PRO D 152 -6.01 15.98 -3.54
N GLN D 153 -5.40 14.86 -3.17
CA GLN D 153 -4.39 14.22 -4.04
C GLN D 153 -4.93 13.84 -5.42
N TYR D 154 -6.24 13.72 -5.52
CA TYR D 154 -6.88 13.35 -6.79
C TYR D 154 -7.03 14.51 -7.80
N TYR D 155 -7.17 15.74 -7.28
CA TYR D 155 -7.43 16.92 -8.12
C TYR D 155 -6.67 18.24 -7.87
N ALA D 156 -5.89 18.34 -6.81
CA ALA D 156 -5.39 19.65 -6.38
C ALA D 156 -4.44 20.27 -7.39
N ASP D 157 -3.82 19.44 -8.21
CA ASP D 157 -2.99 19.93 -9.31
C ASP D 157 -3.76 20.80 -10.34
N LEU D 158 -5.09 20.73 -10.31
CA LEU D 158 -5.94 21.52 -11.22
C LEU D 158 -6.64 22.71 -10.53
N ILE D 159 -6.29 22.97 -9.26
CA ILE D 159 -6.93 24.02 -8.48
C ILE D 159 -6.04 25.25 -8.38
N SER D 160 -6.59 26.43 -8.71
CA SER D 160 -5.83 27.70 -8.66
C SER D 160 -6.04 28.48 -7.36
N TRP D 161 -7.09 28.15 -6.59
CA TRP D 161 -7.37 28.80 -5.31
C TRP D 161 -8.27 27.89 -4.50
N GLY D 162 -8.02 27.85 -3.20
CA GLY D 162 -8.77 26.99 -2.29
C GLY D 162 -9.37 27.79 -1.16
N ALA D 163 -10.53 27.35 -0.68
CA ALA D 163 -11.12 27.86 0.55
C ALA D 163 -11.02 26.82 1.68
N ILE D 164 -10.79 27.30 2.89
CA ILE D 164 -11.09 26.53 4.10
C ILE D 164 -12.33 27.16 4.71
N GLY D 165 -13.39 26.36 4.86
CA GLY D 165 -14.70 26.89 5.22
C GLY D 165 -14.82 27.44 6.64
N ALA D 166 -15.89 28.21 6.87
CA ALA D 166 -16.16 28.79 8.17
C ALA D 166 -16.20 27.73 9.29
N ARG D 167 -16.63 26.52 8.94
CA ARG D 167 -16.81 25.44 9.91
C ARG D 167 -15.54 24.66 10.27
N THR D 168 -14.48 24.91 9.50
CA THR D 168 -13.23 24.19 9.57
C THR D 168 -11.98 25.07 9.67
N THR D 169 -12.14 26.38 9.62
CA THR D 169 -10.98 27.28 9.71
C THR D 169 -10.20 27.14 11.04
N GLU D 170 -10.92 26.89 12.13
CA GLU D 170 -10.30 26.73 13.46
C GLU D 170 -9.67 25.35 13.64
N SER D 171 -9.90 24.44 12.70
CA SER D 171 -9.46 23.04 12.76
C SER D 171 -7.98 22.87 12.40
N GLN D 172 -7.21 22.29 13.31
CA GLN D 172 -5.79 22.12 13.09
C GLN D 172 -5.50 21.22 11.90
N VAL D 173 -6.36 20.22 11.61
CA VAL D 173 -6.06 19.34 10.48
C VAL D 173 -6.27 20.07 9.14
N HIS D 174 -7.13 21.07 9.13
CA HIS D 174 -7.32 21.89 7.92
C HIS D 174 -6.22 22.90 7.75
N ARG D 175 -5.70 23.41 8.86
CA ARG D 175 -4.59 24.33 8.77
C ARG D 175 -3.34 23.58 8.31
N GLU D 176 -3.20 22.34 8.75
CA GLU D 176 -2.10 21.49 8.27
C GLU D 176 -2.25 21.30 6.78
N LEU D 177 -3.43 20.88 6.35
CA LEU D 177 -3.70 20.65 4.90
C LEU D 177 -3.28 21.87 4.08
N ALA D 178 -3.72 23.03 4.55
CA ALA D 178 -3.49 24.28 3.83
C ALA D 178 -2.03 24.57 3.72
N SER D 179 -1.28 24.22 4.77
CA SER D 179 0.15 24.51 4.82
C SER D 179 0.92 23.79 3.76
N GLY D 180 0.36 22.69 3.27
CA GLY D 180 1.00 21.93 2.21
C GLY D 180 0.39 22.09 0.80
N LEU D 181 -0.64 22.89 0.63
CA LEU D 181 -1.20 23.08 -0.72
C LEU D 181 -0.32 24.02 -1.52
N SER D 182 -0.26 23.82 -2.83
CA SER D 182 0.52 24.73 -3.66
C SER D 182 -0.25 25.97 -4.21
N CYS D 183 -1.52 26.12 -3.85
CA CYS D 183 -2.31 27.24 -4.32
C CYS D 183 -2.55 28.17 -3.17
N PRO D 184 -2.86 29.44 -3.46
CA PRO D 184 -3.27 30.31 -2.39
C PRO D 184 -4.55 29.80 -1.73
N VAL D 185 -4.76 30.21 -0.49
CA VAL D 185 -5.86 29.72 0.33
C VAL D 185 -6.49 30.82 1.14
N GLY D 186 -7.80 30.87 1.12
CA GLY D 186 -8.56 31.80 1.92
C GLY D 186 -9.21 31.08 3.07
N PHE D 187 -9.08 31.64 4.27
CA PHE D 187 -9.70 31.11 5.47
C PHE D 187 -10.87 31.98 5.86
N LYS D 188 -12.02 31.37 6.05
CA LYS D 188 -13.24 32.10 6.38
C LYS D 188 -13.38 32.32 7.88
N ASN D 189 -13.94 33.47 8.25
CA ASN D 189 -14.35 33.70 9.63
C ASN D 189 -15.38 32.64 10.02
N GLY D 190 -15.51 32.42 11.33
CA GLY D 190 -16.41 31.39 11.84
C GLY D 190 -17.88 31.71 11.64
N THR D 191 -18.72 30.71 11.74
CA THR D 191 -20.15 30.90 11.44
C THR D 191 -20.86 31.92 12.32
N ASP D 192 -20.34 32.18 13.52
CA ASP D 192 -20.92 33.27 14.36
C ASP D 192 -20.23 34.61 14.20
N GLY D 193 -19.20 34.70 13.37
CA GLY D 193 -18.56 35.97 13.06
C GLY D 193 -17.15 36.12 13.56
N ASN D 194 -16.59 35.11 14.21
CA ASN D 194 -15.23 35.21 14.78
C ASN D 194 -14.16 35.26 13.70
N LEU D 195 -13.51 36.40 13.59
CA LEU D 195 -12.44 36.64 12.63
C LEU D 195 -11.06 36.15 13.13
N LYS D 196 -10.85 36.21 14.44
CA LYS D 196 -9.54 35.85 15.01
C LYS D 196 -9.13 34.43 14.63
N ILE D 197 -10.07 33.51 14.56
CA ILE D 197 -9.73 32.14 14.12
C ILE D 197 -9.14 32.06 12.71
N ALA D 198 -9.55 32.96 11.82
CA ALA D 198 -9.00 33.00 10.46
C ALA D 198 -7.62 33.64 10.42
N ILE D 199 -7.41 34.66 11.25
CA ILE D 199 -6.10 35.27 11.39
C ILE D 199 -5.12 34.26 11.99
N ASP D 200 -5.55 33.59 13.06
CA ASP D 200 -4.79 32.49 13.68
C ASP D 200 -4.42 31.42 12.64
N ALA D 201 -5.38 31.10 11.77
CA ALA D 201 -5.20 30.07 10.74
C ALA D 201 -4.09 30.42 9.75
N ILE D 202 -4.02 31.68 9.32
CA ILE D 202 -2.92 32.12 8.45
C ILE D 202 -1.57 31.89 9.16
N GLY D 203 -1.51 32.31 10.42
CA GLY D 203 -0.35 32.09 11.28
C GLY D 203 0.06 30.63 11.26
N ALA D 204 -0.90 29.75 11.53
CA ALA D 204 -0.64 28.30 11.49
C ALA D 204 -0.24 27.78 10.11
N ALA D 205 -1.05 28.07 9.09
CA ALA D 205 -0.79 27.51 7.75
C ALA D 205 0.48 28.02 7.06
N SER D 206 0.95 29.21 7.47
CA SER D 206 2.16 29.75 6.90
C SER D 206 3.42 29.04 7.42
N HIS D 207 3.30 28.29 8.50
CA HIS D 207 4.45 27.55 9.03
C HIS D 207 4.51 26.14 8.51
N SER D 208 5.68 25.58 8.68
CA SER D 208 5.94 24.17 8.44
C SER D 208 5.17 23.26 9.43
N HIS D 209 4.66 22.13 8.93
CA HIS D 209 3.95 21.13 9.74
C HIS D 209 4.41 19.73 9.41
N HIS D 210 4.33 18.85 10.41
CA HIS D 210 4.48 17.42 10.20
C HIS D 210 3.19 16.74 10.60
N PHE D 211 2.67 15.87 9.76
CA PHE D 211 1.42 15.19 10.03
C PHE D 211 1.26 14.02 9.07
N LEU D 212 0.20 13.25 9.25
CA LEU D 212 -0.06 12.11 8.42
C LEU D 212 -0.99 12.49 7.26
N SER D 213 -0.69 11.94 6.09
CA SER D 213 -1.43 12.19 4.87
C SER D 213 -1.23 10.98 3.97
N VAL D 214 -1.94 10.95 2.86
CA VAL D 214 -1.93 9.80 1.96
C VAL D 214 -1.23 10.14 0.63
N THR D 215 -0.36 9.25 0.14
CA THR D 215 0.41 9.49 -1.06
C THR D 215 -0.43 9.27 -2.35
N LYS D 216 0.16 9.58 -3.51
CA LYS D 216 -0.48 9.40 -4.82
C LYS D 216 -0.74 7.91 -5.05
N ALA D 217 0.02 7.04 -4.38
CA ALA D 217 -0.21 5.57 -4.47
C ALA D 217 -1.27 5.02 -3.49
N GLY D 218 -1.84 5.90 -2.68
CA GLY D 218 -2.95 5.51 -1.80
C GLY D 218 -2.48 5.01 -0.46
N HIS D 219 -1.21 5.26 -0.14
CA HIS D 219 -0.66 4.83 1.16
C HIS D 219 -0.51 5.96 2.15
N SER D 220 -0.85 5.69 3.41
CA SER D 220 -0.61 6.69 4.45
C SER D 220 0.89 6.94 4.61
N ALA D 221 1.27 8.17 4.95
CA ALA D 221 2.66 8.54 5.10
C ALA D 221 2.77 9.76 5.98
N ILE D 222 3.98 10.00 6.48
CA ILE D 222 4.28 11.21 7.21
C ILE D 222 4.64 12.27 6.19
N VAL D 223 4.04 13.44 6.25
CA VAL D 223 4.44 14.54 5.38
C VAL D 223 4.94 15.74 6.17
N HIS D 224 5.93 16.41 5.59
CA HIS D 224 6.55 17.59 6.14
C HIS D 224 6.29 18.73 5.15
N THR D 225 5.37 19.63 5.47
CA THR D 225 5.06 20.73 4.54
C THR D 225 5.98 21.91 4.78
N GLY D 226 6.08 22.80 3.79
CA GLY D 226 6.90 24.00 3.93
C GLY D 226 6.17 25.24 4.40
N GLY D 227 4.87 25.16 4.65
CA GLY D 227 4.07 26.34 4.93
C GLY D 227 3.58 27.00 3.64
N ASN D 228 2.39 27.59 3.71
CA ASN D 228 1.76 28.29 2.59
C ASN D 228 1.83 29.80 2.75
N PRO D 229 2.68 30.48 1.99
CA PRO D 229 2.86 31.92 2.19
C PRO D 229 1.75 32.79 1.58
N ASP D 230 0.75 32.18 0.96
CA ASP D 230 -0.27 32.89 0.19
C ASP D 230 -1.69 32.89 0.76
N CYS D 231 -1.79 32.76 2.08
CA CYS D 231 -3.06 32.66 2.76
C CYS D 231 -3.61 34.05 3.12
N HIS D 232 -4.93 34.15 3.21
CA HIS D 232 -5.61 35.41 3.54
C HIS D 232 -6.95 35.10 4.14
N VAL D 233 -7.61 36.11 4.71
CA VAL D 233 -8.92 35.86 5.29
C VAL D 233 -10.05 36.18 4.32
N ILE D 234 -11.23 35.65 4.64
CA ILE D 234 -12.47 35.92 3.91
C ILE D 234 -13.57 36.31 4.90
N LEU D 235 -14.18 37.46 4.68
CA LEU D 235 -15.30 37.91 5.49
C LEU D 235 -16.57 37.41 4.85
N ARG D 236 -17.27 36.55 5.56
CA ARG D 236 -18.46 35.88 5.03
C ARG D 236 -19.64 36.00 5.98
N GLY D 237 -19.57 36.97 6.88
CA GLY D 237 -20.62 37.23 7.82
C GLY D 237 -20.67 36.29 9.01
N GLY D 238 -21.36 36.74 10.05
CA GLY D 238 -21.58 35.99 11.27
C GLY D 238 -23.03 36.16 11.70
N LYS D 239 -23.24 36.38 12.99
CA LYS D 239 -24.55 36.80 13.49
C LYS D 239 -25.02 38.06 12.74
N GLU D 240 -24.07 38.93 12.38
CA GLU D 240 -24.32 40.09 11.55
C GLU D 240 -23.42 40.01 10.34
N PRO D 241 -23.77 40.73 9.27
CA PRO D 241 -22.84 40.88 8.17
C PRO D 241 -21.57 41.64 8.58
N ASN D 242 -20.47 41.31 7.91
CA ASN D 242 -19.18 41.97 8.13
C ASN D 242 -18.52 42.54 6.86
N TYR D 243 -19.30 42.85 5.84
CA TYR D 243 -18.76 43.28 4.54
C TYR D 243 -18.45 44.78 4.41
N ASP D 244 -18.99 45.63 5.28
CA ASP D 244 -18.83 47.08 5.11
C ASP D 244 -17.45 47.63 5.50
N ALA D 245 -17.23 48.91 5.19
CA ALA D 245 -15.95 49.57 5.41
C ALA D 245 -15.46 49.52 6.85
N GLU D 246 -16.36 49.73 7.79
CA GLU D 246 -16.08 49.62 9.21
C GLU D 246 -15.46 48.26 9.55
N HIS D 247 -16.11 47.19 9.09
CA HIS D 247 -15.65 45.84 9.41
C HIS D 247 -14.35 45.54 8.70
N VAL D 248 -14.23 46.00 7.46
CA VAL D 248 -13.04 45.77 6.68
C VAL D 248 -11.85 46.45 7.35
N SER D 249 -12.06 47.67 7.83
CA SER D 249 -11.03 48.44 8.51
C SER D 249 -10.58 47.78 9.86
N GLU D 250 -11.55 47.39 10.69
CA GLU D 250 -11.32 46.65 11.94
C GLU D 250 -10.47 45.38 11.62
N ALA D 251 -10.81 44.70 10.52
CA ALA D 251 -10.13 43.45 10.18
C ALA D 251 -8.70 43.69 9.74
N ALA D 252 -8.50 44.73 8.92
CA ALA D 252 -7.15 45.09 8.47
C ALA D 252 -6.21 45.44 9.64
N GLU D 253 -6.74 46.14 10.62
CA GLU D 253 -5.98 46.48 11.82
C GLU D 253 -5.48 45.21 12.51
N GLN D 254 -6.39 44.26 12.75
CA GLN D 254 -6.04 43.02 13.44
C GLN D 254 -5.06 42.22 12.64
N LEU D 255 -5.26 42.19 11.33
CA LEU D 255 -4.33 41.51 10.43
C LEU D 255 -2.91 42.05 10.59
N ARG D 256 -2.76 43.37 10.47
CA ARG D 256 -1.46 44.03 10.68
C ARG D 256 -0.88 43.74 12.08
N ALA D 257 -1.72 43.77 13.12
CA ALA D 257 -1.28 43.47 14.46
C ALA D 257 -0.72 42.06 14.56
N ALA D 258 -1.27 41.11 13.81
CA ALA D 258 -0.74 39.75 13.80
C ALA D 258 0.44 39.56 12.85
N GLY D 259 0.85 40.62 12.16
CA GLY D 259 1.95 40.55 11.22
C GLY D 259 1.65 39.74 9.97
N VAL D 260 0.39 39.67 9.52
CA VAL D 260 0.06 38.91 8.33
C VAL D 260 -0.58 39.85 7.30
N THR D 261 -0.80 39.38 6.09
CA THR D 261 -1.30 40.27 5.03
C THR D 261 -2.63 40.92 5.40
N ASP D 262 -2.72 42.24 5.24
CA ASP D 262 -3.96 42.97 5.49
C ASP D 262 -4.83 43.19 4.24
N LYS D 263 -4.62 42.34 3.24
CA LYS D 263 -5.47 42.25 2.05
C LYS D 263 -6.40 41.08 2.23
N LEU D 264 -7.69 41.32 2.05
CA LEU D 264 -8.71 40.33 2.35
C LEU D 264 -9.78 40.21 1.27
N MET D 265 -10.61 39.17 1.43
CA MET D 265 -11.66 38.86 0.51
C MET D 265 -13.01 38.99 1.22
N ILE D 266 -14.04 39.39 0.47
CA ILE D 266 -15.39 39.57 1.00
C ILE D 266 -16.39 38.69 0.23
N ASP D 267 -17.04 37.79 0.96
CA ASP D 267 -18.04 36.90 0.38
C ASP D 267 -19.37 37.67 0.33
N CYS D 268 -19.95 37.85 -0.86
CA CYS D 268 -21.24 38.49 -0.99
C CYS D 268 -22.39 37.60 -0.55
N SER D 269 -22.15 36.30 -0.41
CA SER D 269 -23.20 35.33 -0.10
C SER D 269 -23.19 34.89 1.38
N HIS D 270 -23.80 33.73 1.64
CA HIS D 270 -23.88 33.13 2.97
C HIS D 270 -24.37 34.14 4.00
N ALA D 271 -23.64 34.37 5.08
CA ALA D 271 -24.16 35.21 6.16
C ALA D 271 -24.08 36.70 5.83
N ASN D 272 -23.34 37.07 4.79
CA ASN D 272 -23.35 38.47 4.37
C ASN D 272 -24.60 38.87 3.59
N SER D 273 -25.24 37.92 2.93
CA SER D 273 -26.52 38.13 2.25
C SER D 273 -27.71 37.69 3.13
N ARG D 274 -27.41 37.23 4.35
CA ARG D 274 -28.38 36.59 5.25
C ARG D 274 -29.08 35.40 4.57
N LYS D 275 -28.28 34.61 3.83
CA LYS D 275 -28.77 33.45 3.05
C LYS D 275 -29.87 33.82 1.99
N ASP D 276 -29.98 35.10 1.63
CA ASP D 276 -30.94 35.57 0.61
C ASP D 276 -30.18 35.96 -0.69
N TYR D 277 -30.31 35.15 -1.74
CA TYR D 277 -29.48 35.32 -2.95
C TYR D 277 -29.69 36.69 -3.58
N THR D 278 -30.88 37.25 -3.43
CA THR D 278 -31.16 38.56 -3.98
C THR D 278 -30.32 39.64 -3.31
N ARG D 279 -29.79 39.40 -2.10
CA ARG D 279 -29.05 40.45 -1.41
C ARG D 279 -27.57 40.48 -1.77
N GLN D 280 -27.10 39.51 -2.55
CA GLN D 280 -25.70 39.53 -2.97
C GLN D 280 -25.33 40.79 -3.74
N MET D 281 -26.23 41.27 -4.58
CA MET D 281 -25.97 42.48 -5.35
C MET D 281 -25.81 43.71 -4.43
N GLU D 282 -26.59 43.74 -3.35
CA GLU D 282 -26.49 44.78 -2.34
C GLU D 282 -25.08 44.83 -1.80
N VAL D 283 -24.56 43.66 -1.44
CA VAL D 283 -23.25 43.57 -0.85
C VAL D 283 -22.25 44.03 -1.88
N ALA D 284 -22.42 43.59 -3.12
CA ALA D 284 -21.51 43.98 -4.22
C ALA D 284 -21.51 45.47 -4.47
N GLN D 285 -22.67 46.10 -4.35
CA GLN D 285 -22.76 47.59 -4.45
C GLN D 285 -21.94 48.26 -3.37
N ASP D 286 -22.06 47.76 -2.13
CA ASP D 286 -21.31 48.34 -1.04
C ASP D 286 -19.81 48.22 -1.31
N ILE D 287 -19.40 47.07 -1.80
CA ILE D 287 -18.01 46.86 -2.10
C ILE D 287 -17.56 47.82 -3.19
N ALA D 288 -18.42 48.02 -4.21
CA ALA D 288 -18.11 48.95 -5.32
C ALA D 288 -17.88 50.35 -4.78
N ALA D 289 -18.80 50.82 -3.95
CA ALA D 289 -18.60 52.11 -3.32
C ALA D 289 -17.29 52.15 -2.54
N GLN D 290 -16.95 51.10 -1.79
CA GLN D 290 -15.67 51.09 -1.05
C GLN D 290 -14.49 51.21 -1.98
N LEU D 291 -14.53 50.47 -3.08
CA LEU D 291 -13.44 50.51 -4.04
C LEU D 291 -13.28 51.88 -4.66
N GLU D 292 -14.39 52.60 -4.81
CA GLU D 292 -14.37 53.97 -5.35
C GLU D 292 -13.88 55.03 -4.35
N GLN D 293 -14.25 54.92 -3.07
CA GLN D 293 -13.68 55.83 -2.03
C GLN D 293 -12.20 55.52 -1.78
N ASP D 294 -11.87 54.25 -1.52
CA ASP D 294 -10.50 53.82 -1.14
C ASP D 294 -10.38 52.30 -1.35
N GLY D 295 -10.87 51.51 -0.40
CA GLY D 295 -10.91 50.04 -0.54
C GLY D 295 -9.56 49.39 -0.70
N GLY D 296 -8.51 50.04 -0.19
CA GLY D 296 -7.15 49.52 -0.32
C GLY D 296 -6.91 48.12 0.25
N ASN D 297 -7.74 47.70 1.21
CA ASN D 297 -7.55 46.38 1.86
C ASN D 297 -8.33 45.23 1.22
N ILE D 298 -9.05 45.52 0.15
CA ILE D 298 -9.82 44.49 -0.55
C ILE D 298 -9.05 43.92 -1.73
N MET D 299 -8.86 42.61 -1.74
CA MET D 299 -8.16 41.95 -2.87
C MET D 299 -9.07 40.99 -3.59
N GLY D 300 -10.30 40.80 -3.10
CA GLY D 300 -11.17 39.82 -3.71
C GLY D 300 -12.58 39.81 -3.21
N VAL D 301 -13.43 39.13 -3.97
CA VAL D 301 -14.81 38.98 -3.66
C VAL D 301 -15.26 37.57 -4.05
N MET D 302 -16.27 37.05 -3.36
N MET D 302 -16.21 37.01 -3.28
CA MET D 302 -16.83 35.73 -3.65
CA MET D 302 -16.84 35.69 -3.58
C MET D 302 -18.32 35.91 -3.96
C MET D 302 -18.33 35.85 -3.90
N VAL D 303 -18.83 35.14 -4.92
CA VAL D 303 -20.22 35.27 -5.40
C VAL D 303 -20.80 33.90 -5.77
N GLU D 304 -22.02 33.62 -5.31
CA GLU D 304 -22.72 32.38 -5.65
C GLU D 304 -23.70 32.60 -6.82
N SER D 305 -23.35 32.03 -7.97
CA SER D 305 -23.93 32.38 -9.26
C SER D 305 -24.12 31.11 -10.04
N HIS D 306 -25.22 31.01 -10.79
CA HIS D 306 -25.46 29.86 -11.67
C HIS D 306 -26.17 30.34 -12.92
N LEU D 307 -26.46 29.44 -13.84
CA LEU D 307 -27.18 29.79 -15.06
C LEU D 307 -28.55 30.33 -14.70
N VAL D 308 -29.22 29.66 -13.78
CA VAL D 308 -30.57 30.02 -13.33
C VAL D 308 -30.54 30.35 -11.82
N GLU D 309 -31.34 31.33 -11.42
CA GLU D 309 -31.35 31.77 -10.02
C GLU D 309 -32.11 30.86 -9.05
N GLY D 310 -31.89 31.04 -7.76
CA GLY D 310 -32.67 30.32 -6.77
C GLY D 310 -32.06 28.99 -6.43
N ARG D 311 -32.87 28.07 -5.91
CA ARG D 311 -32.41 26.73 -5.56
C ARG D 311 -33.52 25.75 -5.68
N GLN D 312 -33.20 24.46 -5.57
CA GLN D 312 -34.19 23.40 -5.66
C GLN D 312 -33.70 22.18 -4.85
N ASP D 313 -34.63 21.47 -4.24
CA ASP D 313 -34.29 20.29 -3.47
C ASP D 313 -33.89 19.13 -4.36
N LYS D 314 -34.60 18.96 -5.48
CA LYS D 314 -34.27 17.91 -6.46
C LYS D 314 -33.66 18.52 -7.73
N PRO D 315 -32.76 17.78 -8.40
CA PRO D 315 -32.10 18.31 -9.61
C PRO D 315 -32.97 18.30 -10.88
N GLU D 316 -34.11 18.98 -10.86
CA GLU D 316 -35.07 18.91 -11.94
C GLU D 316 -34.81 19.91 -13.03
N VAL D 317 -34.55 21.15 -12.62
CA VAL D 317 -34.20 22.24 -13.52
C VAL D 317 -32.69 22.30 -13.83
N TYR D 318 -32.37 22.51 -15.10
CA TYR D 318 -30.99 22.59 -15.60
C TYR D 318 -30.35 23.88 -15.13
N GLY D 319 -29.14 23.77 -14.56
CA GLY D 319 -28.34 24.93 -14.17
C GLY D 319 -28.88 25.70 -12.98
N LYS D 320 -29.58 24.99 -12.10
CA LYS D 320 -30.15 25.59 -10.91
C LYS D 320 -29.67 24.86 -9.67
N SER D 321 -29.21 25.60 -8.67
CA SER D 321 -28.52 25.02 -7.52
C SER D 321 -29.36 24.05 -6.71
N ILE D 322 -28.73 22.99 -6.21
CA ILE D 322 -29.40 22.10 -5.23
C ILE D 322 -28.88 22.31 -3.79
N THR D 323 -27.93 23.23 -3.59
CA THR D 323 -27.47 23.62 -2.25
C THR D 323 -27.89 25.10 -2.03
N ASP D 324 -26.97 26.01 -1.67
CA ASP D 324 -27.41 27.40 -1.40
C ASP D 324 -27.96 28.04 -2.68
N ALA D 325 -28.92 28.95 -2.52
CA ALA D 325 -29.50 29.63 -3.68
C ALA D 325 -28.48 30.58 -4.31
N CYS D 326 -28.50 30.65 -5.64
CA CYS D 326 -27.58 31.49 -6.40
C CYS D 326 -28.30 32.55 -7.22
N ILE D 327 -27.58 33.62 -7.54
CA ILE D 327 -28.10 34.55 -8.55
C ILE D 327 -28.00 33.87 -9.91
N GLY D 328 -28.85 34.31 -10.84
CA GLY D 328 -28.86 33.77 -12.20
C GLY D 328 -27.85 34.47 -13.08
N TRP D 329 -27.84 34.11 -14.37
CA TRP D 329 -26.83 34.64 -15.26
C TRP D 329 -26.96 36.16 -15.50
N GLY D 330 -28.18 36.63 -15.60
CA GLY D 330 -28.43 38.05 -15.91
C GLY D 330 -27.90 38.97 -14.83
N ALA D 331 -28.22 38.64 -13.58
CA ALA D 331 -27.71 39.40 -12.45
C ALA D 331 -26.19 39.22 -12.34
N THR D 332 -25.68 38.05 -12.71
CA THR D 332 -24.23 37.85 -12.73
C THR D 332 -23.53 38.88 -13.65
N GLU D 333 -24.08 39.08 -14.85
CA GLU D 333 -23.51 40.07 -15.78
C GLU D 333 -23.46 41.46 -15.13
N GLU D 334 -24.55 41.86 -14.48
CA GLU D 334 -24.62 43.17 -13.85
C GLU D 334 -23.64 43.32 -12.70
N LEU D 335 -23.54 42.28 -11.88
CA LEU D 335 -22.67 42.31 -10.72
C LEU D 335 -21.22 42.46 -11.17
N LEU D 336 -20.81 41.64 -12.13
CA LEU D 336 -19.44 41.73 -12.63
C LEU D 336 -19.14 43.08 -13.27
N ALA D 337 -20.08 43.63 -14.05
CA ALA D 337 -19.86 44.94 -14.69
C ALA D 337 -19.67 46.02 -13.63
N LEU D 338 -20.49 45.94 -12.58
CA LEU D 338 -20.41 46.87 -11.47
C LEU D 338 -19.02 46.82 -10.79
N LEU D 339 -18.53 45.62 -10.47
CA LEU D 339 -17.24 45.51 -9.82
C LEU D 339 -16.08 45.92 -10.73
N ALA D 340 -16.19 45.61 -12.01
CA ALA D 340 -15.15 45.98 -12.96
C ALA D 340 -15.03 47.48 -13.09
N GLY D 341 -16.17 48.18 -13.15
CA GLY D 341 -16.14 49.62 -13.31
C GLY D 341 -15.58 50.31 -12.09
N ALA D 342 -15.95 49.80 -10.93
CA ALA D 342 -15.50 50.37 -9.68
C ALA D 342 -14.00 50.16 -9.51
N ASN D 343 -13.54 48.94 -9.80
CA ASN D 343 -12.13 48.67 -9.64
C ASN D 343 -11.25 49.35 -10.67
N LYS D 344 -11.77 49.54 -11.87
CA LYS D 344 -11.05 50.30 -12.87
C LYS D 344 -10.68 51.69 -12.33
N LYS D 345 -11.61 52.29 -11.58
CA LYS D 345 -11.34 53.58 -10.95
C LYS D 345 -10.30 53.47 -9.84
N ARG D 346 -10.39 52.41 -9.03
CA ARG D 346 -9.40 52.22 -7.96
C ARG D 346 -8.01 52.09 -8.55
N MET D 347 -7.90 51.24 -9.56
CA MET D 347 -6.61 50.98 -10.19
C MET D 347 -6.00 52.21 -10.84
N ALA D 348 -6.84 53.11 -11.32
CA ALA D 348 -6.34 54.34 -11.96
C ALA D 348 -5.77 55.40 -10.99
N ARG D 349 -5.91 55.23 -9.68
CA ARG D 349 -5.47 56.29 -8.74
C ARG D 349 -3.96 56.51 -8.57
#